data_2LWC
# 
_entry.id   2LWC 
# 
_audit_conform.dict_name       mmcif_pdbx.dic 
_audit_conform.dict_version    5.392 
_audit_conform.dict_location   http://mmcif.pdb.org/dictionaries/ascii/mmcif_pdbx.dic 
# 
loop_
_database_2.database_id 
_database_2.database_code 
_database_2.pdbx_database_accession 
_database_2.pdbx_DOI 
PDB   2LWC         pdb_00002lwc 10.2210/pdb2lwc/pdb 
RCSB  RCSB102913   ?            ?                   
BMRB  18619        ?            10.13018/BMR18619   
WWPDB D_1000102913 ?            ?                   
# 
loop_
_pdbx_audit_revision_history.ordinal 
_pdbx_audit_revision_history.data_content_type 
_pdbx_audit_revision_history.major_revision 
_pdbx_audit_revision_history.minor_revision 
_pdbx_audit_revision_history.revision_date 
1 'Structure model' 1 0 2013-08-07 
2 'Structure model' 1 1 2023-06-14 
3 'Structure model' 1 2 2024-05-15 
# 
_pdbx_audit_revision_details.ordinal             1 
_pdbx_audit_revision_details.revision_ordinal    1 
_pdbx_audit_revision_details.data_content_type   'Structure model' 
_pdbx_audit_revision_details.provider            repository 
_pdbx_audit_revision_details.type                'Initial release' 
_pdbx_audit_revision_details.description         ? 
_pdbx_audit_revision_details.details             ? 
# 
loop_
_pdbx_audit_revision_group.ordinal 
_pdbx_audit_revision_group.revision_ordinal 
_pdbx_audit_revision_group.data_content_type 
_pdbx_audit_revision_group.group 
1 2 'Structure model' 'Data collection'     
2 2 'Structure model' 'Database references' 
3 2 'Structure model' Other                 
4 3 'Structure model' 'Data collection'     
5 3 'Structure model' 'Database references' 
# 
loop_
_pdbx_audit_revision_category.ordinal 
_pdbx_audit_revision_category.revision_ordinal 
_pdbx_audit_revision_category.data_content_type 
_pdbx_audit_revision_category.category 
1 2 'Structure model' database_2            
2 2 'Structure model' pdbx_database_status  
3 2 'Structure model' pdbx_nmr_software     
4 2 'Structure model' pdbx_nmr_spectrometer 
5 3 'Structure model' chem_comp_atom        
6 3 'Structure model' chem_comp_bond        
7 3 'Structure model' database_2            
# 
loop_
_pdbx_audit_revision_item.ordinal 
_pdbx_audit_revision_item.revision_ordinal 
_pdbx_audit_revision_item.data_content_type 
_pdbx_audit_revision_item.item 
1 2 'Structure model' '_database_2.pdbx_DOI'                       
2 2 'Structure model' '_database_2.pdbx_database_accession'        
3 2 'Structure model' '_pdbx_database_status.status_code_nmr_data' 
4 2 'Structure model' '_pdbx_nmr_software.name'                    
5 2 'Structure model' '_pdbx_nmr_spectrometer.model'               
6 3 'Structure model' '_database_2.pdbx_DOI'                       
# 
_pdbx_database_status.deposit_site                    BMRB 
_pdbx_database_status.entry_id                        2LWC 
_pdbx_database_status.process_site                    RCSB 
_pdbx_database_status.recvd_initial_deposition_date   2012-07-27 
_pdbx_database_status.SG_entry                        ? 
_pdbx_database_status.status_code                     REL 
_pdbx_database_status.status_code_mr                  REL 
_pdbx_database_status.status_code_sf                  ? 
_pdbx_database_status.status_code_cs                  REL 
_pdbx_database_status.methods_development_category    ? 
_pdbx_database_status.pdb_format_compatible           Y 
_pdbx_database_status.status_code_nmr_data            REL 
# 
_pdbx_database_related.db_id          18619 
_pdbx_database_related.db_name        BMRB 
_pdbx_database_related.content_type   unspecified 
_pdbx_database_related.details        . 
# 
_audit_author.name           'Mouret, L.' 
_audit_author.pdbx_ordinal   1 
# 
_citation.id                        primary 
_citation.title                     'Menk in DMPC SUV' 
_citation.journal_abbrev            'To be Published' 
_citation.journal_volume            ? 
_citation.page_first                ? 
_citation.page_last                 ? 
_citation.year                      ? 
_citation.journal_id_ASTM           ? 
_citation.country                   ? 
_citation.journal_id_ISSN           ? 
_citation.journal_id_CSD            0353 
_citation.book_publisher            ? 
_citation.pdbx_database_id_PubMed   ? 
_citation.pdbx_database_id_DOI      ? 
# 
_citation_author.citation_id        primary 
_citation_author.name               'Mouret, L.' 
_citation_author.ordinal            1 
_citation_author.identifier_ORCID   ? 
# 
_entity.id                         1 
_entity.type                       polymer 
_entity.src_method                 syn 
_entity.pdbx_description           Met-enkephalin 
_entity.formula_weight             573.662 
_entity.pdbx_number_of_molecules   1 
_entity.pdbx_ec                    ? 
_entity.pdbx_mutation              ? 
_entity.pdbx_fragment              ? 
_entity.details                    ? 
# 
_entity_poly.entity_id                      1 
_entity_poly.type                           'polypeptide(L)' 
_entity_poly.nstd_linkage                   no 
_entity_poly.nstd_monomer                   no 
_entity_poly.pdbx_seq_one_letter_code       YGGFM 
_entity_poly.pdbx_seq_one_letter_code_can   YGGFM 
_entity_poly.pdbx_strand_id                 A 
_entity_poly.pdbx_target_identifier         ? 
# 
loop_
_entity_poly_seq.entity_id 
_entity_poly_seq.num 
_entity_poly_seq.mon_id 
_entity_poly_seq.hetero 
1 1 TYR n 
1 2 GLY n 
1 3 GLY n 
1 4 PHE n 
1 5 MET n 
# 
_pdbx_entity_src_syn.entity_id              1 
_pdbx_entity_src_syn.pdbx_src_id            1 
_pdbx_entity_src_syn.pdbx_alt_source_flag   sample 
_pdbx_entity_src_syn.pdbx_beg_seq_num       ? 
_pdbx_entity_src_syn.pdbx_end_seq_num       ? 
_pdbx_entity_src_syn.organism_scientific    'Homo sapiens' 
_pdbx_entity_src_syn.organism_common_name   human 
_pdbx_entity_src_syn.ncbi_taxonomy_id       9606 
_pdbx_entity_src_syn.details                ? 
# 
loop_
_chem_comp.id 
_chem_comp.type 
_chem_comp.mon_nstd_flag 
_chem_comp.name 
_chem_comp.pdbx_synonyms 
_chem_comp.formula 
_chem_comp.formula_weight 
GLY 'peptide linking'   y GLYCINE       ? 'C2 H5 N O2'    75.067  
MET 'L-peptide linking' y METHIONINE    ? 'C5 H11 N O2 S' 149.211 
PHE 'L-peptide linking' y PHENYLALANINE ? 'C9 H11 N O2'   165.189 
TYR 'L-peptide linking' y TYROSINE      ? 'C9 H11 N O3'   181.189 
# 
loop_
_pdbx_poly_seq_scheme.asym_id 
_pdbx_poly_seq_scheme.entity_id 
_pdbx_poly_seq_scheme.seq_id 
_pdbx_poly_seq_scheme.mon_id 
_pdbx_poly_seq_scheme.ndb_seq_num 
_pdbx_poly_seq_scheme.pdb_seq_num 
_pdbx_poly_seq_scheme.auth_seq_num 
_pdbx_poly_seq_scheme.pdb_mon_id 
_pdbx_poly_seq_scheme.auth_mon_id 
_pdbx_poly_seq_scheme.pdb_strand_id 
_pdbx_poly_seq_scheme.pdb_ins_code 
_pdbx_poly_seq_scheme.hetero 
A 1 1 TYR 1 1 1 TYR TYR A . n 
A 1 2 GLY 2 2 2 GLY GLY A . n 
A 1 3 GLY 3 3 3 GLY GLY A . n 
A 1 4 PHE 4 4 4 PHE PHE A . n 
A 1 5 MET 5 5 5 MET MET A . n 
# 
_cell.entry_id           2LWC 
_cell.length_a           1.000 
_cell.length_b           1.000 
_cell.length_c           1.000 
_cell.angle_alpha        90.00 
_cell.angle_beta         90.00 
_cell.angle_gamma        90.00 
_cell.Z_PDB              1 
_cell.pdbx_unique_axis   ? 
# 
_symmetry.entry_id                         2LWC 
_symmetry.space_group_name_H-M             'P 1' 
_symmetry.pdbx_full_space_group_name_H-M   ? 
_symmetry.cell_setting                     ? 
_symmetry.Int_Tables_number                1 
# 
_exptl.absorpt_coefficient_mu     ? 
_exptl.absorpt_correction_T_max   ? 
_exptl.absorpt_correction_T_min   ? 
_exptl.absorpt_correction_type    ? 
_exptl.absorpt_process_details    ? 
_exptl.crystals_number            ? 
_exptl.details                    ? 
_exptl.entry_id                   2LWC 
_exptl.method                     'SOLUTION NMR' 
_exptl.method_details             ? 
# 
_struct.entry_id                  2LWC 
_struct.title                     'Met-enkephalin in DPMC SUV' 
_struct.pdbx_model_details        ? 
_struct.pdbx_CASP_flag            ? 
_struct.pdbx_model_type_details   ? 
# 
_struct_keywords.entry_id        2LWC 
_struct_keywords.pdbx_keywords   NEUROPEPTIDE 
_struct_keywords.text            'SUV DMPC, NEUROPEPTIDE' 
# 
_struct_asym.id                            A 
_struct_asym.pdbx_blank_PDB_chainid_flag   N 
_struct_asym.pdbx_modified                 N 
_struct_asym.entity_id                     1 
_struct_asym.details                       ? 
# 
_struct_ref.id                         1 
_struct_ref.db_name                    UNP 
_struct_ref.db_code                    PENK_HUMAN 
_struct_ref.pdbx_db_accession          P01210 
_struct_ref.entity_id                  1 
_struct_ref.pdbx_seq_one_letter_code   YGGFM 
_struct_ref.pdbx_align_begin           100 
_struct_ref.pdbx_db_isoform            ? 
# 
_struct_ref_seq.align_id                      1 
_struct_ref_seq.ref_id                        1 
_struct_ref_seq.pdbx_PDB_id_code              2LWC 
_struct_ref_seq.pdbx_strand_id                A 
_struct_ref_seq.seq_align_beg                 1 
_struct_ref_seq.pdbx_seq_align_beg_ins_code   ? 
_struct_ref_seq.seq_align_end                 5 
_struct_ref_seq.pdbx_seq_align_end_ins_code   ? 
_struct_ref_seq.pdbx_db_accession             P01210 
_struct_ref_seq.db_align_beg                  100 
_struct_ref_seq.pdbx_db_align_beg_ins_code    ? 
_struct_ref_seq.db_align_end                  104 
_struct_ref_seq.pdbx_db_align_end_ins_code    ? 
_struct_ref_seq.pdbx_auth_seq_align_beg       1 
_struct_ref_seq.pdbx_auth_seq_align_end       5 
# 
_pdbx_struct_assembly.id                   1 
_pdbx_struct_assembly.details              author_defined_assembly 
_pdbx_struct_assembly.method_details       ? 
_pdbx_struct_assembly.oligomeric_details   monomeric 
_pdbx_struct_assembly.oligomeric_count     1 
# 
_pdbx_struct_assembly_gen.assembly_id       1 
_pdbx_struct_assembly_gen.oper_expression   1 
_pdbx_struct_assembly_gen.asym_id_list      A 
# 
_pdbx_struct_oper_list.id                   1 
_pdbx_struct_oper_list.type                 'identity operation' 
_pdbx_struct_oper_list.name                 1_555 
_pdbx_struct_oper_list.symmetry_operation   x,y,z 
_pdbx_struct_oper_list.matrix[1][1]         1.0000000000 
_pdbx_struct_oper_list.matrix[1][2]         0.0000000000 
_pdbx_struct_oper_list.matrix[1][3]         0.0000000000 
_pdbx_struct_oper_list.vector[1]            0.0000000000 
_pdbx_struct_oper_list.matrix[2][1]         0.0000000000 
_pdbx_struct_oper_list.matrix[2][2]         1.0000000000 
_pdbx_struct_oper_list.matrix[2][3]         0.0000000000 
_pdbx_struct_oper_list.vector[2]            0.0000000000 
_pdbx_struct_oper_list.matrix[3][1]         0.0000000000 
_pdbx_struct_oper_list.matrix[3][2]         0.0000000000 
_pdbx_struct_oper_list.matrix[3][3]         1.0000000000 
_pdbx_struct_oper_list.vector[3]            0.0000000000 
# 
_struct_biol.id        1 
_struct_biol.details   ? 
# 
loop_
_pdbx_validate_torsion.id 
_pdbx_validate_torsion.PDB_model_num 
_pdbx_validate_torsion.auth_comp_id 
_pdbx_validate_torsion.auth_asym_id 
_pdbx_validate_torsion.auth_seq_id 
_pdbx_validate_torsion.PDB_ins_code 
_pdbx_validate_torsion.label_alt_id 
_pdbx_validate_torsion.phi 
_pdbx_validate_torsion.psi 
1 4  PHE A 4 ? ? -131.00 -43.38 
2 16 PHE A 4 ? ? -131.27 -38.73 
# 
_pdbx_nmr_ensemble.average_constraint_violations_per_residue     ? 
_pdbx_nmr_ensemble.average_constraints_per_residue               ? 
_pdbx_nmr_ensemble.average_distance_constraint_violation         ? 
_pdbx_nmr_ensemble.average_torsion_angle_constraint_violation    ? 
_pdbx_nmr_ensemble.conformer_selection_criteria                  'target function' 
_pdbx_nmr_ensemble.conformers_calculated_total_number            100 
_pdbx_nmr_ensemble.conformers_submitted_total_number             20 
_pdbx_nmr_ensemble.distance_constraint_violation_method          ? 
_pdbx_nmr_ensemble.entry_id                                      2LWC 
_pdbx_nmr_ensemble.maximum_distance_constraint_violation         ? 
_pdbx_nmr_ensemble.maximum_lower_distance_constraint_violation   ? 
_pdbx_nmr_ensemble.maximum_torsion_angle_constraint_violation    ? 
_pdbx_nmr_ensemble.maximum_upper_distance_constraint_violation   ? 
_pdbx_nmr_ensemble.torsion_angle_constraint_violation_method     ? 
# 
_pdbx_nmr_representative.conformer_id         1 
_pdbx_nmr_representative.entry_id             2LWC 
_pdbx_nmr_representative.selection_criteria   'closest to the average' 
# 
_pdbx_nmr_sample_details.contents         '0.5 mM menk, 90% H2O/10% D2O' 
_pdbx_nmr_sample_details.solution_id      1 
_pdbx_nmr_sample_details.solvent_system   '90% H2O/10% D2O' 
# 
_pdbx_nmr_exptl_sample.component             menk-1 
_pdbx_nmr_exptl_sample.concentration         0.5 
_pdbx_nmr_exptl_sample.concentration_range   ? 
_pdbx_nmr_exptl_sample.concentration_units   mM 
_pdbx_nmr_exptl_sample.isotopic_labeling     ? 
_pdbx_nmr_exptl_sample.solution_id           1 
# 
_pdbx_nmr_exptl_sample_conditions.conditions_id       1 
_pdbx_nmr_exptl_sample_conditions.ionic_strength      0 
_pdbx_nmr_exptl_sample_conditions.pH                  3.0 
_pdbx_nmr_exptl_sample_conditions.pressure            ambient 
_pdbx_nmr_exptl_sample_conditions.pressure_units      ? 
_pdbx_nmr_exptl_sample_conditions.temperature         303 
_pdbx_nmr_exptl_sample_conditions.temperature_units   K 
# 
loop_
_pdbx_nmr_exptl.conditions_id 
_pdbx_nmr_exptl.experiment_id 
_pdbx_nmr_exptl.solution_id 
_pdbx_nmr_exptl.type 
1 1 1 '2D 1H-1H NOESY' 
1 2 1 '2D 1H-1H COSY'  
1 3 1 '2D 1H-1H TOCSY' 
# 
_pdbx_nmr_refine.entry_id           2LWC 
_pdbx_nmr_refine.method             'DGSA-distance geometry simulated annealing' 
_pdbx_nmr_refine.details            ? 
_pdbx_nmr_refine.software_ordinal   1 
# 
_pdbx_nmr_software.authors          'Brunger, Adams, Clore, Gros, Nilges and Read' 
_pdbx_nmr_software.classification   refinement 
_pdbx_nmr_software.name             CNS 
_pdbx_nmr_software.version          ? 
_pdbx_nmr_software.ordinal          1 
# 
loop_
_chem_comp_atom.comp_id 
_chem_comp_atom.atom_id 
_chem_comp_atom.type_symbol 
_chem_comp_atom.pdbx_aromatic_flag 
_chem_comp_atom.pdbx_stereo_config 
_chem_comp_atom.pdbx_ordinal 
GLY N   N N N 1  
GLY CA  C N N 2  
GLY C   C N N 3  
GLY O   O N N 4  
GLY OXT O N N 5  
GLY H   H N N 6  
GLY H2  H N N 7  
GLY HA2 H N N 8  
GLY HA3 H N N 9  
GLY HXT H N N 10 
MET N   N N N 11 
MET CA  C N S 12 
MET C   C N N 13 
MET O   O N N 14 
MET CB  C N N 15 
MET CG  C N N 16 
MET SD  S N N 17 
MET CE  C N N 18 
MET OXT O N N 19 
MET H   H N N 20 
MET H2  H N N 21 
MET HA  H N N 22 
MET HB2 H N N 23 
MET HB3 H N N 24 
MET HG2 H N N 25 
MET HG3 H N N 26 
MET HE1 H N N 27 
MET HE2 H N N 28 
MET HE3 H N N 29 
MET HXT H N N 30 
PHE N   N N N 31 
PHE CA  C N S 32 
PHE C   C N N 33 
PHE O   O N N 34 
PHE CB  C N N 35 
PHE CG  C Y N 36 
PHE CD1 C Y N 37 
PHE CD2 C Y N 38 
PHE CE1 C Y N 39 
PHE CE2 C Y N 40 
PHE CZ  C Y N 41 
PHE OXT O N N 42 
PHE H   H N N 43 
PHE H2  H N N 44 
PHE HA  H N N 45 
PHE HB2 H N N 46 
PHE HB3 H N N 47 
PHE HD1 H N N 48 
PHE HD2 H N N 49 
PHE HE1 H N N 50 
PHE HE2 H N N 51 
PHE HZ  H N N 52 
PHE HXT H N N 53 
TYR N   N N N 54 
TYR CA  C N S 55 
TYR C   C N N 56 
TYR O   O N N 57 
TYR CB  C N N 58 
TYR CG  C Y N 59 
TYR CD1 C Y N 60 
TYR CD2 C Y N 61 
TYR CE1 C Y N 62 
TYR CE2 C Y N 63 
TYR CZ  C Y N 64 
TYR OH  O N N 65 
TYR OXT O N N 66 
TYR H   H N N 67 
TYR H2  H N N 68 
TYR HA  H N N 69 
TYR HB2 H N N 70 
TYR HB3 H N N 71 
TYR HD1 H N N 72 
TYR HD2 H N N 73 
TYR HE1 H N N 74 
TYR HE2 H N N 75 
TYR HH  H N N 76 
TYR HXT H N N 77 
# 
loop_
_chem_comp_bond.comp_id 
_chem_comp_bond.atom_id_1 
_chem_comp_bond.atom_id_2 
_chem_comp_bond.value_order 
_chem_comp_bond.pdbx_aromatic_flag 
_chem_comp_bond.pdbx_stereo_config 
_chem_comp_bond.pdbx_ordinal 
GLY N   CA  sing N N 1  
GLY N   H   sing N N 2  
GLY N   H2  sing N N 3  
GLY CA  C   sing N N 4  
GLY CA  HA2 sing N N 5  
GLY CA  HA3 sing N N 6  
GLY C   O   doub N N 7  
GLY C   OXT sing N N 8  
GLY OXT HXT sing N N 9  
MET N   CA  sing N N 10 
MET N   H   sing N N 11 
MET N   H2  sing N N 12 
MET CA  C   sing N N 13 
MET CA  CB  sing N N 14 
MET CA  HA  sing N N 15 
MET C   O   doub N N 16 
MET C   OXT sing N N 17 
MET CB  CG  sing N N 18 
MET CB  HB2 sing N N 19 
MET CB  HB3 sing N N 20 
MET CG  SD  sing N N 21 
MET CG  HG2 sing N N 22 
MET CG  HG3 sing N N 23 
MET SD  CE  sing N N 24 
MET CE  HE1 sing N N 25 
MET CE  HE2 sing N N 26 
MET CE  HE3 sing N N 27 
MET OXT HXT sing N N 28 
PHE N   CA  sing N N 29 
PHE N   H   sing N N 30 
PHE N   H2  sing N N 31 
PHE CA  C   sing N N 32 
PHE CA  CB  sing N N 33 
PHE CA  HA  sing N N 34 
PHE C   O   doub N N 35 
PHE C   OXT sing N N 36 
PHE CB  CG  sing N N 37 
PHE CB  HB2 sing N N 38 
PHE CB  HB3 sing N N 39 
PHE CG  CD1 doub Y N 40 
PHE CG  CD2 sing Y N 41 
PHE CD1 CE1 sing Y N 42 
PHE CD1 HD1 sing N N 43 
PHE CD2 CE2 doub Y N 44 
PHE CD2 HD2 sing N N 45 
PHE CE1 CZ  doub Y N 46 
PHE CE1 HE1 sing N N 47 
PHE CE2 CZ  sing Y N 48 
PHE CE2 HE2 sing N N 49 
PHE CZ  HZ  sing N N 50 
PHE OXT HXT sing N N 51 
TYR N   CA  sing N N 52 
TYR N   H   sing N N 53 
TYR N   H2  sing N N 54 
TYR CA  C   sing N N 55 
TYR CA  CB  sing N N 56 
TYR CA  HA  sing N N 57 
TYR C   O   doub N N 58 
TYR C   OXT sing N N 59 
TYR CB  CG  sing N N 60 
TYR CB  HB2 sing N N 61 
TYR CB  HB3 sing N N 62 
TYR CG  CD1 doub Y N 63 
TYR CG  CD2 sing Y N 64 
TYR CD1 CE1 sing Y N 65 
TYR CD1 HD1 sing N N 66 
TYR CD2 CE2 doub Y N 67 
TYR CD2 HD2 sing N N 68 
TYR CE1 CZ  doub Y N 69 
TYR CE1 HE1 sing N N 70 
TYR CE2 CZ  sing Y N 71 
TYR CE2 HE2 sing N N 72 
TYR CZ  OH  sing N N 73 
TYR OH  HH  sing N N 74 
TYR OXT HXT sing N N 75 
# 
_pdbx_nmr_spectrometer.field_strength    500 
_pdbx_nmr_spectrometer.manufacturer      Bruker 
_pdbx_nmr_spectrometer.model             AVANCE 
_pdbx_nmr_spectrometer.spectrometer_id   1 
_pdbx_nmr_spectrometer.type              'Bruker Avance' 
# 
_atom_sites.entry_id                    2LWC 
_atom_sites.fract_transf_matrix[1][1]   1.000000 
_atom_sites.fract_transf_matrix[1][2]   0.000000 
_atom_sites.fract_transf_matrix[1][3]   0.000000 
_atom_sites.fract_transf_matrix[2][1]   0.000000 
_atom_sites.fract_transf_matrix[2][2]   1.000000 
_atom_sites.fract_transf_matrix[2][3]   0.000000 
_atom_sites.fract_transf_matrix[3][1]   0.000000 
_atom_sites.fract_transf_matrix[3][2]   0.000000 
_atom_sites.fract_transf_matrix[3][3]   1.000000 
_atom_sites.fract_transf_vector[1]      0.00000 
_atom_sites.fract_transf_vector[2]      0.00000 
_atom_sites.fract_transf_vector[3]      0.00000 
# 
loop_
_atom_type.symbol 
C 
H 
N 
O 
S 
# 
loop_
_atom_site.group_PDB 
_atom_site.id 
_atom_site.type_symbol 
_atom_site.label_atom_id 
_atom_site.label_alt_id 
_atom_site.label_comp_id 
_atom_site.label_asym_id 
_atom_site.label_entity_id 
_atom_site.label_seq_id 
_atom_site.pdbx_PDB_ins_code 
_atom_site.Cartn_x 
_atom_site.Cartn_y 
_atom_site.Cartn_z 
_atom_site.occupancy 
_atom_site.B_iso_or_equiv 
_atom_site.pdbx_formal_charge 
_atom_site.auth_seq_id 
_atom_site.auth_comp_id 
_atom_site.auth_asym_id 
_atom_site.auth_atom_id 
_atom_site.pdbx_PDB_model_num 
ATOM 1    N N   . TYR A 1 1 ? -2.274 -3.543 -2.236 1.00 1.00 ? 1 TYR A N   1  
ATOM 2    C CA  . TYR A 1 1 ? -0.845 -3.707 -1.843 1.00 1.00 ? 1 TYR A CA  1  
ATOM 3    C C   . TYR A 1 1 ? -0.516 -2.804 -0.652 1.00 1.00 ? 1 TYR A C   1  
ATOM 4    O O   . TYR A 1 1 ? -1.324 -2.005 -0.225 1.00 1.00 ? 1 TYR A O   1  
ATOM 5    C CB  . TYR A 1 1 ? -0.045 -3.282 -3.075 1.00 1.00 ? 1 TYR A CB  1  
ATOM 6    C CG  . TYR A 1 1 ? 1.415  -3.604 -2.861 1.00 1.00 ? 1 TYR A CG  1  
ATOM 7    C CD1 . TYR A 1 1 ? 1.791  -4.861 -2.374 1.00 1.00 ? 1 TYR A CD1 1  
ATOM 8    C CD2 . TYR A 1 1 ? 2.393  -2.643 -3.150 1.00 1.00 ? 1 TYR A CD2 1  
ATOM 9    C CE1 . TYR A 1 1 ? 3.144  -5.158 -2.177 1.00 1.00 ? 1 TYR A CE1 1  
ATOM 10   C CE2 . TYR A 1 1 ? 3.746  -2.940 -2.951 1.00 1.00 ? 1 TYR A CE2 1  
ATOM 11   C CZ  . TYR A 1 1 ? 4.123  -4.198 -2.465 1.00 1.00 ? 1 TYR A CZ  1  
ATOM 12   O OH  . TYR A 1 1 ? 5.456  -4.491 -2.268 1.00 1.00 ? 1 TYR A OH  1  
ATOM 13   H H1  . TYR A 1 1 ? -2.577 -4.362 -2.801 1.00 1.00 ? 1 TYR A H1  1  
ATOM 14   H HA  . TYR A 1 1 ? -0.636 -4.738 -1.605 1.00 1.00 ? 1 TYR A HA  1  
ATOM 15   H HB2 . TYR A 1 1 ? -0.408 -3.815 -3.942 1.00 1.00 ? 1 TYR A HB2 1  
ATOM 16   H HB3 . TYR A 1 1 ? -0.160 -2.220 -3.231 1.00 1.00 ? 1 TYR A HB3 1  
ATOM 17   H HD1 . TYR A 1 1 ? 1.038  -5.602 -2.153 1.00 1.00 ? 1 TYR A HD1 1  
ATOM 18   H HD2 . TYR A 1 1 ? 2.102  -1.674 -3.525 1.00 1.00 ? 1 TYR A HD2 1  
ATOM 19   H HE1 . TYR A 1 1 ? 3.435  -6.128 -1.801 1.00 1.00 ? 1 TYR A HE1 1  
ATOM 20   H HE2 . TYR A 1 1 ? 4.499  -2.200 -3.173 1.00 1.00 ? 1 TYR A HE2 1  
ATOM 21   H HH  . TYR A 1 1 ? 5.921  -3.667 -2.116 1.00 1.00 ? 1 TYR A HH  1  
ATOM 22   N N   . GLY A 1 2 ? 0.667  -2.926 -0.112 1.00 1.00 ? 2 GLY A N   1  
ATOM 23   C CA  . GLY A 1 2 ? 1.047  -2.075 1.050  1.00 1.00 ? 2 GLY A CA  1  
ATOM 24   C C   . GLY A 1 2 ? 1.956  -0.940 0.577  1.00 1.00 ? 2 GLY A C   1  
ATOM 25   O O   . GLY A 1 2 ? 2.896  -0.562 1.248  1.00 1.00 ? 2 GLY A O   1  
ATOM 26   H H   . GLY A 1 2 ? 1.305  -3.577 -0.473 1.00 1.00 ? 2 GLY A H   1  
ATOM 27   H HA2 . GLY A 1 2 ? 0.156  -1.660 1.500  1.00 1.00 ? 2 GLY A HA2 1  
ATOM 28   H HA3 . GLY A 1 2 ? 1.574  -2.673 1.778  1.00 1.00 ? 2 GLY A HA3 1  
ATOM 29   N N   . GLY A 1 3 ? 1.685  -0.391 -0.576 1.00 1.00 ? 3 GLY A N   1  
ATOM 30   C CA  . GLY A 1 3 ? 2.535  0.719  -1.092 1.00 1.00 ? 3 GLY A CA  1  
ATOM 31   C C   . GLY A 1 3 ? 1.807  2.050  -0.902 1.00 1.00 ? 3 GLY A C   1  
ATOM 32   O O   . GLY A 1 3 ? 2.418  3.097  -0.829 1.00 1.00 ? 3 GLY A O   1  
ATOM 33   H H   . GLY A 1 3 ? 0.923  -0.710 -1.102 1.00 1.00 ? 3 GLY A H   1  
ATOM 34   H HA2 . GLY A 1 3 ? 3.470  0.737  -0.551 1.00 1.00 ? 3 GLY A HA2 1  
ATOM 35   H HA3 . GLY A 1 3 ? 2.729  0.566  -2.143 1.00 1.00 ? 3 GLY A HA3 1  
ATOM 36   N N   . PHE A 1 4 ? 0.504  2.019  -0.823 1.00 1.00 ? 4 PHE A N   1  
ATOM 37   C CA  . PHE A 1 4 ? -0.261 3.281  -0.638 1.00 1.00 ? 4 PHE A CA  1  
ATOM 38   C C   . PHE A 1 4 ? -1.022 3.249  0.690  1.00 1.00 ? 4 PHE A C   1  
ATOM 39   O O   . PHE A 1 4 ? -1.306 4.274  1.278  1.00 1.00 ? 4 PHE A O   1  
ATOM 40   C CB  . PHE A 1 4 ? -1.238 3.326  -1.814 1.00 1.00 ? 4 PHE A CB  1  
ATOM 41   C CG  . PHE A 1 4 ? -1.966 2.007  -1.913 1.00 1.00 ? 4 PHE A CG  1  
ATOM 42   C CD1 . PHE A 1 4 ? -3.114 1.782  -1.145 1.00 1.00 ? 4 PHE A CD1 1  
ATOM 43   C CD2 . PHE A 1 4 ? -1.491 1.008  -2.772 1.00 1.00 ? 4 PHE A CD2 1  
ATOM 44   C CE1 . PHE A 1 4 ? -3.788 0.560  -1.234 1.00 1.00 ? 4 PHE A CE1 1  
ATOM 45   C CE2 . PHE A 1 4 ? -2.166 -0.216 -2.862 1.00 1.00 ? 4 PHE A CE2 1  
ATOM 46   C CZ  . PHE A 1 4 ? -3.315 -0.440 -2.093 1.00 1.00 ? 4 PHE A CZ  1  
ATOM 47   H H   . PHE A 1 4 ? 0.031  1.167  -0.884 1.00 1.00 ? 4 PHE A H   1  
ATOM 48   H HA  . PHE A 1 4 ? 0.400  4.126  -0.676 1.00 1.00 ? 4 PHE A HA  1  
ATOM 49   H HB2 . PHE A 1 4 ? -1.952 4.121  -1.659 1.00 1.00 ? 4 PHE A HB2 1  
ATOM 50   H HB3 . PHE A 1 4 ? -0.692 3.504  -2.730 1.00 1.00 ? 4 PHE A HB3 1  
ATOM 51   H HD1 . PHE A 1 4 ? -3.480 2.554  -0.483 1.00 1.00 ? 4 PHE A HD1 1  
ATOM 52   H HD2 . PHE A 1 4 ? -0.605 1.181  -3.365 1.00 1.00 ? 4 PHE A HD2 1  
ATOM 53   H HE1 . PHE A 1 4 ? -4.675 0.385  -0.641 1.00 1.00 ? 4 PHE A HE1 1  
ATOM 54   H HE2 . PHE A 1 4 ? -1.800 -0.987 -3.525 1.00 1.00 ? 4 PHE A HE2 1  
ATOM 55   H HZ  . PHE A 1 4 ? -3.835 -1.384 -2.162 1.00 1.00 ? 4 PHE A HZ  1  
ATOM 56   N N   . MET A 1 5 ? -1.352 2.080  1.166  1.00 1.00 ? 5 MET A N   1  
ATOM 57   C CA  . MET A 1 5 ? -2.094 1.983  2.456  1.00 1.00 ? 5 MET A CA  1  
ATOM 58   C C   . MET A 1 5 ? -1.376 2.788  3.542  1.00 1.00 ? 5 MET A C   1  
ATOM 59   O O   . MET A 1 5 ? -2.055 3.296  4.420  1.00 1.00 ? 5 MET A O   1  
ATOM 60   C CB  . MET A 1 5 ? -2.092 0.494  2.803  1.00 1.00 ? 5 MET A CB  1  
ATOM 61   C CG  . MET A 1 5 ? -3.174 -0.221 1.993  1.00 1.00 ? 5 MET A CG  1  
ATOM 62   S SD  . MET A 1 5 ? -3.752 -1.672 2.907  1.00 1.00 ? 5 MET A SD  1  
ATOM 63   C CE  . MET A 1 5 ? -3.994 -2.756 1.479  1.00 1.00 ? 5 MET A CE  1  
ATOM 64   O OXT . MET A 1 5 ? -0.162 2.884  3.477  1.00 1.00 ? 5 MET A OXT 1  
ATOM 65   H H   . MET A 1 5 ? -1.114 1.266  0.677  1.00 1.00 ? 5 MET A H   1  
ATOM 66   H HA  . MET A 1 5 ? -3.108 2.331  2.336  1.00 1.00 ? 5 MET A HA  1  
ATOM 67   H HB2 . MET A 1 5 ? -1.124 0.071  2.566  1.00 1.00 ? 5 MET A HB2 1  
ATOM 68   H HB3 . MET A 1 5 ? -2.291 0.369  3.856  1.00 1.00 ? 5 MET A HB3 1  
ATOM 69   H HG2 . MET A 1 5 ? -4.002 0.453  1.825  1.00 1.00 ? 5 MET A HG2 1  
ATOM 70   H HG3 . MET A 1 5 ? -2.767 -0.533 1.043  1.00 1.00 ? 5 MET A HG3 1  
ATOM 71   H HE1 . MET A 1 5 ? -3.112 -2.729 0.854  1.00 1.00 ? 5 MET A HE1 1  
ATOM 72   H HE2 . MET A 1 5 ? -4.845 -2.419 0.909  1.00 1.00 ? 5 MET A HE2 1  
ATOM 73   H HE3 . MET A 1 5 ? -4.169 -3.766 1.820  1.00 1.00 ? 5 MET A HE3 1  
ATOM 74   N N   . TYR A 1 1 ? -1.809 -4.150 -2.424 1.00 1.00 ? 1 TYR A N   2  
ATOM 75   C CA  . TYR A 1 1 ? -0.410 -4.040 -1.919 1.00 1.00 ? 1 TYR A CA  2  
ATOM 76   C C   . TYR A 1 1 ? -0.340 -3.031 -0.770 1.00 1.00 ? 1 TYR A C   2  
ATOM 77   O O   . TYR A 1 1 ? -1.293 -2.334 -0.484 1.00 1.00 ? 1 TYR A O   2  
ATOM 78   C CB  . TYR A 1 1 ? 0.405  -3.550 -3.114 1.00 1.00 ? 1 TYR A CB  2  
ATOM 79   C CG  . TYR A 1 1 ? 1.870  -3.524 -2.750 1.00 1.00 ? 1 TYR A CG  2  
ATOM 80   C CD1 . TYR A 1 1 ? 2.528  -4.711 -2.406 1.00 1.00 ? 1 TYR A CD1 2  
ATOM 81   C CD2 . TYR A 1 1 ? 2.571  -2.311 -2.754 1.00 1.00 ? 1 TYR A CD2 2  
ATOM 82   C CE1 . TYR A 1 1 ? 3.886  -4.686 -2.068 1.00 1.00 ? 1 TYR A CE1 2  
ATOM 83   C CE2 . TYR A 1 1 ? 3.929  -2.287 -2.415 1.00 1.00 ? 1 TYR A CE2 2  
ATOM 84   C CZ  . TYR A 1 1 ? 4.587  -3.474 -2.071 1.00 1.00 ? 1 TYR A CZ  2  
ATOM 85   O OH  . TYR A 1 1 ? 5.925  -3.450 -1.738 1.00 1.00 ? 1 TYR A OH  2  
ATOM 86   H H1  . TYR A 1 1 ? -1.991 -5.125 -2.734 1.00 1.00 ? 1 TYR A H1  2  
ATOM 87   H HA  . TYR A 1 1 ? -0.049 -5.005 -1.597 1.00 1.00 ? 1 TYR A HA  2  
ATOM 88   H HB2 . TYR A 1 1 ? 0.254  -4.219 -3.952 1.00 1.00 ? 1 TYR A HB2 2  
ATOM 89   H HB3 . TYR A 1 1 ? 0.085  -2.555 -3.386 1.00 1.00 ? 1 TYR A HB3 2  
ATOM 90   H HD1 . TYR A 1 1 ? 1.987  -5.645 -2.404 1.00 1.00 ? 1 TYR A HD1 2  
ATOM 91   H HD2 . TYR A 1 1 ? 2.063  -1.396 -3.018 1.00 1.00 ? 1 TYR A HD2 2  
ATOM 92   H HE1 . TYR A 1 1 ? 4.393  -5.602 -1.803 1.00 1.00 ? 1 TYR A HE1 2  
ATOM 93   H HE2 . TYR A 1 1 ? 4.469  -1.351 -2.418 1.00 1.00 ? 1 TYR A HE2 2  
ATOM 94   H HH  . TYR A 1 1 ? 6.397  -4.009 -2.358 1.00 1.00 ? 1 TYR A HH  2  
ATOM 95   N N   . GLY A 1 2 ? 0.783  -2.948 -0.110 1.00 1.00 ? 2 GLY A N   2  
ATOM 96   C CA  . GLY A 1 2 ? 0.914  -1.983 1.019  1.00 1.00 ? 2 GLY A CA  2  
ATOM 97   C C   . GLY A 1 2 ? 1.818  -0.823 0.599  1.00 1.00 ? 2 GLY A C   2  
ATOM 98   O O   . GLY A 1 2 ? 2.588  -0.308 1.385  1.00 1.00 ? 2 GLY A O   2  
ATOM 99   H H   . GLY A 1 2 ? 1.541  -3.518 -0.356 1.00 1.00 ? 2 GLY A H   2  
ATOM 100  H HA2 . GLY A 1 2 ? -0.064 -1.602 1.281  1.00 1.00 ? 2 GLY A HA2 2  
ATOM 101  H HA3 . GLY A 1 2 ? 1.346  -2.482 1.872  1.00 1.00 ? 2 GLY A HA3 2  
ATOM 102  N N   . GLY A 1 3 ? 1.731  -0.408 -0.635 1.00 1.00 ? 3 GLY A N   2  
ATOM 103  C CA  . GLY A 1 3 ? 2.587  0.718  -1.104 1.00 1.00 ? 3 GLY A CA  2  
ATOM 104  C C   . GLY A 1 3 ? 1.810  2.030  -0.998 1.00 1.00 ? 3 GLY A C   2  
ATOM 105  O O   . GLY A 1 3 ? 2.357  3.104  -1.157 1.00 1.00 ? 3 GLY A O   2  
ATOM 106  H H   . GLY A 1 3 ? 1.104  -0.837 -1.253 1.00 1.00 ? 3 GLY A H   2  
ATOM 107  H HA2 . GLY A 1 3 ? 3.476  0.773  -0.490 1.00 1.00 ? 3 GLY A HA2 2  
ATOM 108  H HA3 . GLY A 1 3 ? 2.868  0.552  -2.133 1.00 1.00 ? 3 GLY A HA3 2  
ATOM 109  N N   . PHE A 1 4 ? 0.534  1.955  -0.729 1.00 1.00 ? 4 PHE A N   2  
ATOM 110  C CA  . PHE A 1 4 ? -0.277 3.197  -0.614 1.00 1.00 ? 4 PHE A CA  2  
ATOM 111  C C   . PHE A 1 4 ? -0.980 3.246  0.746  1.00 1.00 ? 4 PHE A C   2  
ATOM 112  O O   . PHE A 1 4 ? -1.236 4.304  1.286  1.00 1.00 ? 4 PHE A O   2  
ATOM 113  C CB  . PHE A 1 4 ? -1.302 3.108  -1.746 1.00 1.00 ? 4 PHE A CB  2  
ATOM 114  C CG  . PHE A 1 4 ? -1.945 1.742  -1.736 1.00 1.00 ? 4 PHE A CG  2  
ATOM 115  C CD1 . PHE A 1 4 ? -1.338 0.679  -2.416 1.00 1.00 ? 4 PHE A CD1 2  
ATOM 116  C CD2 . PHE A 1 4 ? -3.145 1.541  -1.046 1.00 1.00 ? 4 PHE A CD2 2  
ATOM 117  C CE1 . PHE A 1 4 ? -1.935 -0.588 -2.405 1.00 1.00 ? 4 PHE A CE1 2  
ATOM 118  C CE2 . PHE A 1 4 ? -3.742 0.273  -1.036 1.00 1.00 ? 4 PHE A CE2 2  
ATOM 119  C CZ  . PHE A 1 4 ? -3.136 -0.790 -1.715 1.00 1.00 ? 4 PHE A CZ  2  
ATOM 120  H H   . PHE A 1 4 ? 0.111  1.085  -0.605 1.00 1.00 ? 4 PHE A H   2  
ATOM 121  H HA  . PHE A 1 4 ? 0.346  4.062  -0.748 1.00 1.00 ? 4 PHE A HA  2  
ATOM 122  H HB2 . PHE A 1 4 ? -2.059 3.865  -1.605 1.00 1.00 ? 4 PHE A HB2 2  
ATOM 123  H HB3 . PHE A 1 4 ? -0.806 3.265  -2.693 1.00 1.00 ? 4 PHE A HB3 2  
ATOM 124  H HD1 . PHE A 1 4 ? -0.411 0.835  -2.947 1.00 1.00 ? 4 PHE A HD1 2  
ATOM 125  H HD2 . PHE A 1 4 ? -3.612 2.361  -0.522 1.00 1.00 ? 4 PHE A HD2 2  
ATOM 126  H HE1 . PHE A 1 4 ? -1.467 -1.409 -2.929 1.00 1.00 ? 4 PHE A HE1 2  
ATOM 127  H HE2 . PHE A 1 4 ? -4.668 0.117  -0.505 1.00 1.00 ? 4 PHE A HE2 2  
ATOM 128  H HZ  . PHE A 1 4 ? -3.595 -1.768 -1.707 1.00 1.00 ? 4 PHE A HZ  2  
ATOM 129  N N   . MET A 1 5 ? -1.294 2.108  1.303  1.00 1.00 ? 5 MET A N   2  
ATOM 130  C CA  . MET A 1 5 ? -1.980 2.090  2.627  1.00 1.00 ? 5 MET A CA  2  
ATOM 131  C C   . MET A 1 5 ? -1.208 2.947  3.633  1.00 1.00 ? 5 MET A C   2  
ATOM 132  O O   . MET A 1 5 ? 0.011  2.941  3.577  1.00 1.00 ? 5 MET A O   2  
ATOM 133  C CB  . MET A 1 5 ? -1.975 0.622  3.054  1.00 1.00 ? 5 MET A CB  2  
ATOM 134  C CG  . MET A 1 5 ? -2.824 -0.197 2.082  1.00 1.00 ? 5 MET A CG  2  
ATOM 135  S SD  . MET A 1 5 ? -4.558 0.296  2.233  1.00 1.00 ? 5 MET A SD  2  
ATOM 136  C CE  . MET A 1 5 ? -5.099 -1.090 3.264  1.00 1.00 ? 5 MET A CE  2  
ATOM 137  O OXT . MET A 1 5 ? -1.850 3.593  4.445  1.00 1.00 ? 5 MET A OXT 2  
ATOM 138  H H   . MET A 1 5 ? -1.079 1.265  0.850  1.00 1.00 ? 5 MET A H   2  
ATOM 139  H HA  . MET A 1 5 ? -2.994 2.442  2.530  1.00 1.00 ? 5 MET A HA  2  
ATOM 140  H HB2 . MET A 1 5 ? -0.961 0.250  3.050  1.00 1.00 ? 5 MET A HB2 2  
ATOM 141  H HB3 . MET A 1 5 ? -2.386 0.535  4.049  1.00 1.00 ? 5 MET A HB3 2  
ATOM 142  H HG2 . MET A 1 5 ? -2.486 -0.019 1.072  1.00 1.00 ? 5 MET A HG2 2  
ATOM 143  H HG3 . MET A 1 5 ? -2.726 -1.246 2.315  1.00 1.00 ? 5 MET A HG3 2  
ATOM 144  H HE1 . MET A 1 5 ? -5.010 -0.817 4.307  1.00 1.00 ? 5 MET A HE1 2  
ATOM 145  H HE2 . MET A 1 5 ? -4.480 -1.950 3.067  1.00 1.00 ? 5 MET A HE2 2  
ATOM 146  H HE3 . MET A 1 5 ? -6.128 -1.329 3.034  1.00 1.00 ? 5 MET A HE3 2  
ATOM 147  N N   . TYR A 1 1 ? -3.027 -3.607 -0.882 1.00 1.00 ? 1 TYR A N   3  
ATOM 148  C CA  . TYR A 1 1 ? -1.583 -3.425 -1.212 1.00 1.00 ? 1 TYR A CA  3  
ATOM 149  C C   . TYR A 1 1 ? -0.849 -2.777 -0.035 1.00 1.00 ? 1 TYR A C   3  
ATOM 150  O O   . TYR A 1 1 ? -1.458 -2.273 0.888  1.00 1.00 ? 1 TYR A O   3  
ATOM 151  C CB  . TYR A 1 1 ? -1.571 -2.497 -2.428 1.00 1.00 ? 1 TYR A CB  3  
ATOM 152  C CG  . TYR A 1 1 ? -0.541 -2.983 -3.421 1.00 1.00 ? 1 TYR A CG  3  
ATOM 153  C CD1 . TYR A 1 1 ? -0.806 -4.110 -4.209 1.00 1.00 ? 1 TYR A CD1 3  
ATOM 154  C CD2 . TYR A 1 1 ? 0.678  -2.309 -3.552 1.00 1.00 ? 1 TYR A CD2 3  
ATOM 155  C CE1 . TYR A 1 1 ? 0.147  -4.560 -5.129 1.00 1.00 ? 1 TYR A CE1 3  
ATOM 156  C CE2 . TYR A 1 1 ? 1.632  -2.758 -4.472 1.00 1.00 ? 1 TYR A CE2 3  
ATOM 157  C CZ  . TYR A 1 1 ? 1.368  -3.885 -5.260 1.00 1.00 ? 1 TYR A CZ  3  
ATOM 158  O OH  . TYR A 1 1 ? 2.308  -4.330 -6.167 1.00 1.00 ? 1 TYR A OH  3  
ATOM 159  H H1  . TYR A 1 1 ? -3.491 -2.679 -0.828 1.00 1.00 ? 1 TYR A H1  3  
ATOM 160  H HA  . TYR A 1 1 ? -1.132 -4.370 -1.464 1.00 1.00 ? 1 TYR A HA  3  
ATOM 161  H HB2 . TYR A 1 1 ? -2.546 -2.498 -2.891 1.00 1.00 ? 1 TYR A HB2 3  
ATOM 162  H HB3 . TYR A 1 1 ? -1.321 -1.495 -2.115 1.00 1.00 ? 1 TYR A HB3 3  
ATOM 163  H HD1 . TYR A 1 1 ? -1.746 -4.631 -4.106 1.00 1.00 ? 1 TYR A HD1 3  
ATOM 164  H HD2 . TYR A 1 1 ? 0.882  -1.440 -2.943 1.00 1.00 ? 1 TYR A HD2 3  
ATOM 165  H HE1 . TYR A 1 1 ? -0.056 -5.429 -5.737 1.00 1.00 ? 1 TYR A HE1 3  
ATOM 166  H HE2 . TYR A 1 1 ? 2.573  -2.238 -4.573 1.00 1.00 ? 1 TYR A HE2 3  
ATOM 167  H HH  . TYR A 1 1 ? 2.101  -3.942 -7.021 1.00 1.00 ? 1 TYR A HH  3  
ATOM 168  N N   . GLY A 1 2 ? 0.456  -2.788 -0.059 1.00 1.00 ? 2 GLY A N   3  
ATOM 169  C CA  . GLY A 1 2 ? 1.226  -2.176 1.059  1.00 1.00 ? 2 GLY A CA  3  
ATOM 170  C C   . GLY A 1 2 ? 2.107  -1.047 0.519  1.00 1.00 ? 2 GLY A C   3  
ATOM 171  O O   . GLY A 1 2 ? 3.164  -0.765 1.047  1.00 1.00 ? 2 GLY A O   3  
ATOM 172  H H   . GLY A 1 2 ? 0.928  -3.200 -0.811 1.00 1.00 ? 2 GLY A H   3  
ATOM 173  H HA2 . GLY A 1 2 ? 0.541  -1.780 1.793  1.00 1.00 ? 2 GLY A HA2 3  
ATOM 174  H HA3 . GLY A 1 2 ? 1.851  -2.926 1.517  1.00 1.00 ? 2 GLY A HA3 3  
ATOM 175  N N   . GLY A 1 3 ? 1.681  -0.398 -0.530 1.00 1.00 ? 3 GLY A N   3  
ATOM 176  C CA  . GLY A 1 3 ? 2.497  0.712  -1.100 1.00 1.00 ? 3 GLY A CA  3  
ATOM 177  C C   . GLY A 1 3 ? 1.812  2.050  -0.813 1.00 1.00 ? 3 GLY A C   3  
ATOM 178  O O   . GLY A 1 3 ? 2.456  3.040  -0.530 1.00 1.00 ? 3 GLY A O   3  
ATOM 179  H H   . GLY A 1 3 ? 0.825  -0.640 -0.942 1.00 1.00 ? 3 GLY A H   3  
ATOM 180  H HA2 . GLY A 1 3 ? 3.479  0.704  -0.650 1.00 1.00 ? 3 GLY A HA2 3  
ATOM 181  H HA3 . GLY A 1 3 ? 2.587  0.580  -2.168 1.00 1.00 ? 3 GLY A HA3 3  
ATOM 182  N N   . PHE A 1 4 ? 0.509  2.087  -0.881 1.00 1.00 ? 4 PHE A N   3  
ATOM 183  C CA  . PHE A 1 4 ? -0.217 3.357  -0.611 1.00 1.00 ? 4 PHE A CA  3  
ATOM 184  C C   . PHE A 1 4 ? -1.151 3.189  0.589  1.00 1.00 ? 4 PHE A C   3  
ATOM 185  O O   . PHE A 1 4 ? -1.313 4.085  1.393  1.00 1.00 ? 4 PHE A O   3  
ATOM 186  C CB  . PHE A 1 4 ? -1.018 3.634  -1.883 1.00 1.00 ? 4 PHE A CB  3  
ATOM 187  C CG  . PHE A 1 4 ? -1.714 2.368  -2.326 1.00 1.00 ? 4 PHE A CG  3  
ATOM 188  C CD1 . PHE A 1 4 ? -2.959 2.027  -1.785 1.00 1.00 ? 4 PHE A CD1 3  
ATOM 189  C CD2 . PHE A 1 4 ? -1.112 1.535  -3.275 1.00 1.00 ? 4 PHE A CD2 3  
ATOM 190  C CE1 . PHE A 1 4 ? -3.602 0.852  -2.193 1.00 1.00 ? 4 PHE A CE1 3  
ATOM 191  C CE2 . PHE A 1 4 ? -1.755 0.360  -3.684 1.00 1.00 ? 4 PHE A CE2 3  
ATOM 192  C CZ  . PHE A 1 4 ? -2.999 0.019  -3.145 1.00 1.00 ? 4 PHE A CZ  3  
ATOM 193  H H   . PHE A 1 4 ? 0.009  1.280  -1.108 1.00 1.00 ? 4 PHE A H   3  
ATOM 194  H HA  . PHE A 1 4 ? 0.483  4.154  -0.436 1.00 1.00 ? 4 PHE A HA  3  
ATOM 195  H HB2 . PHE A 1 4 ? -1.756 4.398  -1.684 1.00 1.00 ? 4 PHE A HB2 3  
ATOM 196  H HB3 . PHE A 1 4 ? -0.353 3.968  -2.665 1.00 1.00 ? 4 PHE A HB3 3  
ATOM 197  H HD1 . PHE A 1 4 ? -3.424 2.670  -1.052 1.00 1.00 ? 4 PHE A HD1 3  
ATOM 198  H HD2 . PHE A 1 4 ? -0.151 1.798  -3.693 1.00 1.00 ? 4 PHE A HD2 3  
ATOM 199  H HE1 . PHE A 1 4 ? -4.564 0.590  -1.776 1.00 1.00 ? 4 PHE A HE1 3  
ATOM 200  H HE2 . PHE A 1 4 ? -1.290 -0.282 -4.417 1.00 1.00 ? 4 PHE A HE2 3  
ATOM 201  H HZ  . PHE A 1 4 ? -3.496 -0.887 -3.459 1.00 1.00 ? 4 PHE A HZ  3  
ATOM 202  N N   . MET A 1 5 ? -1.771 2.047  0.717  1.00 1.00 ? 5 MET A N   3  
ATOM 203  C CA  . MET A 1 5 ? -2.694 1.822  1.865  1.00 1.00 ? 5 MET A CA  3  
ATOM 204  C C   . MET A 1 5 ? -2.013 2.219  3.178  1.00 1.00 ? 5 MET A C   3  
ATOM 205  O O   . MET A 1 5 ? -2.670 2.833  4.002  1.00 1.00 ? 5 MET A O   3  
ATOM 206  C CB  . MET A 1 5 ? -2.991 0.323  1.847  1.00 1.00 ? 5 MET A CB  3  
ATOM 207  C CG  . MET A 1 5 ? -4.113 0.037  0.846  1.00 1.00 ? 5 MET A CG  3  
ATOM 208  S SD  . MET A 1 5 ? -5.650 -0.295 1.743  1.00 1.00 ? 5 MET A SD  3  
ATOM 209  C CE  . MET A 1 5 ? -6.750 -0.318 0.304  1.00 1.00 ? 5 MET A CE  3  
ATOM 210  O OXT . MET A 1 5 ? -0.845 1.902  3.335  1.00 1.00 ? 5 MET A OXT 3  
ATOM 211  H H   . MET A 1 5 ? -1.627 1.336  0.057  1.00 1.00 ? 5 MET A H   3  
ATOM 212  H HA  . MET A 1 5 ? -3.606 2.382  1.730  1.00 1.00 ? 5 MET A HA  3  
ATOM 213  H HB2 . MET A 1 5 ? -2.103 -0.217 1.556  1.00 1.00 ? 5 MET A HB2 3  
ATOM 214  H HB3 . MET A 1 5 ? -3.302 0.005  2.831  1.00 1.00 ? 5 MET A HB3 3  
ATOM 215  H HG2 . MET A 1 5 ? -4.249 0.894  0.204  1.00 1.00 ? 5 MET A HG2 3  
ATOM 216  H HG3 . MET A 1 5 ? -3.852 -0.823 0.249  1.00 1.00 ? 5 MET A HG3 3  
ATOM 217  H HE1 . MET A 1 5 ? -7.490 -1.096 0.431  1.00 1.00 ? 5 MET A HE1 3  
ATOM 218  H HE2 . MET A 1 5 ? -6.175 -0.513 -0.587 1.00 1.00 ? 5 MET A HE2 3  
ATOM 219  H HE3 . MET A 1 5 ? -7.240 0.642  0.212  1.00 1.00 ? 5 MET A HE3 3  
ATOM 220  N N   . TYR A 1 1 ? -2.814 -4.124 -0.926 1.00 1.00 ? 1 TYR A N   4  
ATOM 221  C CA  . TYR A 1 1 ? -1.417 -3.715 -1.256 1.00 1.00 ? 1 TYR A CA  4  
ATOM 222  C C   . TYR A 1 1 ? -0.791 -2.974 -0.071 1.00 1.00 ? 1 TYR A C   4  
ATOM 223  O O   . TYR A 1 1 ? -1.477 -2.526 0.826  1.00 1.00 ? 1 TYR A O   4  
ATOM 224  C CB  . TYR A 1 1 ? -1.551 -2.785 -2.462 1.00 1.00 ? 1 TYR A CB  4  
ATOM 225  C CG  . TYR A 1 1 ? -0.440 -3.072 -3.443 1.00 1.00 ? 1 TYR A CG  4  
ATOM 226  C CD1 . TYR A 1 1 ? -0.536 -4.167 -4.309 1.00 1.00 ? 1 TYR A CD1 4  
ATOM 227  C CD2 . TYR A 1 1 ? 0.686  -2.241 -3.487 1.00 1.00 ? 1 TYR A CD2 4  
ATOM 228  C CE1 . TYR A 1 1 ? 0.495  -4.431 -5.220 1.00 1.00 ? 1 TYR A CE1 4  
ATOM 229  C CE2 . TYR A 1 1 ? 1.716  -2.505 -4.397 1.00 1.00 ? 1 TYR A CE2 4  
ATOM 230  C CZ  . TYR A 1 1 ? 1.621  -3.601 -5.264 1.00 1.00 ? 1 TYR A CZ  4  
ATOM 231  O OH  . TYR A 1 1 ? 2.637  -3.861 -6.161 1.00 1.00 ? 1 TYR A OH  4  
ATOM 232  H H1  . TYR A 1 1 ? -3.455 -3.320 -1.076 1.00 1.00 ? 1 TYR A H1  4  
ATOM 233  H HA  . TYR A 1 1 ? -0.824 -4.576 -1.518 1.00 1.00 ? 1 TYR A HA  4  
ATOM 234  H HB2 . TYR A 1 1 ? -2.506 -2.950 -2.938 1.00 1.00 ? 1 TYR A HB2 4  
ATOM 235  H HB3 . TYR A 1 1 ? -1.484 -1.759 -2.134 1.00 1.00 ? 1 TYR A HB3 4  
ATOM 236  H HD1 . TYR A 1 1 ? -1.405 -4.808 -4.276 1.00 1.00 ? 1 TYR A HD1 4  
ATOM 237  H HD2 . TYR A 1 1 ? 0.759  -1.396 -2.818 1.00 1.00 ? 1 TYR A HD2 4  
ATOM 238  H HE1 . TYR A 1 1 ? 0.421  -5.276 -5.889 1.00 1.00 ? 1 TYR A HE1 4  
ATOM 239  H HE2 . TYR A 1 1 ? 2.585  -1.865 -4.430 1.00 1.00 ? 1 TYR A HE2 4  
ATOM 240  H HH  . TYR A 1 1 ? 3.189  -3.078 -6.219 1.00 1.00 ? 1 TYR A HH  4  
ATOM 241  N N   . GLY A 1 2 ? 0.507  -2.844 -0.060 1.00 1.00 ? 2 GLY A N   4  
ATOM 242  C CA  . GLY A 1 2 ? 1.175  -2.134 1.065  1.00 1.00 ? 2 GLY A CA  4  
ATOM 243  C C   . GLY A 1 2 ? 2.082  -1.031 0.514  1.00 1.00 ? 2 GLY A C   4  
ATOM 244  O O   . GLY A 1 2 ? 3.145  -0.769 1.039  1.00 1.00 ? 2 GLY A O   4  
ATOM 245  H H   . GLY A 1 2 ? 1.042  -3.212 -0.792 1.00 1.00 ? 2 GLY A H   4  
ATOM 246  H HA2 . GLY A 1 2 ? 0.425  -1.698 1.709  1.00 1.00 ? 2 GLY A HA2 4  
ATOM 247  H HA3 . GLY A 1 2 ? 1.771  -2.836 1.628  1.00 1.00 ? 2 GLY A HA3 4  
ATOM 248  N N   . GLY A 1 3 ? 1.669  -0.383 -0.540 1.00 1.00 ? 3 GLY A N   4  
ATOM 249  C CA  . GLY A 1 3 ? 2.508  0.702  -1.123 1.00 1.00 ? 3 GLY A CA  4  
ATOM 250  C C   . GLY A 1 3 ? 1.831  2.054  -0.886 1.00 1.00 ? 3 GLY A C   4  
ATOM 251  O O   . GLY A 1 3 ? 2.482  3.074  -0.782 1.00 1.00 ? 3 GLY A O   4  
ATOM 252  H H   . GLY A 1 3 ? 0.808  -0.610 -0.949 1.00 1.00 ? 3 GLY A H   4  
ATOM 253  H HA2 . GLY A 1 3 ? 3.481  0.697  -0.652 1.00 1.00 ? 3 GLY A HA2 4  
ATOM 254  H HA3 . GLY A 1 3 ? 2.620  0.542  -2.184 1.00 1.00 ? 3 GLY A HA3 4  
ATOM 255  N N   . PHE A 1 4 ? 0.530  2.069  -0.799 1.00 1.00 ? 4 PHE A N   4  
ATOM 256  C CA  . PHE A 1 4 ? -0.187 3.353  -0.569 1.00 1.00 ? 4 PHE A CA  4  
ATOM 257  C C   . PHE A 1 4 ? -1.196 3.199  0.572  1.00 1.00 ? 4 PHE A C   4  
ATOM 258  O O   . PHE A 1 4 ? -1.316 4.053  1.427  1.00 1.00 ? 4 PHE A O   4  
ATOM 259  C CB  . PHE A 1 4 ? -0.906 3.650  -1.885 1.00 1.00 ? 4 PHE A CB  4  
ATOM 260  C CG  . PHE A 1 4 ? -1.587 2.395  -2.378 1.00 1.00 ? 4 PHE A CG  4  
ATOM 261  C CD1 . PHE A 1 4 ? -0.857 1.436  -3.088 1.00 1.00 ? 4 PHE A CD1 4  
ATOM 262  C CD2 . PHE A 1 4 ? -2.949 2.192  -2.124 1.00 1.00 ? 4 PHE A CD2 4  
ATOM 263  C CE1 . PHE A 1 4 ? -1.487 0.272  -3.544 1.00 1.00 ? 4 PHE A CE1 4  
ATOM 264  C CE2 . PHE A 1 4 ? -3.579 1.027  -2.579 1.00 1.00 ? 4 PHE A CE2 4  
ATOM 265  C CZ  . PHE A 1 4 ? -2.847 0.067  -3.289 1.00 1.00 ? 4 PHE A CZ  4  
ATOM 266  H H   . PHE A 1 4 ? 0.024  1.239  -0.886 1.00 1.00 ? 4 PHE A H   4  
ATOM 267  H HA  . PHE A 1 4 ? 0.516  4.136  -0.349 1.00 1.00 ? 4 PHE A HA  4  
ATOM 268  H HB2 . PHE A 1 4 ? -1.644 4.422  -1.727 1.00 1.00 ? 4 PHE A HB2 4  
ATOM 269  H HB3 . PHE A 1 4 ? -0.190 3.981  -2.621 1.00 1.00 ? 4 PHE A HB3 4  
ATOM 270  H HD1 . PHE A 1 4 ? 0.194  1.593  -3.284 1.00 1.00 ? 4 PHE A HD1 4  
ATOM 271  H HD2 . PHE A 1 4 ? -3.512 2.931  -1.576 1.00 1.00 ? 4 PHE A HD2 4  
ATOM 272  H HE1 . PHE A 1 4 ? -0.922 -0.469 -4.092 1.00 1.00 ? 4 PHE A HE1 4  
ATOM 273  H HE2 . PHE A 1 4 ? -4.629 0.868  -2.384 1.00 1.00 ? 4 PHE A HE2 4  
ATOM 274  H HZ  . PHE A 1 4 ? -3.332 -0.830 -3.641 1.00 1.00 ? 4 PHE A HZ  4  
ATOM 275  N N   . MET A 1 5 ? -1.924 2.116  0.591  1.00 1.00 ? 5 MET A N   4  
ATOM 276  C CA  . MET A 1 5 ? -2.925 1.909  1.678  1.00 1.00 ? 5 MET A CA  4  
ATOM 277  C C   . MET A 1 5 ? -2.299 2.222  3.040  1.00 1.00 ? 5 MET A C   4  
ATOM 278  O O   . MET A 1 5 ? -1.135 1.904  3.222  1.00 1.00 ? 5 MET A O   4  
ATOM 279  C CB  . MET A 1 5 ? -3.306 0.432  1.589  1.00 1.00 ? 5 MET A CB  4  
ATOM 280  C CG  . MET A 1 5 ? -4.428 0.253  0.566  1.00 1.00 ? 5 MET A CG  4  
ATOM 281  S SD  . MET A 1 5 ? -5.969 -0.154 1.424  1.00 1.00 ? 5 MET A SD  4  
ATOM 282  C CE  . MET A 1 5 ? -6.001 -1.915 1.011  1.00 1.00 ? 5 MET A CE  4  
ATOM 283  O OXT . MET A 1 5 ? -2.994 2.774  3.876  1.00 1.00 ? 5 MET A OXT 4  
ATOM 284  H H   . MET A 1 5 ? -1.812 1.438  -0.108 1.00 1.00 ? 5 MET A H   4  
ATOM 285  H HA  . MET A 1 5 ? -3.794 2.524  1.512  1.00 1.00 ? 5 MET A HA  4  
ATOM 286  H HB2 . MET A 1 5 ? -2.443 -0.144 1.285  1.00 1.00 ? 5 MET A HB2 4  
ATOM 287  H HB3 . MET A 1 5 ? -3.644 0.088  2.555  1.00 1.00 ? 5 MET A HB3 4  
ATOM 288  H HG2 . MET A 1 5 ? -4.556 1.170  0.009  1.00 1.00 ? 5 MET A HG2 4  
ATOM 289  H HG3 . MET A 1 5 ? -4.172 -0.548 -0.113 1.00 1.00 ? 5 MET A HG3 4  
ATOM 290  H HE1 . MET A 1 5 ? -6.953 -2.335 1.306  1.00 1.00 ? 5 MET A HE1 4  
ATOM 291  H HE2 . MET A 1 5 ? -5.207 -2.423 1.536  1.00 1.00 ? 5 MET A HE2 4  
ATOM 292  H HE3 . MET A 1 5 ? -5.863 -2.037 -0.055 1.00 1.00 ? 5 MET A HE3 4  
ATOM 293  N N   . TYR A 1 1 ? -2.811 -4.196 -0.826 1.00 1.00 ? 1 TYR A N   5  
ATOM 294  C CA  . TYR A 1 1 ? -1.457 -3.707 -1.216 1.00 1.00 ? 1 TYR A CA  5  
ATOM 295  C C   . TYR A 1 1 ? -0.788 -3.006 -0.030 1.00 1.00 ? 1 TYR A C   5  
ATOM 296  O O   . TYR A 1 1 ? -1.439 -2.596 0.909  1.00 1.00 ? 1 TYR A O   5  
ATOM 297  C CB  . TYR A 1 1 ? -1.707 -2.716 -2.353 1.00 1.00 ? 1 TYR A CB  5  
ATOM 298  C CG  . TYR A 1 1 ? -0.874 -3.107 -3.551 1.00 1.00 ? 1 TYR A CG  5  
ATOM 299  C CD1 . TYR A 1 1 ? 0.419  -2.594 -3.701 1.00 1.00 ? 1 TYR A CD1 5  
ATOM 300  C CD2 . TYR A 1 1 ? -1.397 -3.980 -4.512 1.00 1.00 ? 1 TYR A CD2 5  
ATOM 301  C CE1 . TYR A 1 1 ? 1.191  -2.954 -4.813 1.00 1.00 ? 1 TYR A CE1 5  
ATOM 302  C CE2 . TYR A 1 1 ? -0.625 -4.341 -5.623 1.00 1.00 ? 1 TYR A CE2 5  
ATOM 303  C CZ  . TYR A 1 1 ? 0.669  -3.828 -5.773 1.00 1.00 ? 1 TYR A CZ  5  
ATOM 304  O OH  . TYR A 1 1 ? 1.430  -4.184 -6.868 1.00 1.00 ? 1 TYR A OH  5  
ATOM 305  H H1  . TYR A 1 1 ? -3.324 -4.510 -1.674 1.00 1.00 ? 1 TYR A H1  5  
ATOM 306  H HA  . TYR A 1 1 ? -0.846 -4.524 -1.565 1.00 1.00 ? 1 TYR A HA  5  
ATOM 307  H HB2 . TYR A 1 1 ? -2.753 -2.733 -2.620 1.00 1.00 ? 1 TYR A HB2 5  
ATOM 308  H HB3 . TYR A 1 1 ? -1.432 -1.723 -2.032 1.00 1.00 ? 1 TYR A HB3 5  
ATOM 309  H HD1 . TYR A 1 1 ? 0.823  -1.918 -2.960 1.00 1.00 ? 1 TYR A HD1 5  
ATOM 310  H HD2 . TYR A 1 1 ? -2.395 -4.377 -4.397 1.00 1.00 ? 1 TYR A HD2 5  
ATOM 311  H HE1 . TYR A 1 1 ? 2.189  -2.559 -4.927 1.00 1.00 ? 1 TYR A HE1 5  
ATOM 312  H HE2 . TYR A 1 1 ? -1.027 -5.016 -6.363 1.00 1.00 ? 1 TYR A HE2 5  
ATOM 313  H HH  . TYR A 1 1 ? 2.262  -3.707 -6.819 1.00 1.00 ? 1 TYR A HH  5  
ATOM 314  N N   . GLY A 1 2 ? 0.509  -2.866 -0.068 1.00 1.00 ? 2 GLY A N   5  
ATOM 315  C CA  . GLY A 1 2 ? 1.218  -2.193 1.056  1.00 1.00 ? 2 GLY A CA  5  
ATOM 316  C C   . GLY A 1 2 ? 2.110  -1.077 0.506  1.00 1.00 ? 2 GLY A C   5  
ATOM 317  O O   . GLY A 1 2 ? 3.201  -0.849 0.987  1.00 1.00 ? 2 GLY A O   5  
ATOM 318  H H   . GLY A 1 2 ? 1.017  -3.204 -0.832 1.00 1.00 ? 2 GLY A H   5  
ATOM 319  H HA2 . GLY A 1 2 ? 0.493  -1.773 1.737  1.00 1.00 ? 2 GLY A HA2 5  
ATOM 320  H HA3 . GLY A 1 2 ? 1.830  -2.913 1.577  1.00 1.00 ? 2 GLY A HA3 5  
ATOM 321  N N   . GLY A 1 3 ? 1.654  -0.382 -0.500 1.00 1.00 ? 3 GLY A N   5  
ATOM 322  C CA  . GLY A 1 3 ? 2.478  0.718  -1.077 1.00 1.00 ? 3 GLY A CA  5  
ATOM 323  C C   . GLY A 1 3 ? 1.798  2.061  -0.810 1.00 1.00 ? 3 GLY A C   5  
ATOM 324  O O   . GLY A 1 3 ? 2.445  3.051  -0.532 1.00 1.00 ? 3 GLY A O   5  
ATOM 325  H H   . GLY A 1 3 ? 0.771  -0.582 -0.875 1.00 1.00 ? 3 GLY A H   5  
ATOM 326  H HA2 . GLY A 1 3 ? 3.458  0.711  -0.621 1.00 1.00 ? 3 GLY A HA2 5  
ATOM 327  H HA3 . GLY A 1 3 ? 2.575  0.574  -2.143 1.00 1.00 ? 3 GLY A HA3 5  
ATOM 328  N N   . PHE A 1 4 ? 0.496  2.102  -0.891 1.00 1.00 ? 4 PHE A N   5  
ATOM 329  C CA  . PHE A 1 4 ? -0.227 3.378  -0.641 1.00 1.00 ? 4 PHE A CA  5  
ATOM 330  C C   . PHE A 1 4 ? -1.118 3.244  0.597  1.00 1.00 ? 4 PHE A C   5  
ATOM 331  O O   . PHE A 1 4 ? -1.340 4.195  1.321  1.00 1.00 ? 4 PHE A O   5  
ATOM 332  C CB  . PHE A 1 4 ? -1.076 3.603  -1.892 1.00 1.00 ? 4 PHE A CB  5  
ATOM 333  C CG  . PHE A 1 4 ? -1.812 2.330  -2.233 1.00 1.00 ? 4 PHE A CG  5  
ATOM 334  C CD1 . PHE A 1 4 ? -3.073 2.080  -1.677 1.00 1.00 ? 4 PHE A CD1 5  
ATOM 335  C CD2 . PHE A 1 4 ? -1.233 1.399  -3.102 1.00 1.00 ? 4 PHE A CD2 5  
ATOM 336  C CE1 . PHE A 1 4 ? -3.753 0.898  -1.990 1.00 1.00 ? 4 PHE A CE1 5  
ATOM 337  C CE2 . PHE A 1 4 ? -1.915 0.216  -3.416 1.00 1.00 ? 4 PHE A CE2 5  
ATOM 338  C CZ  . PHE A 1 4 ? -3.174 -0.035 -2.860 1.00 1.00 ? 4 PHE A CZ  5  
ATOM 339  H H   . PHE A 1 4 ? -0.004 1.295  -1.114 1.00 1.00 ? 4 PHE A H   5  
ATOM 340  H HA  . PHE A 1 4 ? 0.471  4.185  -0.519 1.00 1.00 ? 4 PHE A HA  5  
ATOM 341  H HB2 . PHE A 1 4 ? -1.788 4.394  -1.707 1.00 1.00 ? 4 PHE A HB2 5  
ATOM 342  H HB3 . PHE A 1 4 ? -0.436 3.881  -2.716 1.00 1.00 ? 4 PHE A HB3 5  
ATOM 343  H HD1 . PHE A 1 4 ? -3.519 2.800  -1.007 1.00 1.00 ? 4 PHE A HD1 5  
ATOM 344  H HD2 . PHE A 1 4 ? -0.261 1.591  -3.531 1.00 1.00 ? 4 PHE A HD2 5  
ATOM 345  H HE1 . PHE A 1 4 ? -4.726 0.705  -1.563 1.00 1.00 ? 4 PHE A HE1 5  
ATOM 346  H HE2 . PHE A 1 4 ? -1.468 -0.502 -4.087 1.00 1.00 ? 4 PHE A HE2 5  
ATOM 347  H HZ  . PHE A 1 4 ? -3.700 -0.946 -3.101 1.00 1.00 ? 4 PHE A HZ  5  
ATOM 348  N N   . MET A 1 5 ? -1.629 2.069  0.844  1.00 1.00 ? 5 MET A N   5  
ATOM 349  C CA  . MET A 1 5 ? -2.505 1.871  2.035  1.00 1.00 ? 5 MET A CA  5  
ATOM 350  C C   . MET A 1 5 ? -1.878 2.528  3.269  1.00 1.00 ? 5 MET A C   5  
ATOM 351  O O   . MET A 1 5 ? -0.679 2.754  3.249  1.00 1.00 ? 5 MET A O   5  
ATOM 352  C CB  . MET A 1 5 ? -2.586 0.355  2.218  1.00 1.00 ? 5 MET A CB  5  
ATOM 353  C CG  . MET A 1 5 ? -3.503 -0.240 1.146  1.00 1.00 ? 5 MET A CG  5  
ATOM 354  S SD  . MET A 1 5 ? -5.228 0.110  1.566  1.00 1.00 ? 5 MET A SD  5  
ATOM 355  C CE  . MET A 1 5 ? -5.979 -1.153 0.511  1.00 1.00 ? 5 MET A CE  5  
ATOM 356  O OXT . MET A 1 5 ? -2.607 2.792  4.210  1.00 1.00 ? 5 MET A OXT 5  
ATOM 357  H H   . MET A 1 5 ? -1.437 1.315  0.249  1.00 1.00 ? 5 MET A H   5  
ATOM 358  H HA  . MET A 1 5 ? -3.487 2.274  1.851  1.00 1.00 ? 5 MET A HA  5  
ATOM 359  H HB2 . MET A 1 5 ? -1.599 -0.073 2.126  1.00 1.00 ? 5 MET A HB2 5  
ATOM 360  H HB3 . MET A 1 5 ? -2.987 0.130  3.195  1.00 1.00 ? 5 MET A HB3 5  
ATOM 361  H HG2 . MET A 1 5 ? -3.269 0.199  0.189  1.00 1.00 ? 5 MET A HG2 5  
ATOM 362  H HG3 . MET A 1 5 ? -3.354 -1.308 1.100  1.00 1.00 ? 5 MET A HG3 5  
ATOM 363  H HE1 . MET A 1 5 ? -5.207 -1.644 -0.067 1.00 1.00 ? 5 MET A HE1 5  
ATOM 364  H HE2 . MET A 1 5 ? -6.687 -0.692 -0.159 1.00 1.00 ? 5 MET A HE2 5  
ATOM 365  H HE3 . MET A 1 5 ? -6.491 -1.879 1.128  1.00 1.00 ? 5 MET A HE3 5  
ATOM 366  N N   . TYR A 1 1 ? -2.924 -3.795 -1.050 1.00 1.00 ? 1 TYR A N   6  
ATOM 367  C CA  . TYR A 1 1 ? -1.465 -3.582 -1.273 1.00 1.00 ? 1 TYR A CA  6  
ATOM 368  C C   . TYR A 1 1 ? -0.839 -2.895 -0.057 1.00 1.00 ? 1 TYR A C   6  
ATOM 369  O O   . TYR A 1 1 ? -1.515 -2.558 0.895  1.00 1.00 ? 1 TYR A O   6  
ATOM 370  C CB  . TYR A 1 1 ? -1.380 -2.678 -2.504 1.00 1.00 ? 1 TYR A CB  6  
ATOM 371  C CG  . TYR A 1 1 ? -0.184 -3.072 -3.336 1.00 1.00 ? 1 TYR A CG  6  
ATOM 372  C CD1 . TYR A 1 1 ? -0.065 -4.384 -3.812 1.00 1.00 ? 1 TYR A CD1 6  
ATOM 373  C CD2 . TYR A 1 1 ? 0.807  -2.128 -3.630 1.00 1.00 ? 1 TYR A CD2 6  
ATOM 374  C CE1 . TYR A 1 1 ? 1.043  -4.751 -4.584 1.00 1.00 ? 1 TYR A CE1 6  
ATOM 375  C CE2 . TYR A 1 1 ? 1.916  -2.496 -4.402 1.00 1.00 ? 1 TYR A CE2 6  
ATOM 376  C CZ  . TYR A 1 1 ? 2.034  -3.807 -4.879 1.00 1.00 ? 1 TYR A CZ  6  
ATOM 377  O OH  . TYR A 1 1 ? 3.127  -4.170 -5.638 1.00 1.00 ? 1 TYR A OH  6  
ATOM 378  H H1  . TYR A 1 1 ? -3.425 -2.888 -1.138 1.00 1.00 ? 1 TYR A H1  6  
ATOM 379  H HA  . TYR A 1 1 ? -0.974 -4.520 -1.471 1.00 1.00 ? 1 TYR A HA  6  
ATOM 380  H HB2 . TYR A 1 1 ? -2.281 -2.783 -3.091 1.00 1.00 ? 1 TYR A HB2 6  
ATOM 381  H HB3 . TYR A 1 1 ? -1.275 -1.650 -2.189 1.00 1.00 ? 1 TYR A HB3 6  
ATOM 382  H HD1 . TYR A 1 1 ? -0.831 -5.111 -3.585 1.00 1.00 ? 1 TYR A HD1 6  
ATOM 383  H HD2 . TYR A 1 1 ? 0.716  -1.117 -3.262 1.00 1.00 ? 1 TYR A HD2 6  
ATOM 384  H HE1 . TYR A 1 1 ? 1.133  -5.763 -4.952 1.00 1.00 ? 1 TYR A HE1 6  
ATOM 385  H HE2 . TYR A 1 1 ? 2.681  -1.768 -4.630 1.00 1.00 ? 1 TYR A HE2 6  
ATOM 386  H HH  . TYR A 1 1 ? 2.805  -4.572 -6.449 1.00 1.00 ? 1 TYR A HH  6  
ATOM 387  N N   . GLY A 1 2 ? 0.450  -2.686 -0.078 1.00 1.00 ? 2 GLY A N   6  
ATOM 388  C CA  . GLY A 1 2 ? 1.117  -2.025 1.078  1.00 1.00 ? 2 GLY A CA  6  
ATOM 389  C C   . GLY A 1 2 ? 1.973  -0.860 0.578  1.00 1.00 ? 2 GLY A C   6  
ATOM 390  O O   . GLY A 1 2 ? 2.817  -0.349 1.289  1.00 1.00 ? 2 GLY A O   6  
ATOM 391  H H   . GLY A 1 2 ? 0.979  -2.966 -0.852 1.00 1.00 ? 2 GLY A H   6  
ATOM 392  H HA2 . GLY A 1 2 ? 0.366  -1.655 1.761  1.00 1.00 ? 2 GLY A HA2 6  
ATOM 393  H HA3 . GLY A 1 2 ? 1.747  -2.739 1.584  1.00 1.00 ? 2 GLY A HA3 6  
ATOM 394  N N   . GLY A 1 3 ? 1.766  -0.435 -0.637 1.00 1.00 ? 3 GLY A N   6  
ATOM 395  C CA  . GLY A 1 3 ? 2.571  0.697  -1.178 1.00 1.00 ? 3 GLY A CA  6  
ATOM 396  C C   . GLY A 1 3 ? 1.856  2.019  -0.888 1.00 1.00 ? 3 GLY A C   6  
ATOM 397  O O   . GLY A 1 3 ? 2.478  3.051  -0.739 1.00 1.00 ? 3 GLY A O   6  
ATOM 398  H H   . GLY A 1 3 ? 1.081  -0.859 -1.195 1.00 1.00 ? 3 GLY A H   6  
ATOM 399  H HA2 . GLY A 1 3 ? 3.544  0.702  -0.708 1.00 1.00 ? 3 GLY A HA2 6  
ATOM 400  H HA3 . GLY A 1 3 ? 2.687  0.580  -2.244 1.00 1.00 ? 3 GLY A HA3 6  
ATOM 401  N N   . PHE A 1 4 ? 0.555  1.994  -0.808 1.00 1.00 ? 4 PHE A N   6  
ATOM 402  C CA  . PHE A 1 4 ? -0.199 3.247  -0.529 1.00 1.00 ? 4 PHE A CA  6  
ATOM 403  C C   . PHE A 1 4 ? -1.169 3.034  0.636  1.00 1.00 ? 4 PHE A C   6  
ATOM 404  O O   . PHE A 1 4 ? -1.289 3.861  1.517  1.00 1.00 ? 4 PHE A O   6  
ATOM 405  C CB  . PHE A 1 4 ? -0.966 3.549  -1.819 1.00 1.00 ? 4 PHE A CB  6  
ATOM 406  C CG  . PHE A 1 4 ? -1.603 2.283  -2.338 1.00 1.00 ? 4 PHE A CG  6  
ATOM 407  C CD1 . PHE A 1 4 ? -0.859 1.402  -3.133 1.00 1.00 ? 4 PHE A CD1 6  
ATOM 408  C CD2 . PHE A 1 4 ? -2.935 1.990  -2.026 1.00 1.00 ? 4 PHE A CD2 6  
ATOM 409  C CE1 . PHE A 1 4 ? -1.448 0.227  -3.615 1.00 1.00 ? 4 PHE A CE1 6  
ATOM 410  C CE2 . PHE A 1 4 ? -3.524 0.815  -2.509 1.00 1.00 ? 4 PHE A CE2 6  
ATOM 411  C CZ  . PHE A 1 4 ? -2.780 -0.066 -3.303 1.00 1.00 ? 4 PHE A CZ  6  
ATOM 412  H H   . PHE A 1 4 ? 0.073  1.154  -0.931 1.00 1.00 ? 4 PHE A H   6  
ATOM 413  H HA  . PHE A 1 4 ? 0.483  4.049  -0.309 1.00 1.00 ? 4 PHE A HA  6  
ATOM 414  H HB2 . PHE A 1 4 ? -1.733 4.283  -1.616 1.00 1.00 ? 4 PHE A HB2 6  
ATOM 415  H HB3 . PHE A 1 4 ? -0.283 3.939  -2.559 1.00 1.00 ? 4 PHE A HB3 6  
ATOM 416  H HD1 . PHE A 1 4 ? 0.170  1.630  -3.374 1.00 1.00 ? 4 PHE A HD1 6  
ATOM 417  H HD2 . PHE A 1 4 ? -3.508 2.669  -1.414 1.00 1.00 ? 4 PHE A HD2 6  
ATOM 418  H HE1 . PHE A 1 4 ? -0.874 -0.452 -4.229 1.00 1.00 ? 4 PHE A HE1 6  
ATOM 419  H HE2 . PHE A 1 4 ? -4.552 0.588  -2.269 1.00 1.00 ? 4 PHE A HE2 6  
ATOM 420  H HZ  . PHE A 1 4 ? -3.235 -0.972 -3.676 1.00 1.00 ? 4 PHE A HZ  6  
ATOM 421  N N   . MET A 1 5 ? -1.863 1.928  0.647  1.00 1.00 ? 5 MET A N   6  
ATOM 422  C CA  . MET A 1 5 ? -2.824 1.663  1.755  1.00 1.00 ? 5 MET A CA  6  
ATOM 423  C C   . MET A 1 5 ? -2.118 1.777  3.108  1.00 1.00 ? 5 MET A C   6  
ATOM 424  O O   . MET A 1 5 ? -2.257 2.810  3.743  1.00 1.00 ? 5 MET A O   6  
ATOM 425  C CB  . MET A 1 5 ? -3.311 0.232  1.522  1.00 1.00 ? 5 MET A CB  6  
ATOM 426  C CG  . MET A 1 5 ? -4.377 0.229  0.425  1.00 1.00 ? 5 MET A CG  6  
ATOM 427  S SD  . MET A 1 5 ? -6.016 0.065  1.176  1.00 1.00 ? 5 MET A SD  6  
ATOM 428  C CE  . MET A 1 5 ? -6.443 1.824  1.170  1.00 1.00 ? 5 MET A CE  6  
ATOM 429  O OXT . MET A 1 5 ? -1.448 0.829  3.487  1.00 1.00 ? 5 MET A OXT 6  
ATOM 430  H H   . MET A 1 5 ? -1.753 1.274  -0.073 1.00 1.00 ? 5 MET A H   6  
ATOM 431  H HA  . MET A 1 5 ? -3.655 2.348  1.704  1.00 1.00 ? 5 MET A HA  6  
ATOM 432  H HB2 . MET A 1 5 ? -2.478 -0.385 1.219  1.00 1.00 ? 5 MET A HB2 6  
ATOM 433  H HB3 . MET A 1 5 ? -3.735 -0.157 2.436  1.00 1.00 ? 5 MET A HB3 6  
ATOM 434  H HG2 . MET A 1 5 ? -4.326 1.152  -0.131 1.00 1.00 ? 5 MET A HG2 6  
ATOM 435  H HG3 . MET A 1 5 ? -4.204 -0.604 -0.242 1.00 1.00 ? 5 MET A HG3 6  
ATOM 436  H HE1 . MET A 1 5 ? -6.517 2.180  2.189  1.00 1.00 ? 5 MET A HE1 6  
ATOM 437  H HE2 . MET A 1 5 ? -7.390 1.963  0.675  1.00 1.00 ? 5 MET A HE2 6  
ATOM 438  H HE3 . MET A 1 5 ? -5.679 2.377  0.643  1.00 1.00 ? 5 MET A HE3 6  
ATOM 439  N N   . TYR A 1 1 ? -1.990 -3.948 -2.350 1.00 1.00 ? 1 TYR A N   7  
ATOM 440  C CA  . TYR A 1 1 ? -0.572 -3.934 -1.890 1.00 1.00 ? 1 TYR A CA  7  
ATOM 441  C C   . TYR A 1 1 ? -0.401 -2.948 -0.731 1.00 1.00 ? 1 TYR A C   7  
ATOM 442  O O   . TYR A 1 1 ? -1.298 -2.194 -0.408 1.00 1.00 ? 1 TYR A O   7  
ATOM 443  C CB  . TYR A 1 1 ? 0.235  -3.480 -3.107 1.00 1.00 ? 1 TYR A CB  7  
ATOM 444  C CG  . TYR A 1 1 ? 1.707  -3.505 -2.774 1.00 1.00 ? 1 TYR A CG  7  
ATOM 445  C CD1 . TYR A 1 1 ? 2.364  -4.730 -2.600 1.00 1.00 ? 1 TYR A CD1 7  
ATOM 446  C CD2 . TYR A 1 1 ? 2.415  -2.305 -2.641 1.00 1.00 ? 1 TYR A CD2 7  
ATOM 447  C CE1 . TYR A 1 1 ? 3.731  -4.753 -2.292 1.00 1.00 ? 1 TYR A CE1 7  
ATOM 448  C CE2 . TYR A 1 1 ? 3.780  -2.328 -2.332 1.00 1.00 ? 1 TYR A CE2 7  
ATOM 449  C CZ  . TYR A 1 1 ? 4.438  -3.553 -2.158 1.00 1.00 ? 1 TYR A CZ  7  
ATOM 450  O OH  . TYR A 1 1 ? 5.783  -3.575 -1.854 1.00 1.00 ? 1 TYR A OH  7  
ATOM 451  H H1  . TYR A 1 1 ? -2.184 -3.093 -2.906 1.00 1.00 ? 1 TYR A H1  7  
ATOM 452  H HA  . TYR A 1 1 ? -0.263 -4.923 -1.592 1.00 1.00 ? 1 TYR A HA  7  
ATOM 453  H HB2 . TYR A 1 1 ? 0.040  -4.146 -3.935 1.00 1.00 ? 1 TYR A HB2 7  
ATOM 454  H HB3 . TYR A 1 1 ? -0.055 -2.475 -3.377 1.00 1.00 ? 1 TYR A HB3 7  
ATOM 455  H HD1 . TYR A 1 1 ? 1.818  -5.656 -2.703 1.00 1.00 ? 1 TYR A HD1 7  
ATOM 456  H HD2 . TYR A 1 1 ? 1.908  -1.362 -2.775 1.00 1.00 ? 1 TYR A HD2 7  
ATOM 457  H HE1 . TYR A 1 1 ? 4.237  -5.697 -2.157 1.00 1.00 ? 1 TYR A HE1 7  
ATOM 458  H HE2 . TYR A 1 1 ? 4.327  -1.403 -2.229 1.00 1.00 ? 1 TYR A HE2 7  
ATOM 459  H HH  . TYR A 1 1 ? 6.102  -4.472 -1.982 1.00 1.00 ? 1 TYR A HH  7  
ATOM 460  N N   . GLY A 1 2 ? 0.742  -2.949 -0.101 1.00 1.00 ? 2 GLY A N   7  
ATOM 461  C CA  . GLY A 1 2 ? 0.967  -2.014 1.039  1.00 1.00 ? 2 GLY A CA  7  
ATOM 462  C C   . GLY A 1 2 ? 1.869  -0.862 0.590  1.00 1.00 ? 2 GLY A C   7  
ATOM 463  O O   . GLY A 1 2 ? 2.705  -0.390 1.335  1.00 1.00 ? 2 GLY A O   7  
ATOM 464  H H   . GLY A 1 2 ? 1.451  -3.566 -0.373 1.00 1.00 ? 2 GLY A H   7  
ATOM 465  H HA2 . GLY A 1 2 ? 0.018  -1.620 1.373  1.00 1.00 ? 2 GLY A HA2 7  
ATOM 466  H HA3 . GLY A 1 2 ? 1.442  -2.543 1.851  1.00 1.00 ? 2 GLY A HA3 7  
ATOM 467  N N   . GLY A 1 3 ? 1.708  -0.407 -0.622 1.00 1.00 ? 3 GLY A N   7  
ATOM 468  C CA  . GLY A 1 3 ? 2.558  0.714  -1.115 1.00 1.00 ? 3 GLY A CA  7  
ATOM 469  C C   . GLY A 1 3 ? 1.817  2.040  -0.927 1.00 1.00 ? 3 GLY A C   7  
ATOM 470  O O   . GLY A 1 3 ? 2.414  3.097  -0.898 1.00 1.00 ? 3 GLY A O   7  
ATOM 471  H H   . GLY A 1 3 ? 1.028  -0.800 -1.207 1.00 1.00 ? 3 GLY A H   7  
ATOM 472  H HA2 . GLY A 1 3 ? 3.483  0.737  -0.557 1.00 1.00 ? 3 GLY A HA2 7  
ATOM 473  H HA3 . GLY A 1 3 ? 2.771  0.571  -2.163 1.00 1.00 ? 3 GLY A HA3 7  
ATOM 474  N N   . PHE A 1 4 ? 0.518  1.993  -0.801 1.00 1.00 ? 4 PHE A N   7  
ATOM 475  C CA  . PHE A 1 4 ? -0.258 3.248  -0.615 1.00 1.00 ? 4 PHE A CA  7  
ATOM 476  C C   . PHE A 1 4 ? -1.000 3.221  0.724  1.00 1.00 ? 4 PHE A C   7  
ATOM 477  O O   . PHE A 1 4 ? -1.030 4.197  1.446  1.00 1.00 ? 4 PHE A O   7  
ATOM 478  C CB  . PHE A 1 4 ? -1.251 3.278  -1.778 1.00 1.00 ? 4 PHE A CB  7  
ATOM 479  C CG  . PHE A 1 4 ? -1.956 1.946  -1.873 1.00 1.00 ? 4 PHE A CG  7  
ATOM 480  C CD1 . PHE A 1 4 ? -1.403 0.914  -2.640 1.00 1.00 ? 4 PHE A CD1 7  
ATOM 481  C CD2 . PHE A 1 4 ? -3.162 1.743  -1.192 1.00 1.00 ? 4 PHE A CD2 7  
ATOM 482  C CE1 . PHE A 1 4 ? -2.055 -0.321 -2.727 1.00 1.00 ? 4 PHE A CE1 7  
ATOM 483  C CE2 . PHE A 1 4 ? -3.816 0.508  -1.279 1.00 1.00 ? 4 PHE A CE2 7  
ATOM 484  C CZ  . PHE A 1 4 ? -3.263 -0.524 -2.048 1.00 1.00 ? 4 PHE A CZ  7  
ATOM 485  H H   . PHE A 1 4 ? 0.056  1.134  -0.826 1.00 1.00 ? 4 PHE A H   7  
ATOM 486  H HA  . PHE A 1 4 ? 0.395  4.099  -0.667 1.00 1.00 ? 4 PHE A HA  7  
ATOM 487  H HB2 . PHE A 1 4 ? -1.977 4.059  -1.613 1.00 1.00 ? 4 PHE A HB2 7  
ATOM 488  H HB3 . PHE A 1 4 ? -0.721 3.469  -2.700 1.00 1.00 ? 4 PHE A HB3 7  
ATOM 489  H HD1 . PHE A 1 4 ? -0.473 1.072  -3.166 1.00 1.00 ? 4 PHE A HD1 7  
ATOM 490  H HD2 . PHE A 1 4 ? -3.590 2.539  -0.601 1.00 1.00 ? 4 PHE A HD2 7  
ATOM 491  H HE1 . PHE A 1 4 ? -1.629 -1.117 -3.320 1.00 1.00 ? 4 PHE A HE1 7  
ATOM 492  H HE2 . PHE A 1 4 ? -4.747 0.351  -0.755 1.00 1.00 ? 4 PHE A HE2 7  
ATOM 493  H HZ  . PHE A 1 4 ? -3.766 -1.477 -2.115 1.00 1.00 ? 4 PHE A HZ  7  
ATOM 494  N N   . MET A 1 5 ? -1.597 2.111  1.061  1.00 1.00 ? 5 MET A N   7  
ATOM 495  C CA  . MET A 1 5 ? -2.334 2.023  2.351  1.00 1.00 ? 5 MET A CA  7  
ATOM 496  C C   . MET A 1 5 ? -1.370 2.205  3.526  1.00 1.00 ? 5 MET A C   7  
ATOM 497  O O   . MET A 1 5 ? -1.781 1.960  4.647  1.00 1.00 ? 5 MET A O   7  
ATOM 498  C CB  . MET A 1 5 ? -2.944 0.621  2.367  1.00 1.00 ? 5 MET A CB  7  
ATOM 499  C CG  . MET A 1 5 ? -1.834 -0.421 2.228  1.00 1.00 ? 5 MET A CG  7  
ATOM 500  S SD  . MET A 1 5 ? -1.370 -1.031 3.868  1.00 1.00 ? 5 MET A SD  7  
ATOM 501  C CE  . MET A 1 5 ? -2.945 -1.823 4.272  1.00 1.00 ? 5 MET A CE  7  
ATOM 502  O OXT . MET A 1 5 ? -0.236 2.584  3.283  1.00 1.00 ? 5 MET A OXT 7  
ATOM 503  H H   . MET A 1 5 ? -1.561 1.336  0.465  1.00 1.00 ? 5 MET A H   7  
ATOM 504  H HA  . MET A 1 5 ? -3.115 2.764  2.386  1.00 1.00 ? 5 MET A HA  7  
ATOM 505  H HB2 . MET A 1 5 ? -3.469 0.468  3.299  1.00 1.00 ? 5 MET A HB2 7  
ATOM 506  H HB3 . MET A 1 5 ? -3.635 0.520  1.543  1.00 1.00 ? 5 MET A HB3 7  
ATOM 507  H HG2 . MET A 1 5 ? -2.187 -1.245 1.625  1.00 1.00 ? 5 MET A HG2 7  
ATOM 508  H HG3 . MET A 1 5 ? -0.975 0.028  1.754  1.00 1.00 ? 5 MET A HG3 7  
ATOM 509  H HE1 . MET A 1 5 ? -3.468 -2.069 3.356  1.00 1.00 ? 5 MET A HE1 7  
ATOM 510  H HE2 . MET A 1 5 ? -3.548 -1.151 4.858  1.00 1.00 ? 5 MET A HE2 7  
ATOM 511  H HE3 . MET A 1 5 ? -2.759 -2.725 4.837  1.00 1.00 ? 5 MET A HE3 7  
ATOM 512  N N   . TYR A 1 1 ? -2.080 -4.192 -2.127 1.00 1.00 ? 1 TYR A N   8  
ATOM 513  C CA  . TYR A 1 1 ? -0.629 -4.001 -1.840 1.00 1.00 ? 1 TYR A CA  8  
ATOM 514  C C   . TYR A 1 1 ? -0.445 -3.054 -0.652 1.00 1.00 ? 1 TYR A C   8  
ATOM 515  O O   . TYR A 1 1 ? -1.376 -2.412 -0.208 1.00 1.00 ? 1 TYR A O   8  
ATOM 516  C CB  . TYR A 1 1 ? -0.053 -3.381 -3.115 1.00 1.00 ? 1 TYR A CB  8  
ATOM 517  C CG  . TYR A 1 1 ? 1.443  -3.581 -3.141 1.00 1.00 ? 1 TYR A CG  8  
ATOM 518  C CD1 . TYR A 1 1 ? 1.976  -4.853 -3.385 1.00 1.00 ? 1 TYR A CD1 8  
ATOM 519  C CD2 . TYR A 1 1 ? 2.299  -2.495 -2.923 1.00 1.00 ? 1 TYR A CD2 8  
ATOM 520  C CE1 . TYR A 1 1 ? 3.363  -5.038 -3.411 1.00 1.00 ? 1 TYR A CE1 8  
ATOM 521  C CE2 . TYR A 1 1 ? 3.687  -2.680 -2.948 1.00 1.00 ? 1 TYR A CE2 8  
ATOM 522  C CZ  . TYR A 1 1 ? 4.219  -3.951 -3.192 1.00 1.00 ? 1 TYR A CZ  8  
ATOM 523  O OH  . TYR A 1 1 ? 5.586  -4.133 -3.217 1.00 1.00 ? 1 TYR A OH  8  
ATOM 524  H H1  . TYR A 1 1 ? -2.542 -3.265 -2.216 1.00 1.00 ? 1 TYR A H1  8  
ATOM 525  H HA  . TYR A 1 1 ? -0.155 -4.950 -1.645 1.00 1.00 ? 1 TYR A HA  8  
ATOM 526  H HB2 . TYR A 1 1 ? -0.496 -3.855 -3.978 1.00 1.00 ? 1 TYR A HB2 8  
ATOM 527  H HB3 . TYR A 1 1 ? -0.273 -2.324 -3.130 1.00 1.00 ? 1 TYR A HB3 8  
ATOM 528  H HD1 . TYR A 1 1 ? 1.316  -5.692 -3.553 1.00 1.00 ? 1 TYR A HD1 8  
ATOM 529  H HD2 . TYR A 1 1 ? 1.888  -1.514 -2.735 1.00 1.00 ? 1 TYR A HD2 8  
ATOM 530  H HE1 . TYR A 1 1 ? 3.773  -6.019 -3.598 1.00 1.00 ? 1 TYR A HE1 8  
ATOM 531  H HE2 . TYR A 1 1 ? 4.346  -1.842 -2.781 1.00 1.00 ? 1 TYR A HE2 8  
ATOM 532  H HH  . TYR A 1 1 ? 5.993  -3.298 -3.458 1.00 1.00 ? 1 TYR A HH  8  
ATOM 533  N N   . GLY A 1 2 ? 0.749  -2.965 -0.131 1.00 1.00 ? 2 GLY A N   8  
ATOM 534  C CA  . GLY A 1 2 ? 0.991  -2.060 1.029  1.00 1.00 ? 2 GLY A CA  8  
ATOM 535  C C   . GLY A 1 2 ? 1.897  -0.907 0.596  1.00 1.00 ? 2 GLY A C   8  
ATOM 536  O O   . GLY A 1 2 ? 2.772  -0.486 1.326  1.00 1.00 ? 2 GLY A O   8  
ATOM 537  H H   . GLY A 1 2 ? 1.486  -3.492 -0.504 1.00 1.00 ? 2 GLY A H   8  
ATOM 538  H HA2 . GLY A 1 2 ? 0.046  -1.667 1.380  1.00 1.00 ? 2 GLY A HA2 8  
ATOM 539  H HA3 . GLY A 1 2 ? 1.470  -2.614 1.822  1.00 1.00 ? 2 GLY A HA3 8  
ATOM 540  N N   . GLY A 1 3 ? 1.696  -0.394 -0.586 1.00 1.00 ? 3 GLY A N   8  
ATOM 541  C CA  . GLY A 1 3 ? 2.548  0.732  -1.064 1.00 1.00 ? 3 GLY A CA  8  
ATOM 542  C C   . GLY A 1 3 ? 1.787  2.049  -0.917 1.00 1.00 ? 3 GLY A C   8  
ATOM 543  O O   . GLY A 1 3 ? 2.371  3.115  -0.894 1.00 1.00 ? 3 GLY A O   8  
ATOM 544  H H   . GLY A 1 3 ? 0.986  -0.749 -1.161 1.00 1.00 ? 3 GLY A H   8  
ATOM 545  H HA2 . GLY A 1 3 ? 3.455  0.769  -0.476 1.00 1.00 ? 3 GLY A HA2 8  
ATOM 546  H HA3 . GLY A 1 3 ? 2.798  0.579  -2.103 1.00 1.00 ? 3 GLY A HA3 8  
ATOM 547  N N   . PHE A 1 4 ? 0.488  1.987  -0.815 1.00 1.00 ? 4 PHE A N   8  
ATOM 548  C CA  . PHE A 1 4 ? -0.308 3.236  -0.668 1.00 1.00 ? 4 PHE A CA  8  
ATOM 549  C C   . PHE A 1 4 ? -0.928 3.307  0.730  1.00 1.00 ? 4 PHE A C   8  
ATOM 550  O O   . PHE A 1 4 ? -0.963 4.349  1.353  1.00 1.00 ? 4 PHE A O   8  
ATOM 551  C CB  . PHE A 1 4 ? -1.400 3.140  -1.736 1.00 1.00 ? 4 PHE A CB  8  
ATOM 552  C CG  . PHE A 1 4 ? -2.113 1.816  -1.604 1.00 1.00 ? 4 PHE A CG  8  
ATOM 553  C CD1 . PHE A 1 4 ? -3.195 1.689  -0.727 1.00 1.00 ? 4 PHE A CD1 8  
ATOM 554  C CD2 . PHE A 1 4 ? -1.689 0.715  -2.358 1.00 1.00 ? 4 PHE A CD2 8  
ATOM 555  C CE1 . PHE A 1 4 ? -3.853 0.461  -0.601 1.00 1.00 ? 4 PHE A CE1 8  
ATOM 556  C CE2 . PHE A 1 4 ? -2.346 -0.513 -2.233 1.00 1.00 ? 4 PHE A CE2 8  
ATOM 557  C CZ  . PHE A 1 4 ? -3.428 -0.640 -1.354 1.00 1.00 ? 4 PHE A CZ  8  
ATOM 558  H H   . PHE A 1 4 ? 0.035  1.121  -0.835 1.00 1.00 ? 4 PHE A H   8  
ATOM 559  H HA  . PHE A 1 4 ? 0.311  4.095  -0.851 1.00 1.00 ? 4 PHE A HA  8  
ATOM 560  H HB2 . PHE A 1 4 ? -2.106 3.946  -1.602 1.00 1.00 ? 4 PHE A HB2 8  
ATOM 561  H HB3 . PHE A 1 4 ? -0.951 3.211  -2.717 1.00 1.00 ? 4 PHE A HB3 8  
ATOM 562  H HD1 . PHE A 1 4 ? -3.522 2.538  -0.146 1.00 1.00 ? 4 PHE A HD1 8  
ATOM 563  H HD2 . PHE A 1 4 ? -0.854 0.814  -3.035 1.00 1.00 ? 4 PHE A HD2 8  
ATOM 564  H HE1 . PHE A 1 4 ? -4.688 0.362  0.077  1.00 1.00 ? 4 PHE A HE1 8  
ATOM 565  H HE2 . PHE A 1 4 ? -2.019 -1.363 -2.813 1.00 1.00 ? 4 PHE A HE2 8  
ATOM 566  H HZ  . PHE A 1 4 ? -3.934 -1.588 -1.255 1.00 1.00 ? 4 PHE A HZ  8  
ATOM 567  N N   . MET A 1 5 ? -1.418 2.205  1.228  1.00 1.00 ? 5 MET A N   8  
ATOM 568  C CA  . MET A 1 5 ? -2.036 2.207  2.583  1.00 1.00 ? 5 MET A CA  8  
ATOM 569  C C   . MET A 1 5 ? -0.994 2.578  3.640  1.00 1.00 ? 5 MET A C   8  
ATOM 570  O O   . MET A 1 5 ? -1.368 2.701  4.794  1.00 1.00 ? 5 MET A O   8  
ATOM 571  C CB  . MET A 1 5 ? -2.532 0.775  2.796  1.00 1.00 ? 5 MET A CB  8  
ATOM 572  C CG  . MET A 1 5 ? -1.375 -0.204 2.586  1.00 1.00 ? 5 MET A CG  8  
ATOM 573  S SD  . MET A 1 5 ? -0.693 -0.682 4.193  1.00 1.00 ? 5 MET A SD  8  
ATOM 574  C CE  . MET A 1 5 ? -0.686 -2.470 3.913  1.00 1.00 ? 5 MET A CE  8  
ATOM 575  O OXT . MET A 1 5 ? 0.161  2.732  3.276  1.00 1.00 ? 5 MET A OXT 8  
ATOM 576  H H   . MET A 1 5 ? -1.382 1.376  0.710  1.00 1.00 ? 5 MET A H   8  
ATOM 577  H HA  . MET A 1 5 ? -2.867 2.891  2.614  1.00 1.00 ? 5 MET A HA  8  
ATOM 578  H HB2 . MET A 1 5 ? -2.915 0.673  3.800  1.00 1.00 ? 5 MET A HB2 8  
ATOM 579  H HB3 . MET A 1 5 ? -3.317 0.557  2.086  1.00 1.00 ? 5 MET A HB3 8  
ATOM 580  H HG2 . MET A 1 5 ? -1.736 -1.083 2.073  1.00 1.00 ? 5 MET A HG2 8  
ATOM 581  H HG3 . MET A 1 5 ? -0.605 0.267  1.994  1.00 1.00 ? 5 MET A HG3 8  
ATOM 582  H HE1 . MET A 1 5 ? -1.280 -2.955 4.676  1.00 1.00 ? 5 MET A HE1 8  
ATOM 583  H HE2 . MET A 1 5 ? 0.326  -2.840 3.959  1.00 1.00 ? 5 MET A HE2 8  
ATOM 584  H HE3 . MET A 1 5 ? -1.101 -2.682 2.938  1.00 1.00 ? 5 MET A HE3 8  
ATOM 585  N N   . TYR A 1 1 ? -1.509 -4.099 -2.676 1.00 1.00 ? 1 TYR A N   9  
ATOM 586  C CA  . TYR A 1 1 ? -0.187 -4.050 -1.987 1.00 1.00 ? 1 TYR A CA  9  
ATOM 587  C C   . TYR A 1 1 ? -0.204 -2.991 -0.883 1.00 1.00 ? 1 TYR A C   9  
ATOM 588  O O   . TYR A 1 1 ? -1.136 -2.220 -0.763 1.00 1.00 ? 1 TYR A O   9  
ATOM 589  C CB  . TYR A 1 1 ? 0.815  -3.671 -3.078 1.00 1.00 ? 1 TYR A CB  9  
ATOM 590  C CG  . TYR A 1 1 ? 2.218  -3.775 -2.531 1.00 1.00 ? 1 TYR A CG  9  
ATOM 591  C CD1 . TYR A 1 1 ? 2.606  -4.913 -1.814 1.00 1.00 ? 1 TYR A CD1 9  
ATOM 592  C CD2 . TYR A 1 1 ? 3.130  -2.733 -2.739 1.00 1.00 ? 1 TYR A CD2 9  
ATOM 593  C CE1 . TYR A 1 1 ? 3.906  -5.010 -1.304 1.00 1.00 ? 1 TYR A CE1 9  
ATOM 594  C CE2 . TYR A 1 1 ? 4.430  -2.830 -2.230 1.00 1.00 ? 1 TYR A CE2 9  
ATOM 595  C CZ  . TYR A 1 1 ? 4.818  -3.967 -1.512 1.00 1.00 ? 1 TYR A CZ  9  
ATOM 596  O OH  . TYR A 1 1 ? 6.100  -4.063 -1.010 1.00 1.00 ? 1 TYR A OH  9  
ATOM 597  H H1  . TYR A 1 1 ? -2.269 -3.990 -1.976 1.00 1.00 ? 1 TYR A H1  9  
ATOM 598  H HA  . TYR A 1 1 ? 0.062  -5.018 -1.579 1.00 1.00 ? 1 TYR A HA  9  
ATOM 599  H HB2 . TYR A 1 1 ? 0.705  -4.341 -3.919 1.00 1.00 ? 1 TYR A HB2 9  
ATOM 600  H HB3 . TYR A 1 1 ? 0.630  -2.656 -3.401 1.00 1.00 ? 1 TYR A HB3 9  
ATOM 601  H HD1 . TYR A 1 1 ? 1.902  -5.716 -1.655 1.00 1.00 ? 1 TYR A HD1 9  
ATOM 602  H HD2 . TYR A 1 1 ? 2.829  -1.855 -3.291 1.00 1.00 ? 1 TYR A HD2 9  
ATOM 603  H HE1 . TYR A 1 1 ? 4.205  -5.887 -0.752 1.00 1.00 ? 1 TYR A HE1 9  
ATOM 604  H HE2 . TYR A 1 1 ? 5.133  -2.027 -2.390 1.00 1.00 ? 1 TYR A HE2 9  
ATOM 605  H HH  . TYR A 1 1 ? 6.676  -4.360 -1.718 1.00 1.00 ? 1 TYR A HH  9  
ATOM 606  N N   . GLY A 1 2 ? 0.822  -2.944 -0.078 1.00 1.00 ? 2 GLY A N   9  
ATOM 607  C CA  . GLY A 1 2 ? 0.866  -1.933 1.015  1.00 1.00 ? 2 GLY A CA  9  
ATOM 608  C C   . GLY A 1 2 ? 1.758  -0.764 0.592  1.00 1.00 ? 2 GLY A C   9  
ATOM 609  O O   . GLY A 1 2 ? 2.451  -0.175 1.397  1.00 1.00 ? 2 GLY A O   9  
ATOM 610  H H   . GLY A 1 2 ? 1.565  -3.572 -0.194 1.00 1.00 ? 2 GLY A H   9  
ATOM 611  H HA2 . GLY A 1 2 ? -0.134 -1.573 1.213  1.00 1.00 ? 2 GLY A HA2 9  
ATOM 612  H HA3 . GLY A 1 2 ? 1.270  -2.383 1.909  1.00 1.00 ? 2 GLY A HA3 9  
ATOM 613  N N   . GLY A 1 3 ? 1.746  -0.425 -0.669 1.00 1.00 ? 3 GLY A N   9  
ATOM 614  C CA  . GLY A 1 3 ? 2.594  0.703  -1.146 1.00 1.00 ? 3 GLY A CA  9  
ATOM 615  C C   . GLY A 1 3 ? 1.829  2.019  -1.006 1.00 1.00 ? 3 GLY A C   9  
ATOM 616  O O   . GLY A 1 3 ? 2.384  3.090  -1.154 1.00 1.00 ? 3 GLY A O   9  
ATOM 617  H H   . GLY A 1 3 ? 1.180  -0.915 -1.301 1.00 1.00 ? 3 GLY A H   9  
ATOM 618  H HA2 . GLY A 1 3 ? 3.499  0.747  -0.555 1.00 1.00 ? 3 GLY A HA2 9  
ATOM 619  H HA3 . GLY A 1 3 ? 2.849  0.548  -2.184 1.00 1.00 ? 3 GLY A HA3 9  
ATOM 620  N N   . PHE A 1 4 ? 0.557  1.951  -0.720 1.00 1.00 ? 4 PHE A N   9  
ATOM 621  C CA  . PHE A 1 4 ? -0.239 3.200  -0.569 1.00 1.00 ? 4 PHE A CA  9  
ATOM 622  C C   . PHE A 1 4 ? -1.011 3.178  0.752  1.00 1.00 ? 4 PHE A C   9  
ATOM 623  O O   . PHE A 1 4 ? -1.033 4.147  1.485  1.00 1.00 ? 4 PHE A O   9  
ATOM 624  C CB  . PHE A 1 4 ? -1.203 3.204  -1.756 1.00 1.00 ? 4 PHE A CB  9  
ATOM 625  C CG  . PHE A 1 4 ? -1.832 1.838  -1.904 1.00 1.00 ? 4 PHE A CG  9  
ATOM 626  C CD1 . PHE A 1 4 ? -1.158 0.832  -2.604 1.00 1.00 ? 4 PHE A CD1 9  
ATOM 627  C CD2 . PHE A 1 4 ? -3.086 1.579  -1.339 1.00 1.00 ? 4 PHE A CD2 9  
ATOM 628  C CE1 . PHE A 1 4 ? -1.738 -0.434 -2.741 1.00 1.00 ? 4 PHE A CE1 9  
ATOM 629  C CE2 . PHE A 1 4 ? -3.666 0.311  -1.475 1.00 1.00 ? 4 PHE A CE2 9  
ATOM 630  C CZ  . PHE A 1 4 ? -2.991 -0.695 -2.176 1.00 1.00 ? 4 PHE A CZ  9  
ATOM 631  H H   . PHE A 1 4 ? 0.127  1.083  -0.603 1.00 1.00 ? 4 PHE A H   9  
ATOM 632  H HA  . PHE A 1 4 ? 0.405  4.059  -0.615 1.00 1.00 ? 4 PHE A HA  9  
ATOM 633  H HB2 . PHE A 1 4 ? -1.977 3.939  -1.587 1.00 1.00 ? 4 PHE A HB2 9  
ATOM 634  H HB3 . PHE A 1 4 ? -0.664 3.450  -2.658 1.00 1.00 ? 4 PHE A HB3 9  
ATOM 635  H HD1 . PHE A 1 4 ? -0.190 1.033  -3.040 1.00 1.00 ? 4 PHE A HD1 9  
ATOM 636  H HD2 . PHE A 1 4 ? -3.607 2.355  -0.798 1.00 1.00 ? 4 PHE A HD2 9  
ATOM 637  H HE1 . PHE A 1 4 ? -1.217 -1.211 -3.282 1.00 1.00 ? 4 PHE A HE1 9  
ATOM 638  H HE2 . PHE A 1 4 ? -4.634 0.112  -1.040 1.00 1.00 ? 4 PHE A HE2 9  
ATOM 639  H HZ  . PHE A 1 4 ? -3.439 -1.672 -2.283 1.00 1.00 ? 4 PHE A HZ  9  
ATOM 640  N N   . MET A 1 5 ? -1.646 2.081  1.061  1.00 1.00 ? 5 MET A N   9  
ATOM 641  C CA  . MET A 1 5 ? -2.415 2.001  2.333  1.00 1.00 ? 5 MET A CA  9  
ATOM 642  C C   . MET A 1 5 ? -1.472 2.144  3.530  1.00 1.00 ? 5 MET A C   9  
ATOM 643  O O   . MET A 1 5 ? -1.960 2.422  4.614  1.00 1.00 ? 5 MET A O   9  
ATOM 644  C CB  . MET A 1 5 ? -3.061 0.614  2.319  1.00 1.00 ? 5 MET A CB  9  
ATOM 645  C CG  . MET A 1 5 ? -1.971 -0.458 2.253  1.00 1.00 ? 5 MET A CG  9  
ATOM 646  S SD  . MET A 1 5 ? -1.501 -0.945 3.931  1.00 1.00 ? 5 MET A SD  9  
ATOM 647  C CE  . MET A 1 5 ? -1.583 -2.734 3.679  1.00 1.00 ? 5 MET A CE  9  
ATOM 648  O OXT . MET A 1 5 ? -0.279 1.973  3.344  1.00 1.00 ? 5 MET A OXT 9  
ATOM 649  H H   . MET A 1 5 ? -1.617 1.313  0.459  1.00 1.00 ? 5 MET A H   9  
ATOM 650  H HA  . MET A 1 5 ? -3.177 2.761  2.357  1.00 1.00 ? 5 MET A HA  9  
ATOM 651  H HB2 . MET A 1 5 ? -3.644 0.481  3.219  1.00 1.00 ? 5 MET A HB2 9  
ATOM 652  H HB3 . MET A 1 5 ? -3.703 0.525  1.456  1.00 1.00 ? 5 MET A HB3 9  
ATOM 653  H HG2 . MET A 1 5 ? -2.344 -1.318 1.718  1.00 1.00 ? 5 MET A HG2 9  
ATOM 654  H HG3 . MET A 1 5 ? -1.108 -0.060 1.740  1.00 1.00 ? 5 MET A HG3 9  
ATOM 655  H HE1 . MET A 1 5 ? -0.668 -3.074 3.214  1.00 1.00 ? 5 MET A HE1 9  
ATOM 656  H HE2 . MET A 1 5 ? -2.419 -2.973 3.041  1.00 1.00 ? 5 MET A HE2 9  
ATOM 657  H HE3 . MET A 1 5 ? -1.711 -3.227 4.635  1.00 1.00 ? 5 MET A HE3 9  
ATOM 658  N N   . TYR A 1 1 ? -2.422 -4.768 -0.900 1.00 1.00 ? 1 TYR A N   10 
ATOM 659  C CA  . TYR A 1 1 ? -1.258 -3.918 -1.285 1.00 1.00 ? 1 TYR A CA  10 
ATOM 660  C C   . TYR A 1 1 ? -0.707 -3.188 -0.056 1.00 1.00 ? 1 TYR A C   10 
ATOM 661  O O   . TYR A 1 1 ? -1.404 -2.973 0.915  1.00 1.00 ? 1 TYR A O   10 
ATOM 662  C CB  . TYR A 1 1 ? -1.815 -2.919 -2.299 1.00 1.00 ? 1 TYR A CB  10 
ATOM 663  C CG  . TYR A 1 1 ? -1.211 -3.191 -3.657 1.00 1.00 ? 1 TYR A CG  10 
ATOM 664  C CD1 . TYR A 1 1 ? 0.011  -2.604 -4.009 1.00 1.00 ? 1 TYR A CD1 10 
ATOM 665  C CD2 . TYR A 1 1 ? -1.874 -4.027 -4.564 1.00 1.00 ? 1 TYR A CD2 10 
ATOM 666  C CE1 . TYR A 1 1 ? 0.570  -2.854 -5.268 1.00 1.00 ? 1 TYR A CE1 10 
ATOM 667  C CE2 . TYR A 1 1 ? -1.313 -4.277 -5.823 1.00 1.00 ? 1 TYR A CE2 10 
ATOM 668  C CZ  . TYR A 1 1 ? -0.092 -3.691 -6.175 1.00 1.00 ? 1 TYR A CZ  10 
ATOM 669  O OH  . TYR A 1 1 ? 0.459  -3.938 -7.415 1.00 1.00 ? 1 TYR A OH  10 
ATOM 670  H H1  . TYR A 1 1 ? -3.115 -4.774 -1.674 1.00 1.00 ? 1 TYR A H1  10 
ATOM 671  H HA  . TYR A 1 1 ? -0.489 -4.520 -1.744 1.00 1.00 ? 1 TYR A HA  10 
ATOM 672  H HB2 . TYR A 1 1 ? -2.888 -3.025 -2.355 1.00 1.00 ? 1 TYR A HB2 10 
ATOM 673  H HB3 . TYR A 1 1 ? -1.566 -1.915 -1.990 1.00 1.00 ? 1 TYR A HB3 10 
ATOM 674  H HD1 . TYR A 1 1 ? 0.522  -1.959 -3.310 1.00 1.00 ? 1 TYR A HD1 10 
ATOM 675  H HD2 . TYR A 1 1 ? -2.816 -4.479 -4.293 1.00 1.00 ? 1 TYR A HD2 10 
ATOM 676  H HE1 . TYR A 1 1 ? 1.512  -2.402 -5.539 1.00 1.00 ? 1 TYR A HE1 10 
ATOM 677  H HE2 . TYR A 1 1 ? -1.825 -4.922 -6.522 1.00 1.00 ? 1 TYR A HE2 10 
ATOM 678  H HH  . TYR A 1 1 ? -0.104 -3.529 -8.077 1.00 1.00 ? 1 TYR A HH  10 
ATOM 679  N N   . GLY A 1 2 ? 0.542  -2.806 -0.092 1.00 1.00 ? 2 GLY A N   10 
ATOM 680  C CA  . GLY A 1 2 ? 1.135  -2.094 1.073  1.00 1.00 ? 2 GLY A CA  10 
ATOM 681  C C   . GLY A 1 2 ? 1.990  -0.926 0.580  1.00 1.00 ? 2 GLY A C   10 
ATOM 682  O O   . GLY A 1 2 ? 2.893  -0.475 1.256  1.00 1.00 ? 2 GLY A O   10 
ATOM 683  H H   . GLY A 1 2 ? 1.088  -2.990 -0.881 1.00 1.00 ? 2 GLY A H   10 
ATOM 684  H HA2 . GLY A 1 2 ? 0.344  -1.722 1.706  1.00 1.00 ? 2 GLY A HA2 10 
ATOM 685  H HA3 . GLY A 1 2 ? 1.755  -2.778 1.632  1.00 1.00 ? 2 GLY A HA3 10 
ATOM 686  N N   . GLY A 1 3 ? 1.715  -0.429 -0.595 1.00 1.00 ? 3 GLY A N   10 
ATOM 687  C CA  . GLY A 1 3 ? 2.514  0.710  -1.129 1.00 1.00 ? 3 GLY A CA  10 
ATOM 688  C C   . GLY A 1 3 ? 1.811  2.028  -0.800 1.00 1.00 ? 3 GLY A C   10 
ATOM 689  O O   . GLY A 1 3 ? 2.437  3.005  -0.445 1.00 1.00 ? 3 GLY A O   10 
ATOM 690  H H   . GLY A 1 3 ? 0.983  -0.806 -1.128 1.00 1.00 ? 3 GLY A H   10 
ATOM 691  H HA2 . GLY A 1 3 ? 3.498  0.703  -0.677 1.00 1.00 ? 3 GLY A HA2 10 
ATOM 692  H HA3 . GLY A 1 3 ? 2.609  0.614  -2.200 1.00 1.00 ? 3 GLY A HA3 10 
ATOM 693  N N   . PHE A 1 4 ? 0.512  2.059  -0.915 1.00 1.00 ? 4 PHE A N   10 
ATOM 694  C CA  . PHE A 1 4 ? -0.235 3.311  -0.611 1.00 1.00 ? 4 PHE A CA  10 
ATOM 695  C C   . PHE A 1 4 ? -1.066 3.134  0.663  1.00 1.00 ? 4 PHE A C   10 
ATOM 696  O O   . PHE A 1 4 ? -1.333 4.079  1.377  1.00 1.00 ? 4 PHE A O   10 
ATOM 697  C CB  . PHE A 1 4 ? -1.147 3.536  -1.818 1.00 1.00 ? 4 PHE A CB  10 
ATOM 698  C CG  . PHE A 1 4 ? -1.849 2.245  -2.165 1.00 1.00 ? 4 PHE A CG  10 
ATOM 699  C CD1 . PHE A 1 4 ? -2.993 1.858  -1.455 1.00 1.00 ? 4 PHE A CD1 10 
ATOM 700  C CD2 . PHE A 1 4 ? -1.352 1.433  -3.191 1.00 1.00 ? 4 PHE A CD2 10 
ATOM 701  C CE1 . PHE A 1 4 ? -3.639 0.658  -1.773 1.00 1.00 ? 4 PHE A CE1 10 
ATOM 702  C CE2 . PHE A 1 4 ? -1.999 0.234  -3.509 1.00 1.00 ? 4 PHE A CE2 10 
ATOM 703  C CZ  . PHE A 1 4 ? -3.143 -0.155 -2.800 1.00 1.00 ? 4 PHE A CZ  10 
ATOM 704  H H   . PHE A 1 4 ? 0.029  1.262  -1.201 1.00 1.00 ? 4 PHE A H   10 
ATOM 705  H HA  . PHE A 1 4 ? 0.446  4.135  -0.507 1.00 1.00 ? 4 PHE A HA  10 
ATOM 706  H HB2 . PHE A 1 4 ? -1.881 4.293  -1.578 1.00 1.00 ? 4 PHE A HB2 10 
ATOM 707  H HB3 . PHE A 1 4 ? -0.556 3.862  -2.661 1.00 1.00 ? 4 PHE A HB3 10 
ATOM 708  H HD1 . PHE A 1 4 ? -3.375 2.484  -0.663 1.00 1.00 ? 4 PHE A HD1 10 
ATOM 709  H HD2 . PHE A 1 4 ? -0.470 1.733  -3.737 1.00 1.00 ? 4 PHE A HD2 10 
ATOM 710  H HE1 . PHE A 1 4 ? -4.522 0.358  -1.227 1.00 1.00 ? 4 PHE A HE1 10 
ATOM 711  H HE2 . PHE A 1 4 ? -1.618 -0.392 -4.302 1.00 1.00 ? 4 PHE A HE2 10 
ATOM 712  H HZ  . PHE A 1 4 ? -3.641 -1.081 -3.043 1.00 1.00 ? 4 PHE A HZ  10 
ATOM 713  N N   . MET A 1 5 ? -1.475 1.929  0.953  1.00 1.00 ? 5 MET A N   10 
ATOM 714  C CA  . MET A 1 5 ? -2.288 1.691  2.180  1.00 1.00 ? 5 MET A CA  10 
ATOM 715  C C   . MET A 1 5 ? -1.598 2.307  3.400  1.00 1.00 ? 5 MET A C   10 
ATOM 716  O O   . MET A 1 5 ? -0.419 2.611  3.300  1.00 1.00 ? 5 MET A O   10 
ATOM 717  C CB  . MET A 1 5 ? -2.363 0.171  2.315  1.00 1.00 ? 5 MET A CB  10 
ATOM 718  C CG  . MET A 1 5 ? -3.513 -0.362 1.461  1.00 1.00 ? 5 MET A CG  10 
ATOM 719  S SD  . MET A 1 5 ? -4.345 -1.707 2.342  1.00 1.00 ? 5 MET A SD  10 
ATOM 720  C CE  . MET A 1 5 ? -5.513 -2.146 1.031  1.00 1.00 ? 5 MET A CE  10 
ATOM 721  O OXT . MET A 1 5 ? -2.259 2.466  4.412  1.00 1.00 ? 5 MET A OXT 10 
ATOM 722  H H   . MET A 1 5 ? -1.248 1.179  0.363  1.00 1.00 ? 5 MET A H   10 
ATOM 723  H HA  . MET A 1 5 ? -3.278 2.100  2.060  1.00 1.00 ? 5 MET A HA  10 
ATOM 724  H HB2 . MET A 1 5 ? -1.432 -0.267 1.984  1.00 1.00 ? 5 MET A HB2 10 
ATOM 725  H HB3 . MET A 1 5 ? -2.535 -0.089 3.350  1.00 1.00 ? 5 MET A HB3 10 
ATOM 726  H HG2 . MET A 1 5 ? -4.217 0.434  1.268  1.00 1.00 ? 5 MET A HG2 10 
ATOM 727  H HG3 . MET A 1 5 ? -3.124 -0.733 0.524  1.00 1.00 ? 5 MET A HG3 10 
ATOM 728  H HE1 . MET A 1 5 ? -5.054 -1.973 0.068  1.00 1.00 ? 5 MET A HE1 10 
ATOM 729  H HE2 . MET A 1 5 ? -6.399 -1.539 1.119  1.00 1.00 ? 5 MET A HE2 10 
ATOM 730  H HE3 . MET A 1 5 ? -5.782 -3.190 1.126  1.00 1.00 ? 5 MET A HE3 10 
ATOM 731  N N   . TYR A 1 1 ? -1.923 -4.189 -2.288 1.00 1.00 ? 1 TYR A N   11 
ATOM 732  C CA  . TYR A 1 1 ? -0.506 -4.073 -1.835 1.00 1.00 ? 1 TYR A CA  11 
ATOM 733  C C   . TYR A 1 1 ? -0.403 -3.085 -0.672 1.00 1.00 ? 1 TYR A C   11 
ATOM 734  O O   . TYR A 1 1 ? -1.372 -2.460 -0.287 1.00 1.00 ? 1 TYR A O   11 
ATOM 735  C CB  . TYR A 1 1 ? 0.257  -3.552 -3.054 1.00 1.00 ? 1 TYR A CB  11 
ATOM 736  C CG  . TYR A 1 1 ? 1.741  -3.618 -2.787 1.00 1.00 ? 1 TYR A CG  11 
ATOM 737  C CD1 . TYR A 1 1 ? 2.311  -4.790 -2.276 1.00 1.00 ? 1 TYR A CD1 11 
ATOM 738  C CD2 . TYR A 1 1 ? 2.551  -2.505 -3.052 1.00 1.00 ? 1 TYR A CD2 11 
ATOM 739  C CE1 . TYR A 1 1 ? 3.688  -4.850 -2.029 1.00 1.00 ? 1 TYR A CE1 11 
ATOM 740  C CE2 . TYR A 1 1 ? 3.927  -2.566 -2.805 1.00 1.00 ? 1 TYR A CE2 11 
ATOM 741  C CZ  . TYR A 1 1 ? 4.496  -3.740 -2.295 1.00 1.00 ? 1 TYR A CZ  11 
ATOM 742  O OH  . TYR A 1 1 ? 5.854  -3.799 -2.052 1.00 1.00 ? 1 TYR A OH  11 
ATOM 743  H H1  . TYR A 1 1 ? -2.374 -3.253 -2.257 1.00 1.00 ? 1 TYR A H1  11 
ATOM 744  H HA  . TYR A 1 1 ? -0.123 -5.038 -1.545 1.00 1.00 ? 1 TYR A HA  11 
ATOM 745  H HB2 . TYR A 1 1 ? 0.017  -4.158 -3.914 1.00 1.00 ? 1 TYR A HB2 11 
ATOM 746  H HB3 . TYR A 1 1 ? -0.028 -2.528 -3.244 1.00 1.00 ? 1 TYR A HB3 11 
ATOM 747  H HD1 . TYR A 1 1 ? 1.688  -5.647 -2.072 1.00 1.00 ? 1 TYR A HD1 11 
ATOM 748  H HD2 . TYR A 1 1 ? 2.112  -1.600 -3.445 1.00 1.00 ? 1 TYR A HD2 11 
ATOM 749  H HE1 . TYR A 1 1 ? 4.126  -5.756 -1.636 1.00 1.00 ? 1 TYR A HE1 11 
ATOM 750  H HE2 . TYR A 1 1 ? 4.551  -1.707 -3.010 1.00 1.00 ? 1 TYR A HE2 11 
ATOM 751  H HH  . TYR A 1 1 ? 6.253  -2.995 -2.391 1.00 1.00 ? 1 TYR A HH  11 
ATOM 752  N N   . GLY A 1 2 ? 0.766  -2.937 -0.111 1.00 1.00 ? 2 GLY A N   11 
ATOM 753  C CA  . GLY A 1 2 ? 0.931  -1.989 1.026  1.00 1.00 ? 2 GLY A CA  11 
ATOM 754  C C   . GLY A 1 2 ? 1.832  -0.830 0.600  1.00 1.00 ? 2 GLY A C   11 
ATOM 755  O O   . GLY A 1 2 ? 2.615  -0.320 1.376  1.00 1.00 ? 2 GLY A O   11 
ATOM 756  H H   . GLY A 1 2 ? 1.533  -3.449 -0.437 1.00 1.00 ? 2 GLY A H   11 
ATOM 757  H HA2 . GLY A 1 2 ? -0.037 -1.607 1.318  1.00 1.00 ? 2 GLY A HA2 11 
ATOM 758  H HA3 . GLY A 1 2 ? 1.382  -2.502 1.861  1.00 1.00 ? 2 GLY A HA3 11 
ATOM 759  N N   . GLY A 1 3 ? 1.728  -0.409 -0.631 1.00 1.00 ? 3 GLY A N   11 
ATOM 760  C CA  . GLY A 1 3 ? 2.579  0.717  -1.106 1.00 1.00 ? 3 GLY A CA  11 
ATOM 761  C C   . GLY A 1 3 ? 1.812  2.034  -0.964 1.00 1.00 ? 3 GLY A C   11 
ATOM 762  O O   . GLY A 1 3 ? 2.381  3.105  -1.036 1.00 1.00 ? 3 GLY A O   11 
ATOM 763  H H   . GLY A 1 3 ? 1.090  -0.832 -1.242 1.00 1.00 ? 3 GLY A H   11 
ATOM 764  H HA2 . GLY A 1 3 ? 3.482  0.760  -0.514 1.00 1.00 ? 3 GLY A HA2 11 
ATOM 765  H HA3 . GLY A 1 3 ? 2.836  0.564  -2.143 1.00 1.00 ? 3 GLY A HA3 11 
ATOM 766  N N   . PHE A 1 4 ? 0.524  1.961  -0.765 1.00 1.00 ? 4 PHE A N   11 
ATOM 767  C CA  . PHE A 1 4 ? -0.278 3.206  -0.619 1.00 1.00 ? 4 PHE A CA  11 
ATOM 768  C C   . PHE A 1 4 ? -0.972 3.232  0.745  1.00 1.00 ? 4 PHE A C   11 
ATOM 769  O O   . PHE A 1 4 ? -0.997 4.241  1.422  1.00 1.00 ? 4 PHE A O   11 
ATOM 770  C CB  . PHE A 1 4 ? -1.311 3.149  -1.746 1.00 1.00 ? 4 PHE A CB  11 
ATOM 771  C CG  . PHE A 1 4 ? -1.963 1.786  -1.767 1.00 1.00 ? 4 PHE A CG  11 
ATOM 772  C CD1 . PHE A 1 4 ? -1.383 0.742  -2.499 1.00 1.00 ? 4 PHE A CD1 11 
ATOM 773  C CD2 . PHE A 1 4 ? -3.152 1.568  -1.058 1.00 1.00 ? 4 PHE A CD2 11 
ATOM 774  C CE1 . PHE A 1 4 ? -1.990 -0.520 -2.520 1.00 1.00 ? 4 PHE A CE1 11 
ATOM 775  C CE2 . PHE A 1 4 ? -3.759 0.307  -1.081 1.00 1.00 ? 4 PHE A CE2 11 
ATOM 776  C CZ  . PHE A 1 4 ? -3.179 -0.736 -1.811 1.00 1.00 ? 4 PHE A CZ  11 
ATOM 777  H H   . PHE A 1 4 ? 0.087  1.091  -0.711 1.00 1.00 ? 4 PHE A H   11 
ATOM 778  H HA  . PHE A 1 4 ? 0.349  4.070  -0.739 1.00 1.00 ? 4 PHE A HA  11 
ATOM 779  H HB2 . PHE A 1 4 ? -2.063 3.906  -1.582 1.00 1.00 ? 4 PHE A HB2 11 
ATOM 780  H HB3 . PHE A 1 4 ? -0.820 3.326  -2.691 1.00 1.00 ? 4 PHE A HB3 11 
ATOM 781  H HD1 . PHE A 1 4 ? -0.465 0.909  -3.044 1.00 1.00 ? 4 PHE A HD1 11 
ATOM 782  H HD2 . PHE A 1 4 ? -3.599 2.374  -0.495 1.00 1.00 ? 4 PHE A HD2 11 
ATOM 783  H HE1 . PHE A 1 4 ? -1.543 -1.325 -3.083 1.00 1.00 ? 4 PHE A HE1 11 
ATOM 784  H HE2 . PHE A 1 4 ? -4.675 0.139  -0.534 1.00 1.00 ? 4 PHE A HE2 11 
ATOM 785  H HZ  . PHE A 1 4 ? -3.648 -1.709 -1.830 1.00 1.00 ? 4 PHE A HZ  11 
ATOM 786  N N   . MET A 1 5 ? -1.539 2.129  1.153  1.00 1.00 ? 5 MET A N   11 
ATOM 787  C CA  . MET A 1 5 ? -2.233 2.087  2.469  1.00 1.00 ? 5 MET A CA  11 
ATOM 788  C C   . MET A 1 5 ? -1.234 2.320  3.606  1.00 1.00 ? 5 MET A C   11 
ATOM 789  O O   . MET A 1 5 ? -1.514 1.887  4.712  1.00 1.00 ? 5 MET A O   11 
ATOM 790  C CB  . MET A 1 5 ? -2.829 0.682  2.555  1.00 1.00 ? 5 MET A CB  11 
ATOM 791  C CG  . MET A 1 5 ? -1.719 -0.356 2.380  1.00 1.00 ? 5 MET A CG  11 
ATOM 792  S SD  . MET A 1 5 ? -1.229 -0.995 4.001  1.00 1.00 ? 5 MET A SD  11 
ATOM 793  C CE  . MET A 1 5 ? -1.462 -2.751 3.629  1.00 1.00 ? 5 MET A CE  11 
ATOM 794  O OXT . MET A 1 5 ? -0.207 2.928  3.350  1.00 1.00 ? 5 MET A OXT 11 
ATOM 795  H H   . MET A 1 5 ? -1.509 1.328  0.591  1.00 1.00 ? 5 MET A H   11 
ATOM 796  H HA  . MET A 1 5 ? -3.019 2.821  2.500  1.00 1.00 ? 5 MET A HA  11 
ATOM 797  H HB2 . MET A 1 5 ? -3.299 0.549  3.519  1.00 1.00 ? 5 MET A HB2 11 
ATOM 798  H HB3 . MET A 1 5 ? -3.564 0.554  1.775  1.00 1.00 ? 5 MET A HB3 11 
ATOM 799  H HG2 . MET A 1 5 ? -2.080 -1.169 1.768  1.00 1.00 ? 5 MET A HG2 11 
ATOM 800  H HG3 . MET A 1 5 ? -0.867 0.105  1.902  1.00 1.00 ? 5 MET A HG3 11 
ATOM 801  H HE1 . MET A 1 5 ? -0.515 -3.185 3.340  1.00 1.00 ? 5 MET A HE1 11 
ATOM 802  H HE2 . MET A 1 5 ? -2.166 -2.859 2.820  1.00 1.00 ? 5 MET A HE2 11 
ATOM 803  H HE3 . MET A 1 5 ? -1.844 -3.256 4.507  1.00 1.00 ? 5 MET A HE3 11 
ATOM 804  N N   . TYR A 1 1 ? -2.018 -4.161 -2.222 1.00 1.00 ? 1 TYR A N   12 
ATOM 805  C CA  . TYR A 1 1 ? -0.575 -4.019 -1.869 1.00 1.00 ? 1 TYR A CA  12 
ATOM 806  C C   . TYR A 1 1 ? -0.412 -3.055 -0.690 1.00 1.00 ? 1 TYR A C   12 
ATOM 807  O O   . TYR A 1 1 ? -1.341 -2.379 -0.295 1.00 1.00 ? 1 TYR A O   12 
ATOM 808  C CB  . TYR A 1 1 ? 0.086  -3.449 -3.124 1.00 1.00 ? 1 TYR A CB  12 
ATOM 809  C CG  . TYR A 1 1 ? 1.577  -3.681 -3.059 1.00 1.00 ? 1 TYR A CG  12 
ATOM 810  C CD1 . TYR A 1 1 ? 2.075  -4.974 -2.865 1.00 1.00 ? 1 TYR A CD1 12 
ATOM 811  C CD2 . TYR A 1 1 ? 2.460  -2.602 -3.192 1.00 1.00 ? 1 TYR A CD2 12 
ATOM 812  C CE1 . TYR A 1 1 ? 3.458  -5.190 -2.805 1.00 1.00 ? 1 TYR A CE1 12 
ATOM 813  C CE2 . TYR A 1 1 ? 3.842  -2.818 -3.133 1.00 1.00 ? 1 TYR A CE2 12 
ATOM 814  C CZ  . TYR A 1 1 ? 4.341  -4.112 -2.939 1.00 1.00 ? 1 TYR A CZ  12 
ATOM 815  O OH  . TYR A 1 1 ? 5.703  -4.324 -2.880 1.00 1.00 ? 1 TYR A OH  12 
ATOM 816  H H1  . TYR A 1 1 ? -2.308 -3.360 -2.820 1.00 1.00 ? 1 TYR A H1  12 
ATOM 817  H HA  . TYR A 1 1 ? -0.149 -4.981 -1.632 1.00 1.00 ? 1 TYR A HA  12 
ATOM 818  H HB2 . TYR A 1 1 ? -0.317 -3.940 -3.997 1.00 1.00 ? 1 TYR A HB2 12 
ATOM 819  H HB3 . TYR A 1 1 ? -0.110 -2.389 -3.184 1.00 1.00 ? 1 TYR A HB3 12 
ATOM 820  H HD1 . TYR A 1 1 ? 1.395  -5.805 -2.763 1.00 1.00 ? 1 TYR A HD1 12 
ATOM 821  H HD2 . TYR A 1 1 ? 2.075  -1.604 -3.342 1.00 1.00 ? 1 TYR A HD2 12 
ATOM 822  H HE1 . TYR A 1 1 ? 3.843  -6.187 -2.655 1.00 1.00 ? 1 TYR A HE1 12 
ATOM 823  H HE2 . TYR A 1 1 ? 4.523  -1.985 -3.236 1.00 1.00 ? 1 TYR A HE2 12 
ATOM 824  H HH  . TYR A 1 1 ? 5.977  -4.244 -1.964 1.00 1.00 ? 1 TYR A HH  12 
ATOM 825  N N   . GLY A 1 2 ? 0.764  -2.984 -0.127 1.00 1.00 ? 2 GLY A N   12 
ATOM 826  C CA  . GLY A 1 2 ? 0.984  -2.064 1.024  1.00 1.00 ? 2 GLY A CA  12 
ATOM 827  C C   . GLY A 1 2 ? 1.898  -0.916 0.591  1.00 1.00 ? 2 GLY A C   12 
ATOM 828  O O   . GLY A 1 2 ? 2.785  -0.511 1.316  1.00 1.00 ? 2 GLY A O   12 
ATOM 829  H H   . GLY A 1 2 ? 1.500  -3.537 -0.462 1.00 1.00 ? 2 GLY A H   12 
ATOM 830  H HA2 . GLY A 1 2 ? 0.034  -1.666 1.352  1.00 1.00 ? 2 GLY A HA2 12 
ATOM 831  H HA3 . GLY A 1 2 ? 1.449  -2.604 1.834  1.00 1.00 ? 2 GLY A HA3 12 
ATOM 832  N N   . GLY A 1 3 ? 1.690  -0.389 -0.584 1.00 1.00 ? 3 GLY A N   12 
ATOM 833  C CA  . GLY A 1 3 ? 2.548  0.731  -1.060 1.00 1.00 ? 3 GLY A CA  12 
ATOM 834  C C   . GLY A 1 3 ? 1.787  2.053  -0.933 1.00 1.00 ? 3 GLY A C   12 
ATOM 835  O O   . GLY A 1 3 ? 2.368  3.119  -0.957 1.00 1.00 ? 3 GLY A O   12 
ATOM 836  H H   . GLY A 1 3 ? 0.969  -0.731 -1.153 1.00 1.00 ? 3 GLY A H   12 
ATOM 837  H HA2 . GLY A 1 3 ? 3.448  0.773  -0.464 1.00 1.00 ? 3 GLY A HA2 12 
ATOM 838  H HA3 . GLY A 1 3 ? 2.810  0.570  -2.096 1.00 1.00 ? 3 GLY A HA3 12 
ATOM 839  N N   . PHE A 1 4 ? 0.491  1.990  -0.796 1.00 1.00 ? 4 PHE A N   12 
ATOM 840  C CA  . PHE A 1 4 ? -0.305 3.240  -0.666 1.00 1.00 ? 4 PHE A CA  12 
ATOM 841  C C   . PHE A 1 4 ? -0.937 3.326  0.725  1.00 1.00 ? 4 PHE A C   12 
ATOM 842  O O   . PHE A 1 4 ? -0.966 4.371  1.341  1.00 1.00 ? 4 PHE A O   12 
ATOM 843  C CB  . PHE A 1 4 ? -1.387 3.137  -1.744 1.00 1.00 ? 4 PHE A CB  12 
ATOM 844  C CG  . PHE A 1 4 ? -2.081 1.801  -1.632 1.00 1.00 ? 4 PHE A CG  12 
ATOM 845  C CD1 . PHE A 1 4 ? -3.189 1.657  -0.790 1.00 1.00 ? 4 PHE A CD1 12 
ATOM 846  C CD2 . PHE A 1 4 ? -1.615 0.706  -2.371 1.00 1.00 ? 4 PHE A CD2 12 
ATOM 847  C CE1 . PHE A 1 4 ? -3.832 0.416  -0.686 1.00 1.00 ? 4 PHE A CE1 12 
ATOM 848  C CE2 . PHE A 1 4 ? -2.256 -0.532 -2.266 1.00 1.00 ? 4 PHE A CE2 12 
ATOM 849  C CZ  . PHE A 1 4 ? -3.365 -0.677 -1.422 1.00 1.00 ? 4 PHE A CZ  12 
ATOM 850  H H   . PHE A 1 4 ? 0.042  1.123  -0.778 1.00 1.00 ? 4 PHE A H   12 
ATOM 851  H HA  . PHE A 1 4 ? 0.317  4.097  -0.852 1.00 1.00 ? 4 PHE A HA  12 
ATOM 852  H HB2 . PHE A 1 4 ? -2.107 3.930  -1.608 1.00 1.00 ? 4 PHE A HB2 12 
ATOM 853  H HB3 . PHE A 1 4 ? -0.933 3.225  -2.720 1.00 1.00 ? 4 PHE A HB3 12 
ATOM 854  H HD1 . PHE A 1 4 ? -3.549 2.502  -0.221 1.00 1.00 ? 4 PHE A HD1 12 
ATOM 855  H HD2 . PHE A 1 4 ? -0.760 0.819  -3.022 1.00 1.00 ? 4 PHE A HD2 12 
ATOM 856  H HE1 . PHE A 1 4 ? -4.686 0.305  -0.036 1.00 1.00 ? 4 PHE A HE1 12 
ATOM 857  H HE2 . PHE A 1 4 ? -1.897 -1.376 -2.835 1.00 1.00 ? 4 PHE A HE2 12 
ATOM 858  H HZ  . PHE A 1 4 ? -3.859 -1.632 -1.342 1.00 1.00 ? 4 PHE A HZ  12 
ATOM 859  N N   . MET A 1 5 ? -1.446 2.231  1.224  1.00 1.00 ? 5 MET A N   12 
ATOM 860  C CA  . MET A 1 5 ? -2.076 2.251  2.572  1.00 1.00 ? 5 MET A CA  12 
ATOM 861  C C   . MET A 1 5 ? -1.018 2.505  3.649  1.00 1.00 ? 5 MET A C   12 
ATOM 862  O O   . MET A 1 5 ? 0.094  2.031  3.482  1.00 1.00 ? 5 MET A O   12 
ATOM 863  C CB  . MET A 1 5 ? -2.693 0.861  2.741  1.00 1.00 ? 5 MET A CB  12 
ATOM 864  C CG  . MET A 1 5 ? -1.638 -0.206 2.446  1.00 1.00 ? 5 MET A CG  12 
ATOM 865  S SD  . MET A 1 5 ? -1.260 -1.117 3.964  1.00 1.00 ? 5 MET A SD  12 
ATOM 866  C CE  . MET A 1 5 ? -1.696 -2.763 3.354  1.00 1.00 ? 5 MET A CE  12 
ATOM 867  O OXT . MET A 1 5 ? -1.338 3.169  4.621  1.00 1.00 ? 5 MET A OXT 12 
ATOM 868  H H   . MET A 1 5 ? -1.416 1.399  0.713  1.00 1.00 ? 5 MET A H   12 
ATOM 869  H HA  . MET A 1 5 ? -2.846 3.002  2.613  1.00 1.00 ? 5 MET A HA  12 
ATOM 870  H HB2 . MET A 1 5 ? -3.049 0.747  3.754  1.00 1.00 ? 5 MET A HB2 12 
ATOM 871  H HB3 . MET A 1 5 ? -3.518 0.749  2.054  1.00 1.00 ? 5 MET A HB3 12 
ATOM 872  H HG2 . MET A 1 5 ? -2.015 -0.889 1.700  1.00 1.00 ? 5 MET A HG2 12 
ATOM 873  H HG3 . MET A 1 5 ? -0.739 0.268  2.078  1.00 1.00 ? 5 MET A HG3 12 
ATOM 874  H HE1 . MET A 1 5 ? -0.798 -3.356 3.248  1.00 1.00 ? 5 MET A HE1 12 
ATOM 875  H HE2 . MET A 1 5 ? -2.183 -2.677 2.395  1.00 1.00 ? 5 MET A HE2 12 
ATOM 876  H HE3 . MET A 1 5 ? -2.368 -3.240 4.054  1.00 1.00 ? 5 MET A HE3 12 
ATOM 877  N N   . TYR A 1 1 ? -2.509 -4.804 -0.655 1.00 1.00 ? 1 TYR A N   13 
ATOM 878  C CA  . TYR A 1 1 ? -1.399 -3.916 -1.110 1.00 1.00 ? 1 TYR A CA  13 
ATOM 879  C C   . TYR A 1 1 ? -0.727 -3.251 0.095  1.00 1.00 ? 1 TYR A C   13 
ATOM 880  O O   . TYR A 1 1 ? -1.304 -3.140 1.159  1.00 1.00 ? 1 TYR A O   13 
ATOM 881  C CB  . TYR A 1 1 ? -2.071 -2.865 -1.995 1.00 1.00 ? 1 TYR A CB  13 
ATOM 882  C CG  . TYR A 1 1 ? -1.556 -2.997 -3.409 1.00 1.00 ? 1 TYR A CG  13 
ATOM 883  C CD1 . TYR A 1 1 ? -0.348 -2.390 -3.773 1.00 1.00 ? 1 TYR A CD1 13 
ATOM 884  C CD2 . TYR A 1 1 ? -2.289 -3.722 -4.356 1.00 1.00 ? 1 TYR A CD2 13 
ATOM 885  C CE1 . TYR A 1 1 ? 0.128  -2.511 -5.084 1.00 1.00 ? 1 TYR A CE1 13 
ATOM 886  C CE2 . TYR A 1 1 ? -1.813 -3.843 -5.666 1.00 1.00 ? 1 TYR A CE2 13 
ATOM 887  C CZ  . TYR A 1 1 ? -0.604 -3.238 -6.031 1.00 1.00 ? 1 TYR A CZ  13 
ATOM 888  O OH  . TYR A 1 1 ? -0.135 -3.357 -7.323 1.00 1.00 ? 1 TYR A OH  13 
ATOM 889  H H1  . TYR A 1 1 ? -3.118 -4.286 0.009  1.00 1.00 ? 1 TYR A H1  13 
ATOM 890  H HA  . TYR A 1 1 ? -0.678 -4.476 -1.683 1.00 1.00 ? 1 TYR A HA  13 
ATOM 891  H HB2 . TYR A 1 1 ? -3.141 -3.018 -1.985 1.00 1.00 ? 1 TYR A HB2 13 
ATOM 892  H HB3 . TYR A 1 1 ? -1.842 -1.880 -1.620 1.00 1.00 ? 1 TYR A HB3 13 
ATOM 893  H HD1 . TYR A 1 1 ? 0.217  -1.831 -3.043 1.00 1.00 ? 1 TYR A HD1 13 
ATOM 894  H HD2 . TYR A 1 1 ? -3.221 -4.191 -4.075 1.00 1.00 ? 1 TYR A HD2 13 
ATOM 895  H HE1 . TYR A 1 1 ? 1.060  -2.045 -5.366 1.00 1.00 ? 1 TYR A HE1 13 
ATOM 896  H HE2 . TYR A 1 1 ? -2.377 -4.403 -6.398 1.00 1.00 ? 1 TYR A HE2 13 
ATOM 897  H HH  . TYR A 1 1 ? 0.582  -3.997 -7.321 1.00 1.00 ? 1 TYR A HH  13 
ATOM 898  N N   . GLY A 1 2 ? 0.489  -2.807 -0.066 1.00 1.00 ? 2 GLY A N   13 
ATOM 899  C CA  . GLY A 1 2 ? 1.197  -2.149 1.065  1.00 1.00 ? 2 GLY A CA  13 
ATOM 900  C C   . GLY A 1 2 ? 2.084  -1.025 0.527  1.00 1.00 ? 2 GLY A C   13 
ATOM 901  O O   . GLY A 1 2 ? 3.128  -0.729 1.074  1.00 1.00 ? 2 GLY A O   13 
ATOM 902  H H   . GLY A 1 2 ? 0.936  -2.906 -0.929 1.00 1.00 ? 2 GLY A H   13 
ATOM 903  H HA2 . GLY A 1 2 ? 0.473  -1.742 1.754  1.00 1.00 ? 2 GLY A HA2 13 
ATOM 904  H HA3 . GLY A 1 2 ? 1.812  -2.875 1.573  1.00 1.00 ? 2 GLY A HA3 13 
ATOM 905  N N   . GLY A 1 3 ? 1.678  -0.399 -0.543 1.00 1.00 ? 3 GLY A N   13 
ATOM 906  C CA  . GLY A 1 3 ? 2.500  0.704  -1.116 1.00 1.00 ? 3 GLY A CA  13 
ATOM 907  C C   . GLY A 1 3 ? 1.821  2.047  -0.839 1.00 1.00 ? 3 GLY A C   13 
ATOM 908  O O   . GLY A 1 3 ? 2.473  3.048  -0.616 1.00 1.00 ? 3 GLY A O   13 
ATOM 909  H H   . GLY A 1 3 ? 0.834  -0.655 -0.971 1.00 1.00 ? 3 GLY A H   13 
ATOM 910  H HA2 . GLY A 1 3 ? 3.481  0.695  -0.663 1.00 1.00 ? 3 GLY A HA2 13 
ATOM 911  H HA3 . GLY A 1 3 ? 2.594  0.565  -2.183 1.00 1.00 ? 3 GLY A HA3 13 
ATOM 912  N N   . PHE A 1 4 ? 0.517  2.077  -0.852 1.00 1.00 ? 4 PHE A N   13 
ATOM 913  C CA  . PHE A 1 4 ? -0.201 3.353  -0.589 1.00 1.00 ? 4 PHE A CA  13 
ATOM 914  C C   . PHE A 1 4 ? -1.166 3.186  0.587  1.00 1.00 ? 4 PHE A C   13 
ATOM 915  O O   . PHE A 1 4 ? -1.405 4.107  1.343  1.00 1.00 ? 4 PHE A O   13 
ATOM 916  C CB  . PHE A 1 4 ? -0.970 3.649  -1.878 1.00 1.00 ? 4 PHE A CB  13 
ATOM 917  C CG  . PHE A 1 4 ? -1.669 2.394  -2.344 1.00 1.00 ? 4 PHE A CG  13 
ATOM 918  C CD1 . PHE A 1 4 ? -2.915 2.046  -1.811 1.00 1.00 ? 4 PHE A CD1 13 
ATOM 919  C CD2 . PHE A 1 4 ? -1.069 1.577  -3.312 1.00 1.00 ? 4 PHE A CD2 13 
ATOM 920  C CE1 . PHE A 1 4 ? -3.562 0.882  -2.242 1.00 1.00 ? 4 PHE A CE1 13 
ATOM 921  C CE2 . PHE A 1 4 ? -1.716 0.414  -3.744 1.00 1.00 ? 4 PHE A CE2 13 
ATOM 922  C CZ  . PHE A 1 4 ? -2.963 0.067  -3.209 1.00 1.00 ? 4 PHE A CZ  13 
ATOM 923  H H   . PHE A 1 4 ? 0.012  1.262  -1.034 1.00 1.00 ? 4 PHE A H   13 
ATOM 924  H HA  . PHE A 1 4 ? 0.503  4.140  -0.391 1.00 1.00 ? 4 PHE A HA  13 
ATOM 925  H HB2 . PHE A 1 4 ? -1.701 4.420  -1.691 1.00 1.00 ? 4 PHE A HB2 13 
ATOM 926  H HB3 . PHE A 1 4 ? -0.281 3.980  -2.640 1.00 1.00 ? 4 PHE A HB3 13 
ATOM 927  H HD1 . PHE A 1 4 ? -3.378 2.676  -1.065 1.00 1.00 ? 4 PHE A HD1 13 
ATOM 928  H HD2 . PHE A 1 4 ? -0.108 1.846  -3.723 1.00 1.00 ? 4 PHE A HD2 13 
ATOM 929  H HE1 . PHE A 1 4 ? -4.524 0.615  -1.831 1.00 1.00 ? 4 PHE A HE1 13 
ATOM 930  H HE2 . PHE A 1 4 ? -1.254 -0.217 -4.490 1.00 1.00 ? 4 PHE A HE2 13 
ATOM 931  H HZ  . PHE A 1 4 ? -3.461 -0.831 -3.542 1.00 1.00 ? 4 PHE A HZ  13 
ATOM 932  N N   . MET A 1 5 ? -1.724 2.016  0.749  1.00 1.00 ? 5 MET A N   13 
ATOM 933  C CA  . MET A 1 5 ? -2.673 1.793  1.877  1.00 1.00 ? 5 MET A CA  13 
ATOM 934  C C   . MET A 1 5 ? -2.038 2.239  3.197  1.00 1.00 ? 5 MET A C   13 
ATOM 935  O O   . MET A 1 5 ? -2.543 3.181  3.786  1.00 1.00 ? 5 MET A O   13 
ATOM 936  C CB  . MET A 1 5 ? -2.930 0.284  1.888  1.00 1.00 ? 5 MET A CB  13 
ATOM 937  C CG  . MET A 1 5 ? -3.901 -0.076 0.762  1.00 1.00 ? 5 MET A CG  13 
ATOM 938  S SD  . MET A 1 5 ? -5.135 -1.246 1.384  1.00 1.00 ? 5 MET A SD  13 
ATOM 939  C CE  . MET A 1 5 ? -6.585 -0.466 0.634  1.00 1.00 ? 5 MET A CE  13 
ATOM 940  O OXT . MET A 1 5 ? -1.058 1.631  3.596  1.00 1.00 ? 5 MET A OXT 13 
ATOM 941  H H   . MET A 1 5 ? -1.519 1.286  0.129  1.00 1.00 ? 5 MET A H   13 
ATOM 942  H HA  . MET A 1 5 ? -3.595 2.323  1.704  1.00 1.00 ? 5 MET A HA  13 
ATOM 943  H HB2 . MET A 1 5 ? -1.997 -0.239 1.741  1.00 1.00 ? 5 MET A HB2 13 
ATOM 944  H HB3 . MET A 1 5 ? -3.359 0.000  2.836  1.00 1.00 ? 5 MET A HB3 13 
ATOM 945  H HG2 . MET A 1 5 ? -4.397 0.818  0.413  1.00 1.00 ? 5 MET A HG2 13 
ATOM 946  H HG3 . MET A 1 5 ? -3.357 -0.528 -0.053 1.00 1.00 ? 5 MET A HG3 13 
ATOM 947  H HE1 . MET A 1 5 ? -6.809 -0.951 -0.306 1.00 1.00 ? 5 MET A HE1 13 
ATOM 948  H HE2 . MET A 1 5 ? -6.383 0.578  0.457  1.00 1.00 ? 5 MET A HE2 13 
ATOM 949  H HE3 . MET A 1 5 ? -7.430 -0.559 1.304  1.00 1.00 ? 5 MET A HE3 13 
ATOM 950  N N   . TYR A 1 1 ? -2.610 -4.686 -0.650 1.00 1.00 ? 1 TYR A N   14 
ATOM 951  C CA  . TYR A 1 1 ? -1.446 -3.868 -1.103 1.00 1.00 ? 1 TYR A CA  14 
ATOM 952  C C   . TYR A 1 1 ? -0.751 -3.227 0.101  1.00 1.00 ? 1 TYR A C   14 
ATOM 953  O O   . TYR A 1 1 ? -1.305 -3.146 1.180  1.00 1.00 ? 1 TYR A O   14 
ATOM 954  C CB  . TYR A 1 1 ? -2.047 -2.795 -2.010 1.00 1.00 ? 1 TYR A CB  14 
ATOM 955  C CG  . TYR A 1 1 ? -1.461 -2.920 -3.396 1.00 1.00 ? 1 TYR A CG  14 
ATOM 956  C CD1 . TYR A 1 1 ? -0.174 -2.436 -3.659 1.00 1.00 ? 1 TYR A CD1 14 
ATOM 957  C CD2 . TYR A 1 1 ? -2.206 -3.521 -4.419 1.00 1.00 ? 1 TYR A CD2 14 
ATOM 958  C CE1 . TYR A 1 1 ? 0.368  -2.553 -4.944 1.00 1.00 ? 1 TYR A CE1 14 
ATOM 959  C CE2 . TYR A 1 1 ? -1.663 -3.639 -5.704 1.00 1.00 ? 1 TYR A CE2 14 
ATOM 960  C CZ  . TYR A 1 1 ? -0.376 -3.154 -5.966 1.00 1.00 ? 1 TYR A CZ  14 
ATOM 961  O OH  . TYR A 1 1 ? 0.159  -3.268 -7.233 1.00 1.00 ? 1 TYR A OH  14 
ATOM 962  H H1  . TYR A 1 1 ? -3.053 -5.142 -1.471 1.00 1.00 ? 1 TYR A H1  14 
ATOM 963  H HA  . TYR A 1 1 ? -0.752 -4.476 -1.661 1.00 1.00 ? 1 TYR A HA  14 
ATOM 964  H HB2 . TYR A 1 1 ? -3.119 -2.922 -2.058 1.00 1.00 ? 1 TYR A HB2 14 
ATOM 965  H HB3 . TYR A 1 1 ? -1.818 -1.817 -1.611 1.00 1.00 ? 1 TYR A HB3 14 
ATOM 966  H HD1 . TYR A 1 1 ? 0.399  -1.973 -2.870 1.00 1.00 ? 1 TYR A HD1 14 
ATOM 967  H HD2 . TYR A 1 1 ? -3.198 -3.896 -4.216 1.00 1.00 ? 1 TYR A HD2 14 
ATOM 968  H HE1 . TYR A 1 1 ? 1.361  -2.180 -5.146 1.00 1.00 ? 1 TYR A HE1 14 
ATOM 969  H HE2 . TYR A 1 1 ? -2.237 -4.102 -6.493 1.00 1.00 ? 1 TYR A HE2 14 
ATOM 970  H HH  . TYR A 1 1 ? -0.063 -2.472 -7.722 1.00 1.00 ? 1 TYR A HH  14 
ATOM 971  N N   . GLY A 1 2 ? 0.460  -2.774 -0.074 1.00 1.00 ? 2 GLY A N   14 
ATOM 972  C CA  . GLY A 1 2 ? 1.189  -2.141 1.060  1.00 1.00 ? 2 GLY A CA  14 
ATOM 973  C C   . GLY A 1 2 ? 2.083  -1.016 0.533  1.00 1.00 ? 2 GLY A C   14 
ATOM 974  O O   . GLY A 1 2 ? 3.115  -0.716 1.099  1.00 1.00 ? 2 GLY A O   14 
ATOM 975  H H   . GLY A 1 2 ? 0.891  -2.848 -0.947 1.00 1.00 ? 2 GLY A H   14 
ATOM 976  H HA2 . GLY A 1 2 ? 0.476  -1.738 1.762  1.00 1.00 ? 2 GLY A HA2 14 
ATOM 977  H HA3 . GLY A 1 2 ? 1.801  -2.882 1.550  1.00 1.00 ? 2 GLY A HA3 14 
ATOM 978  N N   . GLY A 1 3 ? 1.697  -0.393 -0.546 1.00 1.00 ? 3 GLY A N   14 
ATOM 979  C CA  . GLY A 1 3 ? 2.526  0.711  -1.106 1.00 1.00 ? 3 GLY A CA  14 
ATOM 980  C C   . GLY A 1 3 ? 1.824  2.051  -0.871 1.00 1.00 ? 3 GLY A C   14 
ATOM 981  O O   . GLY A 1 3 ? 2.457  3.078  -0.731 1.00 1.00 ? 3 GLY A O   14 
ATOM 982  H H   . GLY A 1 3 ? 0.860  -0.650 -0.988 1.00 1.00 ? 3 GLY A H   14 
ATOM 983  H HA2 . GLY A 1 3 ? 3.490  0.718  -0.619 1.00 1.00 ? 3 GLY A HA2 14 
ATOM 984  H HA3 . GLY A 1 3 ? 2.659  0.560  -2.166 1.00 1.00 ? 3 GLY A HA3 14 
ATOM 985  N N   . PHE A 1 4 ? 0.519  2.048  -0.826 1.00 1.00 ? 4 PHE A N   14 
ATOM 986  C CA  . PHE A 1 4 ? -0.221 3.318  -0.600 1.00 1.00 ? 4 PHE A CA  14 
ATOM 987  C C   . PHE A 1 4 ? -1.159 3.181  0.603  1.00 1.00 ? 4 PHE A C   14 
ATOM 988  O O   . PHE A 1 4 ? -1.393 4.125  1.331  1.00 1.00 ? 4 PHE A O   14 
ATOM 989  C CB  . PHE A 1 4 ? -1.023 3.544  -1.882 1.00 1.00 ? 4 PHE A CB  14 
ATOM 990  C CG  . PHE A 1 4 ? -1.735 2.268  -2.260 1.00 1.00 ? 4 PHE A CG  14 
ATOM 991  C CD1 . PHE A 1 4 ? -2.919 1.907  -1.606 1.00 1.00 ? 4 PHE A CD1 14 
ATOM 992  C CD2 . PHE A 1 4 ? -1.211 1.443  -3.263 1.00 1.00 ? 4 PHE A CD2 14 
ATOM 993  C CE1 . PHE A 1 4 ? -3.579 0.723  -1.954 1.00 1.00 ? 4 PHE A CE1 14 
ATOM 994  C CE2 . PHE A 1 4 ? -1.871 0.258  -3.612 1.00 1.00 ? 4 PHE A CE2 14 
ATOM 995  C CZ  . PHE A 1 4 ? -3.056 -0.101 -2.957 1.00 1.00 ? 4 PHE A CZ  14 
ATOM 996  H H   . PHE A 1 4 ? 0.027  1.213  -0.940 1.00 1.00 ? 4 PHE A H   14 
ATOM 997  H HA  . PHE A 1 4 ? 0.468  4.129  -0.451 1.00 1.00 ? 4 PHE A HA  14 
ATOM 998  H HB2 . PHE A 1 4 ? -1.747 4.327  -1.722 1.00 1.00 ? 4 PHE A HB2 14 
ATOM 999  H HB3 . PHE A 1 4 ? -0.353 3.830  -2.681 1.00 1.00 ? 4 PHE A HB3 14 
ATOM 1000 H HD1 . PHE A 1 4 ? -3.324 2.543  -0.831 1.00 1.00 ? 4 PHE A HD1 14 
ATOM 1001 H HD2 . PHE A 1 4 ? -0.297 1.720  -3.768 1.00 1.00 ? 4 PHE A HD2 14 
ATOM 1002 H HE1 . PHE A 1 4 ? -4.492 0.445  -1.449 1.00 1.00 ? 4 PHE A HE1 14 
ATOM 1003 H HE2 . PHE A 1 4 ? -1.467 -0.378 -4.386 1.00 1.00 ? 4 PHE A HE2 14 
ATOM 1004 H HZ  . PHE A 1 4 ? -3.564 -1.014 -3.225 1.00 1.00 ? 4 PHE A HZ  14 
ATOM 1005 N N   . MET A 1 5 ? -1.696 2.011  0.816  1.00 1.00 ? 5 MET A N   14 
ATOM 1006 C CA  . MET A 1 5 ? -2.617 1.815  1.973  1.00 1.00 ? 5 MET A CA  14 
ATOM 1007 C C   . MET A 1 5 ? -2.030 2.457  3.231  1.00 1.00 ? 5 MET A C   14 
ATOM 1008 O O   . MET A 1 5 ? -1.249 1.799  3.898  1.00 1.00 ? 5 MET A O   14 
ATOM 1009 C CB  . MET A 1 5 ? -2.724 0.299  2.141  1.00 1.00 ? 5 MET A CB  14 
ATOM 1010 C CG  . MET A 1 5 ? -3.622 -0.276 1.044  1.00 1.00 ? 5 MET A CG  14 
ATOM 1011 S SD  . MET A 1 5 ? -4.968 -1.221 1.799  1.00 1.00 ? 5 MET A SD  14 
ATOM 1012 C CE  . MET A 1 5 ? -6.113 0.161  2.031  1.00 1.00 ? 5 MET A CE  14 
ATOM 1013 O OXT . MET A 1 5 ? -2.373 3.595  3.508  1.00 1.00 ? 5 MET A OXT 14 
ATOM 1014 H H   . MET A 1 5 ? -1.494 1.262  0.218  1.00 1.00 ? 5 MET A H   14 
ATOM 1015 H HA  . MET A 1 5 ? -3.589 2.230  1.755  1.00 1.00 ? 5 MET A HA  14 
ATOM 1016 H HB2 . MET A 1 5 ? -1.740 -0.139 2.070  1.00 1.00 ? 5 MET A HB2 14 
ATOM 1017 H HB3 . MET A 1 5 ? -3.151 0.074  3.107  1.00 1.00 ? 5 MET A HB3 14 
ATOM 1018 H HG2 . MET A 1 5 ? -4.034 0.533  0.456  1.00 1.00 ? 5 MET A HG2 14 
ATOM 1019 H HG3 . MET A 1 5 ? -3.040 -0.924 0.406  1.00 1.00 ? 5 MET A HG3 14 
ATOM 1020 H HE1 . MET A 1 5 ? -6.411 0.210  3.068  1.00 1.00 ? 5 MET A HE1 14 
ATOM 1021 H HE2 . MET A 1 5 ? -6.986 0.013  1.415  1.00 1.00 ? 5 MET A HE2 14 
ATOM 1022 H HE3 . MET A 1 5 ? -5.626 1.083  1.746  1.00 1.00 ? 5 MET A HE3 14 
ATOM 1023 N N   . TYR A 1 1 ? -2.677 -4.488 -0.866 1.00 1.00 ? 1 TYR A N   15 
ATOM 1024 C CA  . TYR A 1 1 ? -1.334 -3.934 -1.203 1.00 1.00 ? 1 TYR A CA  15 
ATOM 1025 C C   . TYR A 1 1 ? -0.707 -3.278 0.031  1.00 1.00 ? 1 TYR A C   15 
ATOM 1026 O O   . TYR A 1 1 ? -1.297 -3.239 1.092  1.00 1.00 ? 1 TYR A O   15 
ATOM 1027 C CB  . TYR A 1 1 ? -1.596 -2.890 -2.288 1.00 1.00 ? 1 TYR A CB  15 
ATOM 1028 C CG  . TYR A 1 1 ? -0.653 -3.119 -3.445 1.00 1.00 ? 1 TYR A CG  15 
ATOM 1029 C CD1 . TYR A 1 1 ? -0.883 -4.172 -4.338 1.00 1.00 ? 1 TYR A CD1 15 
ATOM 1030 C CD2 . TYR A 1 1 ? 0.450  -2.275 -3.628 1.00 1.00 ? 1 TYR A CD2 15 
ATOM 1031 C CE1 . TYR A 1 1 ? -0.010 -4.384 -5.411 1.00 1.00 ? 1 TYR A CE1 15 
ATOM 1032 C CE2 . TYR A 1 1 ? 1.323  -2.488 -4.700 1.00 1.00 ? 1 TYR A CE2 15 
ATOM 1033 C CZ  . TYR A 1 1 ? 1.094  -3.541 -5.593 1.00 1.00 ? 1 TYR A CZ  15 
ATOM 1034 O OH  . TYR A 1 1 ? 1.955  -3.751 -6.651 1.00 1.00 ? 1 TYR A OH  15 
ATOM 1035 H H1  . TYR A 1 1 ? -3.210 -3.791 -0.309 1.00 1.00 ? 1 TYR A H1  15 
ATOM 1036 H HA  . TYR A 1 1 ? -0.689 -4.710 -1.585 1.00 1.00 ? 1 TYR A HA  15 
ATOM 1037 H HB2 . TYR A 1 1 ? -2.616 -2.975 -2.631 1.00 1.00 ? 1 TYR A HB2 15 
ATOM 1038 H HB3 . TYR A 1 1 ? -1.433 -1.902 -1.884 1.00 1.00 ? 1 TYR A HB3 15 
ATOM 1039 H HD1 . TYR A 1 1 ? -1.734 -4.824 -4.199 1.00 1.00 ? 1 TYR A HD1 15 
ATOM 1040 H HD2 . TYR A 1 1 ? 0.627  -1.462 -2.940 1.00 1.00 ? 1 TYR A HD2 15 
ATOM 1041 H HE1 . TYR A 1 1 ? -0.187 -5.197 -6.100 1.00 1.00 ? 1 TYR A HE1 15 
ATOM 1042 H HE2 . TYR A 1 1 ? 2.175  -1.838 -4.841 1.00 1.00 ? 1 TYR A HE2 15 
ATOM 1043 H HH  . TYR A 1 1 ? 1.453  -3.655 -7.464 1.00 1.00 ? 1 TYR A HH  15 
ATOM 1044 N N   . GLY A 1 2 ? 0.483  -2.761 -0.101 1.00 1.00 ? 2 GLY A N   15 
ATOM 1045 C CA  . GLY A 1 2 ? 1.146  -2.108 1.059  1.00 1.00 ? 2 GLY A CA  15 
ATOM 1046 C C   . GLY A 1 2 ? 2.044  -0.974 0.561  1.00 1.00 ? 2 GLY A C   15 
ATOM 1047 O O   . GLY A 1 2 ? 3.025  -0.627 1.187  1.00 1.00 ? 2 GLY A O   15 
ATOM 1048 H H   . GLY A 1 2 ? 0.941  -2.802 -0.964 1.00 1.00 ? 2 GLY A H   15 
ATOM 1049 H HA2 . GLY A 1 2 ? 0.393  -1.710 1.723  1.00 1.00 ? 2 GLY A HA2 15 
ATOM 1050 H HA3 . GLY A 1 2 ? 1.745  -2.834 1.584  1.00 1.00 ? 2 GLY A HA3 15 
ATOM 1051 N N   . GLY A 1 3 ? 1.717  -0.395 -0.562 1.00 1.00 ? 3 GLY A N   15 
ATOM 1052 C CA  . GLY A 1 3 ? 2.553  0.715  -1.099 1.00 1.00 ? 3 GLY A CA  15 
ATOM 1053 C C   . GLY A 1 3 ? 1.821  2.046  -0.913 1.00 1.00 ? 3 GLY A C   15 
ATOM 1054 O O   . GLY A 1 3 ? 2.428  3.097  -0.872 1.00 1.00 ? 3 GLY A O   15 
ATOM 1055 H H   . GLY A 1 3 ? 0.920  -0.690 -1.051 1.00 1.00 ? 3 GLY A H   15 
ATOM 1056 H HA2 . GLY A 1 3 ? 3.495  0.743  -0.571 1.00 1.00 ? 3 GLY A HA2 15 
ATOM 1057 H HA3 . GLY A 1 3 ? 2.734  0.553  -2.150 1.00 1.00 ? 3 GLY A HA3 15 
ATOM 1058 N N   . PHE A 1 4 ? 0.522  2.010  -0.797 1.00 1.00 ? 4 PHE A N   15 
ATOM 1059 C CA  . PHE A 1 4 ? -0.244 3.272  -0.612 1.00 1.00 ? 4 PHE A CA  15 
ATOM 1060 C C   . PHE A 1 4 ? -1.122 3.181  0.638  1.00 1.00 ? 4 PHE A C   15 
ATOM 1061 O O   . PHE A 1 4 ? -1.286 4.140  1.365  1.00 1.00 ? 4 PHE A O   15 
ATOM 1062 C CB  . PHE A 1 4 ? -1.109 3.402  -1.868 1.00 1.00 ? 4 PHE A CB  15 
ATOM 1063 C CG  . PHE A 1 4 ? -1.771 2.078  -2.165 1.00 1.00 ? 4 PHE A CG  15 
ATOM 1064 C CD1 . PHE A 1 4 ? -2.958 1.726  -1.508 1.00 1.00 ? 4 PHE A CD1 15 
ATOM 1065 C CD2 . PHE A 1 4 ? -1.200 1.201  -3.095 1.00 1.00 ? 4 PHE A CD2 15 
ATOM 1066 C CE1 . PHE A 1 4 ? -3.573 0.500  -1.785 1.00 1.00 ? 4 PHE A CE1 15 
ATOM 1067 C CE2 . PHE A 1 4 ? -1.815 -0.025 -3.371 1.00 1.00 ? 4 PHE A CE2 15 
ATOM 1068 C CZ  . PHE A 1 4 ? -3.001 -0.376 -2.715 1.00 1.00 ? 4 PHE A CZ  15 
ATOM 1069 H H   . PHE A 1 4 ? 0.052  1.155  -0.831 1.00 1.00 ? 4 PHE A H   15 
ATOM 1070 H HA  . PHE A 1 4 ? 0.428  4.107  -0.540 1.00 1.00 ? 4 PHE A HA  15 
ATOM 1071 H HB2 . PHE A 1 4 ? -1.865 4.156  -1.706 1.00 1.00 ? 4 PHE A HB2 15 
ATOM 1072 H HB3 . PHE A 1 4 ? -0.488 3.687  -2.703 1.00 1.00 ? 4 PHE A HB3 15 
ATOM 1073 H HD1 . PHE A 1 4 ? -3.399 2.402  -0.791 1.00 1.00 ? 4 PHE A HD1 15 
ATOM 1074 H HD2 . PHE A 1 4 ? -0.285 1.473  -3.600 1.00 1.00 ? 4 PHE A HD2 15 
ATOM 1075 H HE1 . PHE A 1 4 ? -4.488 0.229  -1.279 1.00 1.00 ? 4 PHE A HE1 15 
ATOM 1076 H HE2 . PHE A 1 4 ? -1.374 -0.701 -4.088 1.00 1.00 ? 4 PHE A HE2 15 
ATOM 1077 H HZ  . PHE A 1 4 ? -3.476 -1.323 -2.929 1.00 1.00 ? 4 PHE A HZ  15 
ATOM 1078 N N   . MET A 1 5 ? -1.687 2.032  0.896  1.00 1.00 ? 5 MET A N   15 
ATOM 1079 C CA  . MET A 1 5 ? -2.552 1.881  2.101  1.00 1.00 ? 5 MET A CA  15 
ATOM 1080 C C   . MET A 1 5 ? -1.813 2.371  3.348  1.00 1.00 ? 5 MET A C   15 
ATOM 1081 O O   . MET A 1 5 ? -2.057 3.494  3.755  1.00 1.00 ? 5 MET A O   15 
ATOM 1082 C CB  . MET A 1 5 ? -2.836 0.382  2.198  1.00 1.00 ? 5 MET A CB  15 
ATOM 1083 C CG  . MET A 1 5 ? -4.075 0.041  1.367  1.00 1.00 ? 5 MET A CG  15 
ATOM 1084 S SD  . MET A 1 5 ? -5.421 -0.456 2.469  1.00 1.00 ? 5 MET A SD  15 
ATOM 1085 C CE  . MET A 1 5 ? -4.552 -1.812 3.292  1.00 1.00 ? 5 MET A CE  15 
ATOM 1086 O OXT . MET A 1 5 ? -1.014 1.612  3.875  1.00 1.00 ? 5 MET A OXT 15 
ATOM 1087 H H   . MET A 1 5 ? -1.541 1.270  0.298  1.00 1.00 ? 5 MET A H   15 
ATOM 1088 H HA  . MET A 1 5 ? -3.475 2.423  1.971  1.00 1.00 ? 5 MET A HA  15 
ATOM 1089 H HB2 . MET A 1 5 ? -1.987 -0.171 1.822  1.00 1.00 ? 5 MET A HB2 15 
ATOM 1090 H HB3 . MET A 1 5 ? -3.013 0.114  3.229  1.00 1.00 ? 5 MET A HB3 15 
ATOM 1091 H HG2 . MET A 1 5 ? -4.376 0.907  0.799  1.00 1.00 ? 5 MET A HG2 15 
ATOM 1092 H HG3 . MET A 1 5 ? -3.843 -0.771 0.693  1.00 1.00 ? 5 MET A HG3 15 
ATOM 1093 H HE1 . MET A 1 5 ? -4.350 -1.538 4.320  1.00 1.00 ? 5 MET A HE1 15 
ATOM 1094 H HE2 . MET A 1 5 ? -3.620 -2.004 2.784  1.00 1.00 ? 5 MET A HE2 15 
ATOM 1095 H HE3 . MET A 1 5 ? -5.165 -2.702 3.265  1.00 1.00 ? 5 MET A HE3 15 
ATOM 1096 N N   . TYR A 1 1 ? -2.723 -4.428 -0.766 1.00 1.00 ? 1 TYR A N   16 
ATOM 1097 C CA  . TYR A 1 1 ? -1.424 -3.800 -1.149 1.00 1.00 ? 1 TYR A CA  16 
ATOM 1098 C C   . TYR A 1 1 ? -0.769 -3.149 0.073  1.00 1.00 ? 1 TYR A C   16 
ATOM 1099 O O   . TYR A 1 1 ? -1.358 -3.059 1.133  1.00 1.00 ? 1 TYR A O   16 
ATOM 1100 C CB  . TYR A 1 1 ? -1.786 -2.740 -2.189 1.00 1.00 ? 1 TYR A CB  16 
ATOM 1101 C CG  . TYR A 1 1 ? -1.124 -3.078 -3.503 1.00 1.00 ? 1 TYR A CG  16 
ATOM 1102 C CD1 . TYR A 1 1 ? -1.659 -4.082 -4.318 1.00 1.00 ? 1 TYR A CD1 16 
ATOM 1103 C CD2 . TYR A 1 1 ? 0.025  -2.388 -3.905 1.00 1.00 ? 1 TYR A CD2 16 
ATOM 1104 C CE1 . TYR A 1 1 ? -1.045 -4.395 -5.536 1.00 1.00 ? 1 TYR A CE1 16 
ATOM 1105 C CE2 . TYR A 1 1 ? 0.640  -2.700 -5.123 1.00 1.00 ? 1 TYR A CE2 16 
ATOM 1106 C CZ  . TYR A 1 1 ? 0.105  -3.705 -5.940 1.00 1.00 ? 1 TYR A CZ  16 
ATOM 1107 O OH  . TYR A 1 1 ? 0.711  -4.014 -7.140 1.00 1.00 ? 1 TYR A OH  16 
ATOM 1108 H H1  . TYR A 1 1 ? -3.360 -4.431 -1.586 1.00 1.00 ? 1 TYR A H1  16 
ATOM 1109 H HA  . TYR A 1 1 ? -0.766 -4.534 -1.583 1.00 1.00 ? 1 TYR A HA  16 
ATOM 1110 H HB2 . TYR A 1 1 ? -2.858 -2.716 -2.321 1.00 1.00 ? 1 TYR A HB2 16 
ATOM 1111 H HB3 . TYR A 1 1 ? -1.442 -1.773 -1.853 1.00 1.00 ? 1 TYR A HB3 16 
ATOM 1112 H HD1 . TYR A 1 1 ? -2.546 -4.616 -4.008 1.00 1.00 ? 1 TYR A HD1 16 
ATOM 1113 H HD2 . TYR A 1 1 ? 0.437  -1.613 -3.276 1.00 1.00 ? 1 TYR A HD2 16 
ATOM 1114 H HE1 . TYR A 1 1 ? -1.457 -5.170 -6.167 1.00 1.00 ? 1 TYR A HE1 16 
ATOM 1115 H HE2 . TYR A 1 1 ? 1.527  -2.167 -5.433 1.00 1.00 ? 1 TYR A HE2 16 
ATOM 1116 H HH  . TYR A 1 1 ? 1.222  -4.818 -7.018 1.00 1.00 ? 1 TYR A HH  16 
ATOM 1117 N N   . GLY A 1 2 ? 0.447  -2.696 -0.068 1.00 1.00 ? 2 GLY A N   16 
ATOM 1118 C CA  . GLY A 1 2 ? 1.142  -2.050 1.078  1.00 1.00 ? 2 GLY A CA  16 
ATOM 1119 C C   . GLY A 1 2 ? 2.010  -0.900 0.566  1.00 1.00 ? 2 GLY A C   16 
ATOM 1120 O O   . GLY A 1 2 ? 2.914  -0.443 1.238  1.00 1.00 ? 2 GLY A O   16 
ATOM 1121 H H   . GLY A 1 2 ? 0.902  -2.779 -0.928 1.00 1.00 ? 2 GLY A H   16 
ATOM 1122 H HA2 . GLY A 1 2 ? 0.408  -1.670 1.775  1.00 1.00 ? 2 GLY A HA2 16 
ATOM 1123 H HA3 . GLY A 1 2 ? 1.769  -2.777 1.573  1.00 1.00 ? 2 GLY A HA3 16 
ATOM 1124 N N   . GLY A 1 3 ? 1.742  -0.429 -0.621 1.00 1.00 ? 3 GLY A N   16 
ATOM 1125 C CA  . GLY A 1 3 ? 2.551  0.691  -1.180 1.00 1.00 ? 3 GLY A CA  16 
ATOM 1126 C C   . GLY A 1 3 ? 1.856  2.021  -0.881 1.00 1.00 ? 3 GLY A C   16 
ATOM 1127 O O   . GLY A 1 3 ? 2.496  3.043  -0.717 1.00 1.00 ? 3 GLY A O   16 
ATOM 1128 H H   . GLY A 1 3 ? 1.009  -0.813 -1.147 1.00 1.00 ? 3 GLY A H   16 
ATOM 1129 H HA2 . GLY A 1 3 ? 3.533  0.685  -0.729 1.00 1.00 ? 3 GLY A HA2 16 
ATOM 1130 H HA3 . GLY A 1 3 ? 2.644  0.571  -2.249 1.00 1.00 ? 3 GLY A HA3 16 
ATOM 1131 N N   . PHE A 1 4 ? 0.554  2.018  -0.806 1.00 1.00 ? 4 PHE A N   16 
ATOM 1132 C CA  . PHE A 1 4 ? -0.180 3.279  -0.515 1.00 1.00 ? 4 PHE A CA  16 
ATOM 1133 C C   . PHE A 1 4 ? -1.203 3.052  0.602  1.00 1.00 ? 4 PHE A C   16 
ATOM 1134 O O   . PHE A 1 4 ? -1.401 3.894  1.456  1.00 1.00 ? 4 PHE A O   16 
ATOM 1135 C CB  . PHE A 1 4 ? -0.885 3.645  -1.824 1.00 1.00 ? 4 PHE A CB  16 
ATOM 1136 C CG  . PHE A 1 4 ? -1.515 2.412  -2.423 1.00 1.00 ? 4 PHE A CG  16 
ATOM 1137 C CD1 . PHE A 1 4 ? -0.767 1.583  -3.266 1.00 1.00 ? 4 PHE A CD1 16 
ATOM 1138 C CD2 . PHE A 1 4 ? -2.849 2.097  -2.134 1.00 1.00 ? 4 PHE A CD2 16 
ATOM 1139 C CE1 . PHE A 1 4 ? -1.351 0.439  -3.821 1.00 1.00 ? 4 PHE A CE1 16 
ATOM 1140 C CE2 . PHE A 1 4 ? -3.432 0.952  -2.689 1.00 1.00 ? 4 PHE A CE2 16 
ATOM 1141 C CZ  . PHE A 1 4 ? -2.684 0.123  -3.533 1.00 1.00 ? 4 PHE A CZ  16 
ATOM 1142 H H   . PHE A 1 4 ? 0.060  1.188  -0.938 1.00 1.00 ? 4 PHE A H   16 
ATOM 1143 H HA  . PHE A 1 4 ? 0.511  4.055  -0.240 1.00 1.00 ? 4 PHE A HA  16 
ATOM 1144 H HB2 . PHE A 1 4 ? -1.651 4.381  -1.626 1.00 1.00 ? 4 PHE A HB2 16 
ATOM 1145 H HB3 . PHE A 1 4 ? -0.164 4.054  -2.517 1.00 1.00 ? 4 PHE A HB3 16 
ATOM 1146 H HD1 . PHE A 1 4 ? 0.262  1.825  -3.490 1.00 1.00 ? 4 PHE A HD1 16 
ATOM 1147 H HD2 . PHE A 1 4 ? -3.425 2.737  -1.484 1.00 1.00 ? 4 PHE A HD2 16 
ATOM 1148 H HE1 . PHE A 1 4 ? -0.774 -0.201 -4.473 1.00 1.00 ? 4 PHE A HE1 16 
ATOM 1149 H HE2 . PHE A 1 4 ? -4.461 0.709  -2.467 1.00 1.00 ? 4 PHE A HE2 16 
ATOM 1150 H HZ  . PHE A 1 4 ? -3.134 -0.760 -3.960 1.00 1.00 ? 4 PHE A HZ  16 
ATOM 1151 N N   . MET A 1 5 ? -1.852 1.920  0.602  1.00 1.00 ? 5 MET A N   16 
ATOM 1152 C CA  . MET A 1 5 ? -2.860 1.639  1.663  1.00 1.00 ? 5 MET A CA  16 
ATOM 1153 C C   . MET A 1 5 ? -2.201 1.694  3.044  1.00 1.00 ? 5 MET A C   16 
ATOM 1154 O O   . MET A 1 5 ? -2.059 2.787  3.569  1.00 1.00 ? 5 MET A O   16 
ATOM 1155 C CB  . MET A 1 5 ? -3.367 0.227  1.368  1.00 1.00 ? 5 MET A CB  16 
ATOM 1156 C CG  . MET A 1 5 ? -4.560 0.300  0.414  1.00 1.00 ? 5 MET A CG  16 
ATOM 1157 S SD  . MET A 1 5 ? -5.999 -0.472 1.190  1.00 1.00 ? 5 MET A SD  16 
ATOM 1158 C CE  . MET A 1 5 ? -5.228 -2.068 1.556  1.00 1.00 ? 5 MET A CE  16 
ATOM 1159 O OXT . MET A 1 5 ? -1.851 0.642  3.554  1.00 1.00 ? 5 MET A OXT 16 
ATOM 1160 H H   . MET A 1 5 ? -1.679 1.255  -0.095 1.00 1.00 ? 5 MET A H   16 
ATOM 1161 H HA  . MET A 1 5 ? -3.673 2.342  1.605  1.00 1.00 ? 5 MET A HA  16 
ATOM 1162 H HB2 . MET A 1 5 ? -2.574 -0.350 0.912  1.00 1.00 ? 5 MET A HB2 16 
ATOM 1163 H HB3 . MET A 1 5 ? -3.673 -0.245 2.289  1.00 1.00 ? 5 MET A HB3 16 
ATOM 1164 H HG2 . MET A 1 5 ? -4.780 1.335  0.193  1.00 1.00 ? 5 MET A HG2 16 
ATOM 1165 H HG3 . MET A 1 5 ? -4.322 -0.220 -0.501 1.00 1.00 ? 5 MET A HG3 16 
ATOM 1166 H HE1 . MET A 1 5 ? -4.218 -2.074 1.172  1.00 1.00 ? 5 MET A HE1 16 
ATOM 1167 H HE2 . MET A 1 5 ? -5.794 -2.858 1.088  1.00 1.00 ? 5 MET A HE2 16 
ATOM 1168 H HE3 . MET A 1 5 ? -5.213 -2.224 2.626  1.00 1.00 ? 5 MET A HE3 16 
ATOM 1169 N N   . TYR A 1 1 ? -2.153 -4.113 -2.094 1.00 1.00 ? 1 TYR A N   17 
ATOM 1170 C CA  . TYR A 1 1 ? -0.693 -3.976 -1.818 1.00 1.00 ? 1 TYR A CA  17 
ATOM 1171 C C   . TYR A 1 1 ? -0.465 -3.038 -0.630 1.00 1.00 ? 1 TYR A C   17 
ATOM 1172 O O   . TYR A 1 1 ? -1.369 -2.367 -0.172 1.00 1.00 ? 1 TYR A O   17 
ATOM 1173 C CB  . TYR A 1 1 ? -0.103 -3.376 -3.094 1.00 1.00 ? 1 TYR A CB  17 
ATOM 1174 C CG  . TYR A 1 1 ? 1.389  -3.617 -3.121 1.00 1.00 ? 1 TYR A CG  17 
ATOM 1175 C CD1 . TYR A 1 1 ? 1.890  -4.917 -2.984 1.00 1.00 ? 1 TYR A CD1 17 
ATOM 1176 C CD2 . TYR A 1 1 ? 2.268  -2.540 -3.282 1.00 1.00 ? 1 TYR A CD2 17 
ATOM 1177 C CE1 . TYR A 1 1 ? 3.271  -5.139 -3.008 1.00 1.00 ? 1 TYR A CE1 17 
ATOM 1178 C CE2 . TYR A 1 1 ? 3.649  -2.763 -3.306 1.00 1.00 ? 1 TYR A CE2 17 
ATOM 1179 C CZ  . TYR A 1 1 ? 4.152  -4.064 -3.169 1.00 1.00 ? 1 TYR A CZ  17 
ATOM 1180 O OH  . TYR A 1 1 ? 5.514  -4.283 -3.193 1.00 1.00 ? 1 TYR A OH  17 
ATOM 1181 H H1  . TYR A 1 1 ? -2.618 -4.573 -1.286 1.00 1.00 ? 1 TYR A H1  17 
ATOM 1182 H HA  . TYR A 1 1 ? -0.252 -4.941 -1.627 1.00 1.00 ? 1 TYR A HA  17 
ATOM 1183 H HB2 . TYR A 1 1 ? -0.558 -3.842 -3.955 1.00 1.00 ? 1 TYR A HB2 17 
ATOM 1184 H HB3 . TYR A 1 1 ? -0.296 -2.314 -3.116 1.00 1.00 ? 1 TYR A HB3 17 
ATOM 1185 H HD1 . TYR A 1 1 ? 1.210  -5.747 -2.859 1.00 1.00 ? 1 TYR A HD1 17 
ATOM 1186 H HD2 . TYR A 1 1 ? 1.881  -1.537 -3.387 1.00 1.00 ? 1 TYR A HD2 17 
ATOM 1187 H HE1 . TYR A 1 1 ? 3.658  -6.141 -2.903 1.00 1.00 ? 1 TYR A HE1 17 
ATOM 1188 H HE2 . TYR A 1 1 ? 4.329  -1.932 -3.431 1.00 1.00 ? 1 TYR A HE2 17 
ATOM 1189 H HH  . TYR A 1 1 ? 5.802  -4.266 -4.108 1.00 1.00 ? 1 TYR A HH  17 
ATOM 1190 N N   . GLY A 1 2 ? 0.737  -2.985 -0.124 1.00 1.00 ? 2 GLY A N   17 
ATOM 1191 C CA  . GLY A 1 2 ? 1.022  -2.090 1.033  1.00 1.00 ? 2 GLY A CA  17 
ATOM 1192 C C   . GLY A 1 2 ? 1.933  -0.947 0.584  1.00 1.00 ? 2 GLY A C   17 
ATOM 1193 O O   . GLY A 1 2 ? 2.863  -0.574 1.272  1.00 1.00 ? 2 GLY A O   17 
ATOM 1194 H H   . GLY A 1 2 ? 1.454  -3.534 -0.506 1.00 1.00 ? 2 GLY A H   17 
ATOM 1195 H HA2 . GLY A 1 2 ? 0.095  -1.687 1.412  1.00 1.00 ? 2 GLY A HA2 17 
ATOM 1196 H HA3 . GLY A 1 2 ? 1.514  -2.653 1.812  1.00 1.00 ? 2 GLY A HA3 17 
ATOM 1197 N N   . GLY A 1 3 ? 1.674  -0.388 -0.567 1.00 1.00 ? 3 GLY A N   17 
ATOM 1198 C CA  . GLY A 1 3 ? 2.528  0.731  -1.059 1.00 1.00 ? 3 GLY A CA  17 
ATOM 1199 C C   . GLY A 1 3 ? 1.783  2.057  -0.892 1.00 1.00 ? 3 GLY A C   17 
ATOM 1200 O O   . GLY A 1 3 ? 2.384  3.111  -0.812 1.00 1.00 ? 3 GLY A O   17 
ATOM 1201 H H   . GLY A 1 3 ? 0.921  -0.703 -1.107 1.00 1.00 ? 3 GLY A H   17 
ATOM 1202 H HA2 . GLY A 1 3 ? 3.448  0.759  -0.491 1.00 1.00 ? 3 GLY A HA2 17 
ATOM 1203 H HA3 . GLY A 1 3 ? 2.755  0.579  -2.103 1.00 1.00 ? 3 GLY A HA3 17 
ATOM 1204 N N   . PHE A 1 4 ? 0.481  2.015  -0.838 1.00 1.00 ? 4 PHE A N   17 
ATOM 1205 C CA  . PHE A 1 4 ? -0.299 3.272  -0.676 1.00 1.00 ? 4 PHE A CA  17 
ATOM 1206 C C   . PHE A 1 4 ? -0.942 3.320  0.712  1.00 1.00 ? 4 PHE A C   17 
ATOM 1207 O O   . PHE A 1 4 ? -0.969 4.347  1.361  1.00 1.00 ? 4 PHE A O   17 
ATOM 1208 C CB  . PHE A 1 4 ? -1.370 3.222  -1.767 1.00 1.00 ? 4 PHE A CB  17 
ATOM 1209 C CG  . PHE A 1 4 ? -2.091 1.898  -1.705 1.00 1.00 ? 4 PHE A CG  17 
ATOM 1210 C CD1 . PHE A 1 4 ? -3.194 1.739  -0.858 1.00 1.00 ? 4 PHE A CD1 17 
ATOM 1211 C CD2 . PHE A 1 4 ? -1.656 0.827  -2.496 1.00 1.00 ? 4 PHE A CD2 17 
ATOM 1212 C CE1 . PHE A 1 4 ? -3.861 0.510  -0.798 1.00 1.00 ? 4 PHE A CE1 17 
ATOM 1213 C CE2 . PHE A 1 4 ? -2.324 -0.402 -2.438 1.00 1.00 ? 4 PHE A CE2 17 
ATOM 1214 C CZ  . PHE A 1 4 ? -3.425 -0.560 -1.590 1.00 1.00 ? 4 PHE A CZ  17 
ATOM 1215 H H   . PHE A 1 4 ? 0.016  1.159  -0.903 1.00 1.00 ? 4 PHE A H   17 
ATOM 1216 H HA  . PHE A 1 4 ? 0.337  4.125  -0.825 1.00 1.00 ? 4 PHE A HA  17 
ATOM 1217 H HB2 . PHE A 1 4 ? -2.076 4.025  -1.613 1.00 1.00 ? 4 PHE A HB2 17 
ATOM 1218 H HB3 . PHE A 1 4 ? -0.904 3.332  -2.735 1.00 1.00 ? 4 PHE A HB3 17 
ATOM 1219 H HD1 . PHE A 1 4 ? -3.529 2.566  -0.248 1.00 1.00 ? 4 PHE A HD1 17 
ATOM 1220 H HD2 . PHE A 1 4 ? -0.806 0.949  -3.150 1.00 1.00 ? 4 PHE A HD2 17 
ATOM 1221 H HE1 . PHE A 1 4 ? -4.711 0.388  -0.146 1.00 1.00 ? 4 PHE A HE1 17 
ATOM 1222 H HE2 . PHE A 1 4 ? -1.988 -1.229 -3.047 1.00 1.00 ? 4 PHE A HE2 17 
ATOM 1223 H HZ  . PHE A 1 4 ? -3.939 -1.509 -1.544 1.00 1.00 ? 4 PHE A HZ  17 
ATOM 1224 N N   . MET A 1 5 ? -1.461 2.214  1.173  1.00 1.00 ? 5 MET A N   17 
ATOM 1225 C CA  . MET A 1 5 ? -2.100 2.194  2.517  1.00 1.00 ? 5 MET A CA  17 
ATOM 1226 C C   . MET A 1 5 ? -1.034 2.272  3.612  1.00 1.00 ? 5 MET A C   17 
ATOM 1227 O O   . MET A 1 5 ? 0.130  2.407  3.271  1.00 1.00 ? 5 MET A O   17 
ATOM 1228 C CB  . MET A 1 5 ? -2.840 0.858  2.581  1.00 1.00 ? 5 MET A CB  17 
ATOM 1229 C CG  . MET A 1 5 ? -1.856 -0.284 2.325  1.00 1.00 ? 5 MET A CG  17 
ATOM 1230 S SD  . MET A 1 5 ? -1.581 -1.200 3.860  1.00 1.00 ? 5 MET A SD  17 
ATOM 1231 C CE  . MET A 1 5 ? 0.211  -0.958 3.950  1.00 1.00 ? 5 MET A CE  17 
ATOM 1232 O OXT . MET A 1 5 ? -1.399 2.196  4.774  1.00 1.00 ? 5 MET A OXT 17 
ATOM 1233 H H   . MET A 1 5 ? -1.430 1.399  0.638  1.00 1.00 ? 5 MET A H   17 
ATOM 1234 H HA  . MET A 1 5 ? -2.799 3.006  2.607  1.00 1.00 ? 5 MET A HA  17 
ATOM 1235 H HB2 . MET A 1 5 ? -3.284 0.740  3.560  1.00 1.00 ? 5 MET A HB2 17 
ATOM 1236 H HB3 . MET A 1 5 ? -3.615 0.839  1.829  1.00 1.00 ? 5 MET A HB3 17 
ATOM 1237 H HG2 . MET A 1 5 ? -2.262 -0.949 1.577  1.00 1.00 ? 5 MET A HG2 17 
ATOM 1238 H HG3 . MET A 1 5 ? -0.917 0.122  1.974  1.00 1.00 ? 5 MET A HG3 17 
ATOM 1239 H HE1 . MET A 1 5 ? 0.489  -0.106 3.345  1.00 1.00 ? 5 MET A HE1 17 
ATOM 1240 H HE2 . MET A 1 5 ? 0.714  -1.837 3.580  1.00 1.00 ? 5 MET A HE2 17 
ATOM 1241 H HE3 . MET A 1 5 ? 0.499  -0.786 4.978  1.00 1.00 ? 5 MET A HE3 17 
ATOM 1242 N N   . TYR A 1 1 ? -1.974 -4.310 -2.172 1.00 1.00 ? 1 TYR A N   18 
ATOM 1243 C CA  . TYR A 1 1 ? -0.543 -4.121 -1.796 1.00 1.00 ? 1 TYR A CA  18 
ATOM 1244 C C   . TYR A 1 1 ? -0.432 -3.160 -0.609 1.00 1.00 ? 1 TYR A C   18 
ATOM 1245 O O   . TYR A 1 1 ? -1.416 -2.634 -0.129 1.00 1.00 ? 1 TYR A O   18 
ATOM 1246 C CB  . TYR A 1 1 ? 0.116  -3.521 -3.037 1.00 1.00 ? 1 TYR A CB  18 
ATOM 1247 C CG  . TYR A 1 1 ? 1.612  -3.714 -2.958 1.00 1.00 ? 1 TYR A CG  18 
ATOM 1248 C CD1 . TYR A 1 1 ? 2.156  -5.001 -3.030 1.00 1.00 ? 1 TYR A CD1 18 
ATOM 1249 C CD2 . TYR A 1 1 ? 2.453  -2.602 -2.812 1.00 1.00 ? 1 TYR A CD2 18 
ATOM 1250 C CE1 . TYR A 1 1 ? 3.544  -5.178 -2.957 1.00 1.00 ? 1 TYR A CE1 18 
ATOM 1251 C CE2 . TYR A 1 1 ? 3.841  -2.781 -2.740 1.00 1.00 ? 1 TYR A CE2 18 
ATOM 1252 C CZ  . TYR A 1 1 ? 4.384  -4.069 -2.812 1.00 1.00 ? 1 TYR A CZ  18 
ATOM 1253 O OH  . TYR A 1 1 ? 5.752  -4.244 -2.743 1.00 1.00 ? 1 TYR A OH  18 
ATOM 1254 H H1  . TYR A 1 1 ? -2.462 -4.845 -1.426 1.00 1.00 ? 1 TYR A H1  18 
ATOM 1255 H HA  . TYR A 1 1 ? -0.088 -5.070 -1.558 1.00 1.00 ? 1 TYR A HA  18 
ATOM 1256 H HB2 . TYR A 1 1 ? -0.264 -4.013 -3.920 1.00 1.00 ? 1 TYR A HB2 18 
ATOM 1257 H HB3 . TYR A 1 1 ? -0.107 -2.466 -3.089 1.00 1.00 ? 1 TYR A HB3 18 
ATOM 1258 H HD1 . TYR A 1 1 ? 1.508  -5.856 -3.142 1.00 1.00 ? 1 TYR A HD1 18 
ATOM 1259 H HD2 . TYR A 1 1 ? 2.033  -1.610 -2.755 1.00 1.00 ? 1 TYR A HD2 18 
ATOM 1260 H HE1 . TYR A 1 1 ? 3.964  -6.172 -3.014 1.00 1.00 ? 1 TYR A HE1 18 
ATOM 1261 H HE2 . TYR A 1 1 ? 4.489  -1.925 -2.628 1.00 1.00 ? 1 TYR A HE2 18 
ATOM 1262 H HH  . TYR A 1 1 ? 6.170  -3.408 -2.965 1.00 1.00 ? 1 TYR A HH  18 
ATOM 1263 N N   . GLY A 1 2 ? 0.761  -2.928 -0.132 1.00 1.00 ? 2 GLY A N   18 
ATOM 1264 C CA  . GLY A 1 2 ? 0.937  -2.004 1.022  1.00 1.00 ? 2 GLY A CA  18 
ATOM 1265 C C   . GLY A 1 2 ? 1.834  -0.837 0.608  1.00 1.00 ? 2 GLY A C   18 
ATOM 1266 O O   . GLY A 1 2 ? 2.610  -0.329 1.394  1.00 1.00 ? 2 GLY A O   18 
ATOM 1267 H H   . GLY A 1 2 ? 1.541  -3.364 -0.533 1.00 1.00 ? 2 GLY A H   18 
ATOM 1268 H HA2 . GLY A 1 2 ? -0.028 -1.628 1.332  1.00 1.00 ? 2 GLY A HA2 18 
ATOM 1269 H HA3 . GLY A 1 2 ? 1.398  -2.535 1.841  1.00 1.00 ? 2 GLY A HA3 18 
ATOM 1270 N N   . GLY A 1 3 ? 1.737  -0.408 -0.620 1.00 1.00 ? 3 GLY A N   18 
ATOM 1271 C CA  . GLY A 1 3 ? 2.585  0.728  -1.083 1.00 1.00 ? 3 GLY A CA  18 
ATOM 1272 C C   . GLY A 1 3 ? 1.798  2.034  -0.976 1.00 1.00 ? 3 GLY A C   18 
ATOM 1273 O O   . GLY A 1 3 ? 2.347  3.111  -1.092 1.00 1.00 ? 3 GLY A O   18 
ATOM 1274 H H   . GLY A 1 3 ? 1.104  -0.831 -1.238 1.00 1.00 ? 3 GLY A H   18 
ATOM 1275 H HA2 . GLY A 1 3 ? 3.471  0.786  -0.468 1.00 1.00 ? 3 GLY A HA2 18 
ATOM 1276 H HA3 . GLY A 1 3 ? 2.871  0.566  -2.112 1.00 1.00 ? 3 GLY A HA3 18 
ATOM 1277 N N   . PHE A 1 4 ? 0.514  1.947  -0.755 1.00 1.00 ? 4 PHE A N   18 
ATOM 1278 C CA  . PHE A 1 4 ? -0.307 3.183  -0.641 1.00 1.00 ? 4 PHE A CA  18 
ATOM 1279 C C   . PHE A 1 4 ? -0.939 3.271  0.751  1.00 1.00 ? 4 PHE A C   18 
ATOM 1280 O O   . PHE A 1 4 ? -0.961 4.317  1.368  1.00 1.00 ? 4 PHE A O   18 
ATOM 1281 C CB  . PHE A 1 4 ? -1.386 3.046  -1.717 1.00 1.00 ? 4 PHE A CB  18 
ATOM 1282 C CG  . PHE A 1 4 ? -2.030 1.685  -1.616 1.00 1.00 ? 4 PHE A CG  18 
ATOM 1283 C CD1 . PHE A 1 4 ? -1.492 0.602  -2.320 1.00 1.00 ? 4 PHE A CD1 18 
ATOM 1284 C CD2 . PHE A 1 4 ? -3.168 1.507  -0.821 1.00 1.00 ? 4 PHE A CD2 18 
ATOM 1285 C CE1 . PHE A 1 4 ? -2.091 -0.661 -2.227 1.00 1.00 ? 4 PHE A CE1 18 
ATOM 1286 C CE2 . PHE A 1 4 ? -3.767 0.244  -0.728 1.00 1.00 ? 4 PHE A CE2 18 
ATOM 1287 C CZ  . PHE A 1 4 ? -3.227 -0.840 -1.431 1.00 1.00 ? 4 PHE A CZ  18 
ATOM 1288 H H   . PHE A 1 4 ? 0.092  1.072  -0.664 1.00 1.00 ? 4 PHE A H   18 
ATOM 1289 H HA  . PHE A 1 4 ? 0.298  4.049  -0.834 1.00 1.00 ? 4 PHE A HA  18 
ATOM 1290 H HB2 . PHE A 1 4 ? -2.135 3.811  -1.574 1.00 1.00 ? 4 PHE A HB2 18 
ATOM 1291 H HB3 . PHE A 1 4 ? -0.936 3.159  -2.692 1.00 1.00 ? 4 PHE A HB3 18 
ATOM 1292 H HD1 . PHE A 1 4 ? -0.614 0.738  -2.934 1.00 1.00 ? 4 PHE A HD1 18 
ATOM 1293 H HD2 . PHE A 1 4 ? -3.585 2.341  -0.279 1.00 1.00 ? 4 PHE A HD2 18 
ATOM 1294 H HE1 . PHE A 1 4 ? -1.674 -1.497 -2.769 1.00 1.00 ? 4 PHE A HE1 18 
ATOM 1295 H HE2 . PHE A 1 4 ? -4.645 0.106  -0.113 1.00 1.00 ? 4 PHE A HE2 18 
ATOM 1296 H HZ  . PHE A 1 4 ? -3.689 -1.813 -1.359 1.00 1.00 ? 4 PHE A HZ  18 
ATOM 1297 N N   . MET A 1 5 ? -1.457 2.181  1.248  1.00 1.00 ? 5 MET A N   18 
ATOM 1298 C CA  . MET A 1 5 ? -2.088 2.202  2.595  1.00 1.00 ? 5 MET A CA  18 
ATOM 1299 C C   . MET A 1 5 ? -1.016 2.343  3.680  1.00 1.00 ? 5 MET A C   18 
ATOM 1300 O O   . MET A 1 5 ? -1.204 1.781  4.746  1.00 1.00 ? 5 MET A O   18 
ATOM 1301 C CB  . MET A 1 5 ? -2.804 0.858  2.717  1.00 1.00 ? 5 MET A CB  18 
ATOM 1302 C CG  . MET A 1 5 ? -1.826 -0.274 2.391  1.00 1.00 ? 5 MET A CG  18 
ATOM 1303 S SD  . MET A 1 5 ? -1.683 -1.377 3.818  1.00 1.00 ? 5 MET A SD  18 
ATOM 1304 C CE  . MET A 1 5 ? -2.637 -2.756 3.137  1.00 1.00 ? 5 MET A CE  18 
ATOM 1305 O OXT . MET A 1 5 ? -0.027 3.010  3.425  1.00 1.00 ? 5 MET A OXT 18 
ATOM 1306 H H   . MET A 1 5 ? -1.432 1.350  0.736  1.00 1.00 ? 5 MET A H   18 
ATOM 1307 H HA  . MET A 1 5 ? -2.800 3.006  2.659  1.00 1.00 ? 5 MET A HA  18 
ATOM 1308 H HB2 . MET A 1 5 ? -3.172 0.737  3.726  1.00 1.00 ? 5 MET A HB2 18 
ATOM 1309 H HB3 . MET A 1 5 ? -3.632 0.826  2.026  1.00 1.00 ? 5 MET A HB3 18 
ATOM 1310 H HG2 . MET A 1 5 ? -2.191 -0.830 1.540  1.00 1.00 ? 5 MET A HG2 18 
ATOM 1311 H HG3 . MET A 1 5 ? -0.859 0.143  2.159  1.00 1.00 ? 5 MET A HG3 18 
ATOM 1312 H HE1 . MET A 1 5 ? -3.104 -2.446 2.212  1.00 1.00 ? 5 MET A HE1 18 
ATOM 1313 H HE2 . MET A 1 5 ? -3.398 -3.049 3.840  1.00 1.00 ? 5 MET A HE2 18 
ATOM 1314 H HE3 . MET A 1 5 ? -1.978 -3.592 2.952  1.00 1.00 ? 5 MET A HE3 18 
ATOM 1315 N N   . TYR A 1 1 ? -2.004 -4.077 -2.258 1.00 1.00 ? 1 TYR A N   19 
ATOM 1316 C CA  . TYR A 1 1 ? -0.573 -3.976 -1.850 1.00 1.00 ? 1 TYR A CA  19 
ATOM 1317 C C   . TYR A 1 1 ? -0.425 -3.006 -0.676 1.00 1.00 ? 1 TYR A C   19 
ATOM 1318 O O   . TYR A 1 1 ? -1.360 -2.334 -0.289 1.00 1.00 ? 1 TYR A O   19 
ATOM 1319 C CB  . TYR A 1 1 ? 0.153  -3.438 -3.083 1.00 1.00 ? 1 TYR A CB  19 
ATOM 1320 C CG  . TYR A 1 1 ? 1.634  -3.697 -2.949 1.00 1.00 ? 1 TYR A CG  19 
ATOM 1321 C CD1 . TYR A 1 1 ? 2.099  -4.994 -2.702 1.00 1.00 ? 1 TYR A CD1 19 
ATOM 1322 C CD2 . TYR A 1 1 ? 2.544  -2.639 -3.072 1.00 1.00 ? 1 TYR A CD2 19 
ATOM 1323 C CE1 . TYR A 1 1 ? 3.473  -5.234 -2.577 1.00 1.00 ? 1 TYR A CE1 19 
ATOM 1324 C CE2 . TYR A 1 1 ? 3.918  -2.879 -2.949 1.00 1.00 ? 1 TYR A CE2 19 
ATOM 1325 C CZ  . TYR A 1 1 ? 4.381  -4.177 -2.700 1.00 1.00 ? 1 TYR A CZ  19 
ATOM 1326 O OH  . TYR A 1 1 ? 5.736  -4.414 -2.577 1.00 1.00 ? 1 TYR A OH  19 
ATOM 1327 H H1  . TYR A 1 1 ? -2.274 -3.226 -2.792 1.00 1.00 ? 1 TYR A H1  19 
ATOM 1328 H HA  . TYR A 1 1 ? -0.185 -4.948 -1.589 1.00 1.00 ? 1 TYR A HA  19 
ATOM 1329 H HB2 . TYR A 1 1 ? -0.222 -3.934 -3.967 1.00 1.00 ? 1 TYR A HB2 19 
ATOM 1330 H HB3 . TYR A 1 1 ? -0.019 -2.375 -3.168 1.00 1.00 ? 1 TYR A HB3 19 
ATOM 1331 H HD1 . TYR A 1 1 ? 1.398  -5.809 -2.607 1.00 1.00 ? 1 TYR A HD1 19 
ATOM 1332 H HD2 . TYR A 1 1 ? 2.186  -1.639 -3.264 1.00 1.00 ? 1 TYR A HD2 19 
ATOM 1333 H HE1 . TYR A 1 1 ? 3.831  -6.236 -2.386 1.00 1.00 ? 1 TYR A HE1 19 
ATOM 1334 H HE2 . TYR A 1 1 ? 4.619  -2.063 -3.043 1.00 1.00 ? 1 TYR A HE2 19 
ATOM 1335 H HH  . TYR A 1 1 ? 5.869  -4.988 -1.819 1.00 1.00 ? 1 TYR A HH  19 
ATOM 1336 N N   . GLY A 1 2 ? 0.746  -2.925 -0.106 1.00 1.00 ? 2 GLY A N   19 
ATOM 1337 C CA  . GLY A 1 2 ? 0.954  -1.997 1.041  1.00 1.00 ? 2 GLY A CA  19 
ATOM 1338 C C   . GLY A 1 2 ? 1.845  -0.835 0.599  1.00 1.00 ? 2 GLY A C   19 
ATOM 1339 O O   . GLY A 1 2 ? 2.636  -0.320 1.364  1.00 1.00 ? 2 GLY A O   19 
ATOM 1340 H H   . GLY A 1 2 ? 1.489  -3.474 -0.434 1.00 1.00 ? 2 GLY A H   19 
ATOM 1341 H HA2 . GLY A 1 2 ? -0.001 -1.616 1.372  1.00 1.00 ? 2 GLY A HA2 19 
ATOM 1342 H HA3 . GLY A 1 2 ? 1.433  -2.526 1.850  1.00 1.00 ? 2 GLY A HA3 19 
ATOM 1343 N N   . GLY A 1 3 ? 1.724  -0.418 -0.633 1.00 1.00 ? 3 GLY A N   19 
ATOM 1344 C CA  . GLY A 1 3 ? 2.563  0.711  -1.124 1.00 1.00 ? 3 GLY A CA  19 
ATOM 1345 C C   . GLY A 1 3 ? 1.819  2.031  -0.927 1.00 1.00 ? 3 GLY A C   19 
ATOM 1346 O O   . GLY A 1 3 ? 2.414  3.091  -0.889 1.00 1.00 ? 3 GLY A O   19 
ATOM 1347 H H   . GLY A 1 3 ? 1.079  -0.846 -1.235 1.00 1.00 ? 3 GLY A H   19 
ATOM 1348 H HA2 . GLY A 1 3 ? 3.492  0.733  -0.571 1.00 1.00 ? 3 GLY A HA2 19 
ATOM 1349 H HA3 . GLY A 1 3 ? 2.773  0.573  -2.174 1.00 1.00 ? 3 GLY A HA3 19 
ATOM 1350 N N   . PHE A 1 4 ? 0.521  1.981  -0.802 1.00 1.00 ? 4 PHE A N   19 
ATOM 1351 C CA  . PHE A 1 4 ? -0.259 3.234  -0.609 1.00 1.00 ? 4 PHE A CA  19 
ATOM 1352 C C   . PHE A 1 4 ? -0.993 3.202  0.735  1.00 1.00 ? 4 PHE A C   19 
ATOM 1353 O O   . PHE A 1 4 ? -1.029 4.179  1.456  1.00 1.00 ? 4 PHE A O   19 
ATOM 1354 C CB  . PHE A 1 4 ? -1.257 3.265  -1.766 1.00 1.00 ? 4 PHE A CB  19 
ATOM 1355 C CG  . PHE A 1 4 ? -1.939 1.924  -1.882 1.00 1.00 ? 4 PHE A CG  19 
ATOM 1356 C CD1 . PHE A 1 4 ? -1.376 0.919  -2.677 1.00 1.00 ? 4 PHE A CD1 19 
ATOM 1357 C CD2 . PHE A 1 4 ? -3.134 1.685  -1.194 1.00 1.00 ? 4 PHE A CD2 19 
ATOM 1358 C CE1 . PHE A 1 4 ? -2.009 -0.325 -2.785 1.00 1.00 ? 4 PHE A CE1 19 
ATOM 1359 C CE2 . PHE A 1 4 ? -3.767 0.442  -1.301 1.00 1.00 ? 4 PHE A CE2 19 
ATOM 1360 C CZ  . PHE A 1 4 ? -3.205 -0.564 -2.097 1.00 1.00 ? 4 PHE A CZ  19 
ATOM 1361 H H   . PHE A 1 4 ? 0.058  1.121  -0.836 1.00 1.00 ? 4 PHE A H   19 
ATOM 1362 H HA  . PHE A 1 4 ? 0.392  4.086  -0.661 1.00 1.00 ? 4 PHE A HA  19 
ATOM 1363 H HB2 . PHE A 1 4 ? -1.997 4.031  -1.582 1.00 1.00 ? 4 PHE A HB2 19 
ATOM 1364 H HB3 . PHE A 1 4 ? -0.735 3.484  -2.687 1.00 1.00 ? 4 PHE A HB3 19 
ATOM 1365 H HD1 . PHE A 1 4 ? -0.455 1.104  -3.208 1.00 1.00 ? 4 PHE A HD1 19 
ATOM 1366 H HD2 . PHE A 1 4 ? -3.568 2.461  -0.579 1.00 1.00 ? 4 PHE A HD2 19 
ATOM 1367 H HE1 . PHE A 1 4 ? -1.576 -1.102 -3.399 1.00 1.00 ? 4 PHE A HE1 19 
ATOM 1368 H HE2 . PHE A 1 4 ? -4.689 0.257  -0.769 1.00 1.00 ? 4 PHE A HE2 19 
ATOM 1369 H HZ  . PHE A 1 4 ? -3.694 -1.524 -2.179 1.00 1.00 ? 4 PHE A HZ  19 
ATOM 1370 N N   . MET A 1 5 ? -1.580 2.088  1.076  1.00 1.00 ? 5 MET A N   19 
ATOM 1371 C CA  . MET A 1 5 ? -2.312 1.996  2.368  1.00 1.00 ? 5 MET A CA  19 
ATOM 1372 C C   . MET A 1 5 ? -1.323 1.927  3.535  1.00 1.00 ? 5 MET A C   19 
ATOM 1373 O O   . MET A 1 5 ? -1.618 2.500  4.570  1.00 1.00 ? 5 MET A O   19 
ATOM 1374 C CB  . MET A 1 5 ? -3.123 0.704  2.275  1.00 1.00 ? 5 MET A CB  19 
ATOM 1375 C CG  . MET A 1 5 ? -2.174 -0.494 2.202  1.00 1.00 ? 5 MET A CG  19 
ATOM 1376 S SD  . MET A 1 5 ? -1.995 -1.225 3.848  1.00 1.00 ? 5 MET A SD  19 
ATOM 1377 C CE  . MET A 1 5 ? -2.244 -2.949 3.363  1.00 1.00 ? 5 MET A CE  19 
ATOM 1378 O OXT . MET A 1 5 ? -0.288 1.301  3.372  1.00 1.00 ? 5 MET A OXT 19 
ATOM 1379 H H   . MET A 1 5 ? -1.543 1.314  0.483  1.00 1.00 ? 5 MET A H   19 
ATOM 1380 H HA  . MET A 1 5 ? -2.972 2.837  2.482  1.00 1.00 ? 5 MET A HA  19 
ATOM 1381 H HB2 . MET A 1 5 ? -3.753 0.611  3.148  1.00 1.00 ? 5 MET A HB2 19 
ATOM 1382 H HB3 . MET A 1 5 ? -3.739 0.729  1.388  1.00 1.00 ? 5 MET A HB3 19 
ATOM 1383 H HG2 . MET A 1 5 ? -2.578 -1.232 1.523  1.00 1.00 ? 5 MET A HG2 19 
ATOM 1384 H HG3 . MET A 1 5 ? -1.209 -0.168 1.845  1.00 1.00 ? 5 MET A HG3 19 
ATOM 1385 H HE1 . MET A 1 5 ? -3.303 -3.148 3.270  1.00 1.00 ? 5 MET A HE1 19 
ATOM 1386 H HE2 . MET A 1 5 ? -1.824 -3.600 4.112  1.00 1.00 ? 5 MET A HE2 19 
ATOM 1387 H HE3 . MET A 1 5 ? -1.754 -3.130 2.416  1.00 1.00 ? 5 MET A HE3 19 
ATOM 1388 N N   . TYR A 1 1 ? -2.589 -4.132 -1.419 1.00 1.00 ? 1 TYR A N   20 
ATOM 1389 C CA  . TYR A 1 1 ? -1.127 -3.859 -1.524 1.00 1.00 ? 1 TYR A CA  20 
ATOM 1390 C C   . TYR A 1 1 ? -0.647 -3.065 -0.308 1.00 1.00 ? 1 TYR A C   20 
ATOM 1391 O O   . TYR A 1 1 ? -1.435 -2.544 0.455  1.00 1.00 ? 1 TYR A O   20 
ATOM 1392 C CB  . TYR A 1 1 ? -0.968 -3.030 -2.800 1.00 1.00 ? 1 TYR A CB  20 
ATOM 1393 C CG  . TYR A 1 1 ? 0.390  -3.292 -3.405 1.00 1.00 ? 1 TYR A CG  20 
ATOM 1394 C CD1 . TYR A 1 1 ? 0.862  -4.604 -3.525 1.00 1.00 ? 1 TYR A CD1 20 
ATOM 1395 C CD2 . TYR A 1 1 ? 1.178  -2.221 -3.847 1.00 1.00 ? 1 TYR A CD2 20 
ATOM 1396 C CE1 . TYR A 1 1 ? 2.121  -4.845 -4.087 1.00 1.00 ? 1 TYR A CE1 20 
ATOM 1397 C CE2 . TYR A 1 1 ? 2.436  -2.463 -4.407 1.00 1.00 ? 1 TYR A CE2 20 
ATOM 1398 C CZ  . TYR A 1 1 ? 2.909  -3.776 -4.529 1.00 1.00 ? 1 TYR A CZ  20 
ATOM 1399 O OH  . TYR A 1 1 ? 4.149  -4.014 -5.081 1.00 1.00 ? 1 TYR A OH  20 
ATOM 1400 H H1  . TYR A 1 1 ? -2.813 -4.459 -0.459 1.00 1.00 ? 1 TYR A H1  20 
ATOM 1401 H HA  . TYR A 1 1 ? -0.577 -4.782 -1.615 1.00 1.00 ? 1 TYR A HA  20 
ATOM 1402 H HB2 . TYR A 1 1 ? -1.738 -3.305 -3.506 1.00 1.00 ? 1 TYR A HB2 20 
ATOM 1403 H HB3 . TYR A 1 1 ? -1.058 -1.980 -2.560 1.00 1.00 ? 1 TYR A HB3 20 
ATOM 1404 H HD1 . TYR A 1 1 ? 0.255  -5.429 -3.184 1.00 1.00 ? 1 TYR A HD1 20 
ATOM 1405 H HD2 . TYR A 1 1 ? 0.813  -1.208 -3.754 1.00 1.00 ? 1 TYR A HD2 20 
ATOM 1406 H HE1 . TYR A 1 1 ? 2.485  -5.859 -4.178 1.00 1.00 ? 1 TYR A HE1 20 
ATOM 1407 H HE2 . TYR A 1 1 ? 3.044  -1.638 -4.749 1.00 1.00 ? 1 TYR A HE2 20 
ATOM 1408 H HH  . TYR A 1 1 ? 4.235  -4.961 -5.221 1.00 1.00 ? 1 TYR A HH  20 
ATOM 1409 N N   . GLY A 1 2 ? 0.642  -2.969 -0.122 1.00 1.00 ? 2 GLY A N   20 
ATOM 1410 C CA  . GLY A 1 2 ? 1.171  -2.209 1.043  1.00 1.00 ? 2 GLY A CA  20 
ATOM 1411 C C   . GLY A 1 2 ? 2.057  -1.066 0.546  1.00 1.00 ? 2 GLY A C   20 
ATOM 1412 O O   . GLY A 1 2 ? 3.109  -0.801 1.091  1.00 1.00 ? 2 GLY A O   20 
ATOM 1413 H H   . GLY A 1 2 ? 1.259  -3.396 -0.749 1.00 1.00 ? 2 GLY A H   20 
ATOM 1414 H HA2 . GLY A 1 2 ? 0.347  -1.806 1.614  1.00 1.00 ? 2 GLY A HA2 20 
ATOM 1415 H HA3 . GLY A 1 2 ? 1.756  -2.866 1.668  1.00 1.00 ? 2 GLY A HA3 20 
ATOM 1416 N N   . GLY A 1 3 ? 1.641  -0.387 -0.488 1.00 1.00 ? 3 GLY A N   20 
ATOM 1417 C CA  . GLY A 1 3 ? 2.462  0.738  -1.020 1.00 1.00 ? 3 GLY A CA  20 
ATOM 1418 C C   . GLY A 1 3 ? 1.743  2.064  -0.771 1.00 1.00 ? 3 GLY A C   20 
ATOM 1419 O O   . GLY A 1 3 ? 2.352  3.053  -0.417 1.00 1.00 ? 3 GLY A O   20 
ATOM 1420 H H   . GLY A 1 3 ? 0.790  -0.616 -0.915 1.00 1.00 ? 3 GLY A H   20 
ATOM 1421 H HA2 . GLY A 1 3 ? 3.420  0.748  -0.522 1.00 1.00 ? 3 GLY A HA2 20 
ATOM 1422 H HA3 . GLY A 1 3 ? 2.607  0.605  -2.081 1.00 1.00 ? 3 GLY A HA3 20 
ATOM 1423 N N   . PHE A 1 4 ? 0.450  2.094  -0.953 1.00 1.00 ? 4 PHE A N   20 
ATOM 1424 C CA  . PHE A 1 4 ? -0.300 3.361  -0.726 1.00 1.00 ? 4 PHE A CA  20 
ATOM 1425 C C   . PHE A 1 4 ? -0.944 3.359  0.664  1.00 1.00 ? 4 PHE A C   20 
ATOM 1426 O O   . PHE A 1 4 ? -1.007 4.373  1.330  1.00 1.00 ? 4 PHE A O   20 
ATOM 1427 C CB  . PHE A 1 4 ? -1.375 3.393  -1.817 1.00 1.00 ? 4 PHE A CB  20 
ATOM 1428 C CG  . PHE A 1 4 ? -2.129 2.086  -1.824 1.00 1.00 ? 4 PHE A CG  20 
ATOM 1429 C CD1 . PHE A 1 4 ? -3.151 1.862  -0.895 1.00 1.00 ? 4 PHE A CD1 20 
ATOM 1430 C CD2 . PHE A 1 4 ? -1.803 1.096  -2.759 1.00 1.00 ? 4 PHE A CD2 20 
ATOM 1431 C CE1 . PHE A 1 4 ? -3.848 0.648  -0.901 1.00 1.00 ? 4 PHE A CE1 20 
ATOM 1432 C CE2 . PHE A 1 4 ? -2.499 -0.117 -2.764 1.00 1.00 ? 4 PHE A CE2 20 
ATOM 1433 C CZ  . PHE A 1 4 ? -3.522 -0.341 -1.836 1.00 1.00 ? 4 PHE A CZ  20 
ATOM 1434 H H   . PHE A 1 4 ? -0.023 1.289  -1.238 1.00 1.00 ? 4 PHE A H   20 
ATOM 1435 H HA  . PHE A 1 4 ? 0.356  4.205  -0.834 1.00 1.00 ? 4 PHE A HA  20 
ATOM 1436 H HB2 . PHE A 1 4 ? -2.062 4.204  -1.621 1.00 1.00 ? 4 PHE A HB2 20 
ATOM 1437 H HB3 . PHE A 1 4 ? -0.906 3.542  -2.778 1.00 1.00 ? 4 PHE A HB3 20 
ATOM 1438 H HD1 . PHE A 1 4 ? -3.403 2.626  -0.174 1.00 1.00 ? 4 PHE A HD1 20 
ATOM 1439 H HD2 . PHE A 1 4 ? -1.013 1.269  -3.476 1.00 1.00 ? 4 PHE A HD2 20 
ATOM 1440 H HE1 . PHE A 1 4 ? -4.638 0.475  -0.184 1.00 1.00 ? 4 PHE A HE1 20 
ATOM 1441 H HE2 . PHE A 1 4 ? -2.248 -0.880 -3.486 1.00 1.00 ? 4 PHE A HE2 20 
ATOM 1442 H HZ  . PHE A 1 4 ? -4.058 -1.278 -1.840 1.00 1.00 ? 4 PHE A HZ  20 
ATOM 1443 N N   . MET A 1 5 ? -1.425 2.228  1.107  1.00 1.00 ? 5 MET A N   20 
ATOM 1444 C CA  . MET A 1 5 ? -2.063 2.167  2.448  1.00 1.00 ? 5 MET A CA  20 
ATOM 1445 C C   . MET A 1 5 ? -0.995 2.158  3.545  1.00 1.00 ? 5 MET A C   20 
ATOM 1446 O O   . MET A 1 5 ? -1.278 1.647  4.616  1.00 1.00 ? 5 MET A O   20 
ATOM 1447 C CB  . MET A 1 5 ? -2.852 0.859  2.455  1.00 1.00 ? 5 MET A CB  20 
ATOM 1448 C CG  . MET A 1 5 ? -1.933 -0.297 2.052  1.00 1.00 ? 5 MET A CG  20 
ATOM 1449 S SD  . MET A 1 5 ? -1.829 -1.485 3.414  1.00 1.00 ? 5 MET A SD  20 
ATOM 1450 C CE  . MET A 1 5 ? -3.560 -2.013 3.385  1.00 1.00 ? 5 MET A CE  20 
ATOM 1451 O OXT . MET A 1 5 ? 0.088  2.660  3.295  1.00 1.00 ? 5 MET A OXT 20 
ATOM 1452 H H   . MET A 1 5 ? -1.369 1.424  0.558  1.00 1.00 ? 5 MET A H   20 
ATOM 1453 H HA  . MET A 1 5 ? -2.731 2.999  2.579  1.00 1.00 ? 5 MET A HA  20 
ATOM 1454 H HB2 . MET A 1 5 ? -3.244 0.679  3.445  1.00 1.00 ? 5 MET A HB2 20 
ATOM 1455 H HB3 . MET A 1 5 ? -3.669 0.927  1.751  1.00 1.00 ? 5 MET A HB3 20 
ATOM 1456 H HG2 . MET A 1 5 ? -2.334 -0.786 1.177  1.00 1.00 ? 5 MET A HG2 20 
ATOM 1457 H HG3 . MET A 1 5 ? -0.948 0.087  1.833  1.00 1.00 ? 5 MET A HG3 20 
ATOM 1458 H HE1 . MET A 1 5 ? -4.153 -1.272 2.867  1.00 1.00 ? 5 MET A HE1 20 
ATOM 1459 H HE2 . MET A 1 5 ? -3.923 -2.118 4.395  1.00 1.00 ? 5 MET A HE2 20 
ATOM 1460 H HE3 . MET A 1 5 ? -3.637 -2.964 2.876  1.00 1.00 ? 5 MET A HE3 20 
# 
